data_6CXB
# 
_entry.id   6CXB 
# 
_audit_conform.dict_name       mmcif_pdbx.dic 
_audit_conform.dict_version    5.379 
_audit_conform.dict_location   http://mmcif.pdb.org/dictionaries/ascii/mmcif_pdbx.dic 
# 
loop_
_database_2.database_id 
_database_2.database_code 
_database_2.pdbx_database_accession 
_database_2.pdbx_DOI 
PDB   6CXB         pdb_00006cxb 10.2210/pdb6cxb/pdb 
WWPDB D_1000233378 ?            ?                   
# 
_pdbx_database_status.status_code                     REL 
_pdbx_database_status.status_code_sf                  REL 
_pdbx_database_status.status_code_mr                  ? 
_pdbx_database_status.entry_id                        6CXB 
_pdbx_database_status.recvd_initial_deposition_date   2018-04-02 
_pdbx_database_status.SG_entry                        N 
_pdbx_database_status.deposit_site                    RCSB 
_pdbx_database_status.process_site                    RCSB 
_pdbx_database_status.status_code_cs                  ? 
_pdbx_database_status.methods_development_category    ? 
_pdbx_database_status.pdb_format_compatible           Y 
_pdbx_database_status.status_code_nmr_data            ? 
# 
loop_
_audit_author.name 
_audit_author.pdbx_ordinal 
_audit_author.identifier_ORCID 
'Salazar, A.J.'    1 0000-0002-4614-0952 
'Sherekar, M.'     2 0000-0002-3638-9420 
'Saccettini, J.C.' 3 ?                   
# 
_citation.abstract                  ? 
_citation.abstract_id_CAS           ? 
_citation.book_id_ISBN              ? 
_citation.book_publisher            ? 
_citation.book_publisher_city       ? 
_citation.book_title                ? 
_citation.coordinate_linkage        ? 
_citation.country                   US 
_citation.database_id_Medline       ? 
_citation.details                   ? 
_citation.id                        primary 
_citation.journal_abbrev            'PLoS ONE' 
_citation.journal_id_ASTM           ? 
_citation.journal_id_CSD            ? 
_citation.journal_id_ISSN           1932-6203 
_citation.journal_full              ? 
_citation.journal_issue             ? 
_citation.journal_volume            14 
_citation.language                  ? 
_citation.page_first                e0211432 
_citation.page_last                 e0211432 
_citation.title                     'R pyocin tail fiber structure reveals a receptor-binding domain with a lectin fold.' 
_citation.year                      2019 
_citation.database_id_CSD           ? 
_citation.pdbx_database_id_DOI      10.1371/journal.pone.0211432 
_citation.pdbx_database_id_PubMed   30721244 
_citation.unpublished_flag          ? 
# 
loop_
_citation_author.citation_id 
_citation_author.name 
_citation_author.ordinal 
_citation_author.identifier_ORCID 
primary 'Salazar, A.J.'     1 0000-0002-4614-0952 
primary 'Sherekar, M.'      2 0000-0002-3638-9420 
primary 'Tsai, J.'          3 ?                   
primary 'Sacchettini, J.C.' 4 ?                   
# 
_cell.angle_alpha                  90.000 
_cell.angle_alpha_esd              ? 
_cell.angle_beta                   90.000 
_cell.angle_beta_esd               ? 
_cell.angle_gamma                  90.000 
_cell.angle_gamma_esd              ? 
_cell.entry_id                     6CXB 
_cell.details                      ? 
_cell.formula_units_Z              ? 
_cell.length_a                     102.179 
_cell.length_a_esd                 ? 
_cell.length_b                     102.179 
_cell.length_b_esd                 ? 
_cell.length_c                     102.179 
_cell.length_c_esd                 ? 
_cell.volume                       ? 
_cell.volume_esd                   ? 
_cell.Z_PDB                        24 
_cell.reciprocal_angle_alpha       ? 
_cell.reciprocal_angle_beta        ? 
_cell.reciprocal_angle_gamma       ? 
_cell.reciprocal_angle_alpha_esd   ? 
_cell.reciprocal_angle_beta_esd    ? 
_cell.reciprocal_angle_gamma_esd   ? 
_cell.reciprocal_length_a          ? 
_cell.reciprocal_length_b          ? 
_cell.reciprocal_length_c          ? 
_cell.reciprocal_length_a_esd      ? 
_cell.reciprocal_length_b_esd      ? 
_cell.reciprocal_length_c_esd      ? 
_cell.pdbx_unique_axis             ? 
# 
_symmetry.entry_id                         6CXB 
_symmetry.cell_setting                     ? 
_symmetry.Int_Tables_number                199 
_symmetry.space_group_name_Hall            ? 
_symmetry.space_group_name_H-M             'I 21 3' 
_symmetry.pdbx_full_space_group_name_H-M   ? 
# 
loop_
_entity.id 
_entity.type 
_entity.src_method 
_entity.pdbx_description 
_entity.formula_weight 
_entity.pdbx_number_of_molecules 
_entity.pdbx_ec 
_entity.pdbx_mutation 
_entity.pdbx_fragment 
_entity.details 
1 polymer     man 'R1-type pyocin tail fiber protein' 15414.208 1   ? ? ? ? 
2 non-polymer syn 'MAGNESIUM ION'                     24.305    1   ? ? ? ? 
3 non-polymer syn GLYCEROL                            92.094    1   ? ? ? ? 
4 water       nat water                               18.015    153 ? ? ? ? 
# 
_entity_poly.entity_id                      1 
_entity_poly.type                           'polypeptide(L)' 
_entity_poly.nstd_linkage                   no 
_entity_poly.nstd_monomer                   no 
_entity_poly.pdbx_seq_one_letter_code       
;MHHHHHHSSGVDLGTENLYFQSNALGANTAAGARNNIGAGVPATASRALNGWWKDNDTGLIVQWMQVNVGDHPGGIIDRT
LTFPIAFPSACLHVVPTVKEVGRPATSASTVTVADVSVSNTGCVIVSSEYYGLAQNYGIRVMAIGY
;
_entity_poly.pdbx_seq_one_letter_code_can   
;MHHHHHHSSGVDLGTENLYFQSNALGANTAAGARNNIGAGVPATASRALNGWWKDNDTGLIVQWMQVNVGDHPGGIIDRT
LTFPIAFPSACLHVVPTVKEVGRPATSASTVTVADVSVSNTGCVIVSSEYYGLAQNYGIRVMAIGY
;
_entity_poly.pdbx_strand_id                 A 
_entity_poly.pdbx_target_identifier         ? 
# 
loop_
_entity_poly_seq.entity_id 
_entity_poly_seq.num 
_entity_poly_seq.mon_id 
_entity_poly_seq.hetero 
1 1   MET n 
1 2   HIS n 
1 3   HIS n 
1 4   HIS n 
1 5   HIS n 
1 6   HIS n 
1 7   HIS n 
1 8   SER n 
1 9   SER n 
1 10  GLY n 
1 11  VAL n 
1 12  ASP n 
1 13  LEU n 
1 14  GLY n 
1 15  THR n 
1 16  GLU n 
1 17  ASN n 
1 18  LEU n 
1 19  TYR n 
1 20  PHE n 
1 21  GLN n 
1 22  SER n 
1 23  ASN n 
1 24  ALA n 
1 25  LEU n 
1 26  GLY n 
1 27  ALA n 
1 28  ASN n 
1 29  THR n 
1 30  ALA n 
1 31  ALA n 
1 32  GLY n 
1 33  ALA n 
1 34  ARG n 
1 35  ASN n 
1 36  ASN n 
1 37  ILE n 
1 38  GLY n 
1 39  ALA n 
1 40  GLY n 
1 41  VAL n 
1 42  PRO n 
1 43  ALA n 
1 44  THR n 
1 45  ALA n 
1 46  SER n 
1 47  ARG n 
1 48  ALA n 
1 49  LEU n 
1 50  ASN n 
1 51  GLY n 
1 52  TRP n 
1 53  TRP n 
1 54  LYS n 
1 55  ASP n 
1 56  ASN n 
1 57  ASP n 
1 58  THR n 
1 59  GLY n 
1 60  LEU n 
1 61  ILE n 
1 62  VAL n 
1 63  GLN n 
1 64  TRP n 
1 65  MET n 
1 66  GLN n 
1 67  VAL n 
1 68  ASN n 
1 69  VAL n 
1 70  GLY n 
1 71  ASP n 
1 72  HIS n 
1 73  PRO n 
1 74  GLY n 
1 75  GLY n 
1 76  ILE n 
1 77  ILE n 
1 78  ASP n 
1 79  ARG n 
1 80  THR n 
1 81  LEU n 
1 82  THR n 
1 83  PHE n 
1 84  PRO n 
1 85  ILE n 
1 86  ALA n 
1 87  PHE n 
1 88  PRO n 
1 89  SER n 
1 90  ALA n 
1 91  CYS n 
1 92  LEU n 
1 93  HIS n 
1 94  VAL n 
1 95  VAL n 
1 96  PRO n 
1 97  THR n 
1 98  VAL n 
1 99  LYS n 
1 100 GLU n 
1 101 VAL n 
1 102 GLY n 
1 103 ARG n 
1 104 PRO n 
1 105 ALA n 
1 106 THR n 
1 107 SER n 
1 108 ALA n 
1 109 SER n 
1 110 THR n 
1 111 VAL n 
1 112 THR n 
1 113 VAL n 
1 114 ALA n 
1 115 ASP n 
1 116 VAL n 
1 117 SER n 
1 118 VAL n 
1 119 SER n 
1 120 ASN n 
1 121 THR n 
1 122 GLY n 
1 123 CYS n 
1 124 VAL n 
1 125 ILE n 
1 126 VAL n 
1 127 SER n 
1 128 SER n 
1 129 GLU n 
1 130 TYR n 
1 131 TYR n 
1 132 GLY n 
1 133 LEU n 
1 134 ALA n 
1 135 GLN n 
1 136 ASN n 
1 137 TYR n 
1 138 GLY n 
1 139 ILE n 
1 140 ARG n 
1 141 VAL n 
1 142 MET n 
1 143 ALA n 
1 144 ILE n 
1 145 GLY n 
1 146 TYR n 
# 
_entity_src_gen.entity_id                          1 
_entity_src_gen.pdbx_src_id                        1 
_entity_src_gen.pdbx_alt_source_flag               sample 
_entity_src_gen.pdbx_seq_type                      'Biological sequence' 
_entity_src_gen.pdbx_beg_seq_num                   1 
_entity_src_gen.pdbx_end_seq_num                   146 
_entity_src_gen.gene_src_common_name               ? 
_entity_src_gen.gene_src_genus                     ? 
_entity_src_gen.pdbx_gene_src_gene                 PAMH19_0675 
_entity_src_gen.gene_src_species                   ? 
_entity_src_gen.gene_src_strain                    ? 
_entity_src_gen.gene_src_tissue                    ? 
_entity_src_gen.gene_src_tissue_fraction           ? 
_entity_src_gen.gene_src_details                   'A gift from the lab of Dr. Roger C. Levesque' 
_entity_src_gen.pdbx_gene_src_fragment             ? 
_entity_src_gen.pdbx_gene_src_scientific_name      'Pseudomonas aeruginosa LESB58' 
_entity_src_gen.pdbx_gene_src_ncbi_taxonomy_id     557722 
_entity_src_gen.pdbx_gene_src_variant              ? 
_entity_src_gen.pdbx_gene_src_cell_line            ? 
_entity_src_gen.pdbx_gene_src_atcc                 ? 
_entity_src_gen.pdbx_gene_src_organ                ? 
_entity_src_gen.pdbx_gene_src_organelle            ? 
_entity_src_gen.pdbx_gene_src_cell                 ? 
_entity_src_gen.pdbx_gene_src_cellular_location    ? 
_entity_src_gen.host_org_common_name               ? 
_entity_src_gen.pdbx_host_org_scientific_name      'Escherichia coli BL21(DE3)' 
_entity_src_gen.pdbx_host_org_ncbi_taxonomy_id     469008 
_entity_src_gen.host_org_genus                     ? 
_entity_src_gen.pdbx_host_org_gene                 ? 
_entity_src_gen.pdbx_host_org_organ                ? 
_entity_src_gen.host_org_species                   ? 
_entity_src_gen.pdbx_host_org_tissue               ? 
_entity_src_gen.pdbx_host_org_tissue_fraction      ? 
_entity_src_gen.pdbx_host_org_strain               ? 
_entity_src_gen.pdbx_host_org_variant              ? 
_entity_src_gen.pdbx_host_org_cell_line            ? 
_entity_src_gen.pdbx_host_org_atcc                 ? 
_entity_src_gen.pdbx_host_org_culture_collection   ? 
_entity_src_gen.pdbx_host_org_cell                 ? 
_entity_src_gen.pdbx_host_org_organelle            ? 
_entity_src_gen.pdbx_host_org_cellular_location    ? 
_entity_src_gen.pdbx_host_org_vector_type          ? 
_entity_src_gen.pdbx_host_org_vector               ? 
_entity_src_gen.host_org_details                   'pMCSG11 with fragement of PALES_06171 (R1-NTF) clones in frame into LIC site' 
_entity_src_gen.expression_system_id               ? 
_entity_src_gen.plasmid_name                       pMCSG11 
_entity_src_gen.plasmid_details                    ? 
_entity_src_gen.pdbx_description                   ? 
# 
_struct_ref.id                         1 
_struct_ref.db_name                    UNP 
_struct_ref.db_code                    A0A0A8RA06_PSEAI 
_struct_ref.pdbx_db_accession          A0A0A8RA06 
_struct_ref.pdbx_db_isoform            ? 
_struct_ref.entity_id                  1 
_struct_ref.pdbx_seq_one_letter_code   
;LGANTAAGARNNIGAGVPATASRALNGWWKDNDTGLIVQWMQVNVGDHPGGIIDRTLTFPIAFPSACLHVVPTVKEVGRP
ATSASTVTVADVSVSNTGCVIVSSEYYGLAQNYGIRVMAIGY
;
_struct_ref.pdbx_align_begin           580 
# 
_struct_ref_seq.align_id                      1 
_struct_ref_seq.ref_id                        1 
_struct_ref_seq.pdbx_PDB_id_code              6CXB 
_struct_ref_seq.pdbx_strand_id                A 
_struct_ref_seq.seq_align_beg                 25 
_struct_ref_seq.pdbx_seq_align_beg_ins_code   ? 
_struct_ref_seq.seq_align_end                 146 
_struct_ref_seq.pdbx_seq_align_end_ins_code   ? 
_struct_ref_seq.pdbx_db_accession             A0A0A8RA06 
_struct_ref_seq.db_align_beg                  580 
_struct_ref_seq.pdbx_db_align_beg_ins_code    ? 
_struct_ref_seq.db_align_end                  701 
_struct_ref_seq.pdbx_db_align_end_ins_code    ? 
_struct_ref_seq.pdbx_auth_seq_align_beg       580 
_struct_ref_seq.pdbx_auth_seq_align_end       701 
# 
loop_
_struct_ref_seq_dif.align_id 
_struct_ref_seq_dif.pdbx_pdb_id_code 
_struct_ref_seq_dif.mon_id 
_struct_ref_seq_dif.pdbx_pdb_strand_id 
_struct_ref_seq_dif.seq_num 
_struct_ref_seq_dif.pdbx_pdb_ins_code 
_struct_ref_seq_dif.pdbx_seq_db_name 
_struct_ref_seq_dif.pdbx_seq_db_accession_code 
_struct_ref_seq_dif.db_mon_id 
_struct_ref_seq_dif.pdbx_seq_db_seq_num 
_struct_ref_seq_dif.details 
_struct_ref_seq_dif.pdbx_auth_seq_num 
_struct_ref_seq_dif.pdbx_ordinal 
1 6CXB MET A 1  ? UNP A0A0A8RA06 ? ? 'expression tag' 556 1  
1 6CXB HIS A 2  ? UNP A0A0A8RA06 ? ? 'expression tag' 557 2  
1 6CXB HIS A 3  ? UNP A0A0A8RA06 ? ? 'expression tag' 558 3  
1 6CXB HIS A 4  ? UNP A0A0A8RA06 ? ? 'expression tag' 559 4  
1 6CXB HIS A 5  ? UNP A0A0A8RA06 ? ? 'expression tag' 560 5  
1 6CXB HIS A 6  ? UNP A0A0A8RA06 ? ? 'expression tag' 561 6  
1 6CXB HIS A 7  ? UNP A0A0A8RA06 ? ? 'expression tag' 562 7  
1 6CXB SER A 8  ? UNP A0A0A8RA06 ? ? 'expression tag' 563 8  
1 6CXB SER A 9  ? UNP A0A0A8RA06 ? ? 'expression tag' 564 9  
1 6CXB GLY A 10 ? UNP A0A0A8RA06 ? ? 'expression tag' 565 10 
1 6CXB VAL A 11 ? UNP A0A0A8RA06 ? ? 'expression tag' 566 11 
1 6CXB ASP A 12 ? UNP A0A0A8RA06 ? ? 'expression tag' 567 12 
1 6CXB LEU A 13 ? UNP A0A0A8RA06 ? ? 'expression tag' 568 13 
1 6CXB GLY A 14 ? UNP A0A0A8RA06 ? ? 'expression tag' 569 14 
1 6CXB THR A 15 ? UNP A0A0A8RA06 ? ? 'expression tag' 570 15 
1 6CXB GLU A 16 ? UNP A0A0A8RA06 ? ? 'expression tag' 571 16 
1 6CXB ASN A 17 ? UNP A0A0A8RA06 ? ? 'expression tag' 572 17 
1 6CXB LEU A 18 ? UNP A0A0A8RA06 ? ? 'expression tag' 573 18 
1 6CXB TYR A 19 ? UNP A0A0A8RA06 ? ? 'expression tag' 574 19 
1 6CXB PHE A 20 ? UNP A0A0A8RA06 ? ? 'expression tag' 575 20 
1 6CXB GLN A 21 ? UNP A0A0A8RA06 ? ? 'expression tag' 576 21 
1 6CXB SER A 22 ? UNP A0A0A8RA06 ? ? 'expression tag' 577 22 
1 6CXB ASN A 23 ? UNP A0A0A8RA06 ? ? 'expression tag' 578 23 
1 6CXB ALA A 24 ? UNP A0A0A8RA06 ? ? 'expression tag' 579 24 
# 
loop_
_chem_comp.id 
_chem_comp.type 
_chem_comp.mon_nstd_flag 
_chem_comp.name 
_chem_comp.pdbx_synonyms 
_chem_comp.formula 
_chem_comp.formula_weight 
ALA 'L-peptide linking' y ALANINE         ?                               'C3 H7 N O2'     89.093  
ARG 'L-peptide linking' y ARGININE        ?                               'C6 H15 N4 O2 1' 175.209 
ASN 'L-peptide linking' y ASPARAGINE      ?                               'C4 H8 N2 O3'    132.118 
ASP 'L-peptide linking' y 'ASPARTIC ACID' ?                               'C4 H7 N O4'     133.103 
CYS 'L-peptide linking' y CYSTEINE        ?                               'C3 H7 N O2 S'   121.158 
GLN 'L-peptide linking' y GLUTAMINE       ?                               'C5 H10 N2 O3'   146.144 
GLU 'L-peptide linking' y 'GLUTAMIC ACID' ?                               'C5 H9 N O4'     147.129 
GLY 'peptide linking'   y GLYCINE         ?                               'C2 H5 N O2'     75.067  
GOL non-polymer         . GLYCEROL        'GLYCERIN; PROPANE-1,2,3-TRIOL' 'C3 H8 O3'       92.094  
HIS 'L-peptide linking' y HISTIDINE       ?                               'C6 H10 N3 O2 1' 156.162 
HOH non-polymer         . WATER           ?                               'H2 O'           18.015  
ILE 'L-peptide linking' y ISOLEUCINE      ?                               'C6 H13 N O2'    131.173 
LEU 'L-peptide linking' y LEUCINE         ?                               'C6 H13 N O2'    131.173 
LYS 'L-peptide linking' y LYSINE          ?                               'C6 H15 N2 O2 1' 147.195 
MET 'L-peptide linking' y METHIONINE      ?                               'C5 H11 N O2 S'  149.211 
MG  non-polymer         . 'MAGNESIUM ION' ?                               'Mg 2'           24.305  
PHE 'L-peptide linking' y PHENYLALANINE   ?                               'C9 H11 N O2'    165.189 
PRO 'L-peptide linking' y PROLINE         ?                               'C5 H9 N O2'     115.130 
SER 'L-peptide linking' y SERINE          ?                               'C3 H7 N O3'     105.093 
THR 'L-peptide linking' y THREONINE       ?                               'C4 H9 N O3'     119.119 
TRP 'L-peptide linking' y TRYPTOPHAN      ?                               'C11 H12 N2 O2'  204.225 
TYR 'L-peptide linking' y TYROSINE        ?                               'C9 H11 N O3'    181.189 
VAL 'L-peptide linking' y VALINE          ?                               'C5 H11 N O2'    117.146 
# 
_exptl.absorpt_coefficient_mu     ? 
_exptl.absorpt_correction_T_max   ? 
_exptl.absorpt_correction_T_min   ? 
_exptl.absorpt_correction_type    ? 
_exptl.absorpt_process_details    ? 
_exptl.entry_id                   6CXB 
_exptl.crystals_number            1 
_exptl.details                    ? 
_exptl.method                     'X-RAY DIFFRACTION' 
_exptl.method_details             ? 
# 
_exptl_crystal.colour                      ? 
_exptl_crystal.density_diffrn              ? 
_exptl_crystal.density_Matthews            2.88 
_exptl_crystal.density_method              ? 
_exptl_crystal.density_percent_sol         57.35 
_exptl_crystal.description                 'Hexagonal prisms.' 
_exptl_crystal.F_000                       ? 
_exptl_crystal.id                          1 
_exptl_crystal.preparation                 ? 
_exptl_crystal.size_max                    ? 
_exptl_crystal.size_mid                    ? 
_exptl_crystal.size_min                    ? 
_exptl_crystal.size_rad                    ? 
_exptl_crystal.colour_lustre               ? 
_exptl_crystal.colour_modifier             ? 
_exptl_crystal.colour_primary              ? 
_exptl_crystal.density_meas                ? 
_exptl_crystal.density_meas_esd            ? 
_exptl_crystal.density_meas_gt             ? 
_exptl_crystal.density_meas_lt             ? 
_exptl_crystal.density_meas_temp           ? 
_exptl_crystal.density_meas_temp_esd       ? 
_exptl_crystal.density_meas_temp_gt        ? 
_exptl_crystal.density_meas_temp_lt        ? 
_exptl_crystal.pdbx_crystal_image_url      ? 
_exptl_crystal.pdbx_crystal_image_format   ? 
_exptl_crystal.pdbx_mosaicity              ? 
_exptl_crystal.pdbx_mosaicity_esd          ? 
# 
_exptl_crystal_grow.apparatus       ? 
_exptl_crystal_grow.atmosphere      ? 
_exptl_crystal_grow.crystal_id      1 
_exptl_crystal_grow.details         ? 
_exptl_crystal_grow.method          'VAPOR DIFFUSION, HANGING DROP' 
_exptl_crystal_grow.method_ref      ? 
_exptl_crystal_grow.pH              ? 
_exptl_crystal_grow.pressure        ? 
_exptl_crystal_grow.pressure_esd    ? 
_exptl_crystal_grow.seeding         ? 
_exptl_crystal_grow.seeding_ref     ? 
_exptl_crystal_grow.temp            291 
_exptl_crystal_grow.temp_details    ? 
_exptl_crystal_grow.temp_esd        ? 
_exptl_crystal_grow.time            ? 
_exptl_crystal_grow.pdbx_details    
'Crystals were grown at a 1:1 protein (5 mg/mL) to precipitant (100mM Bicine pH 9.5, 20% PEG2k, 1mM CuSO4) ratio' 
_exptl_crystal_grow.pdbx_pH_range   ? 
# 
_diffrn.ambient_environment    ? 
_diffrn.ambient_temp           120 
_diffrn.ambient_temp_details   ? 
_diffrn.ambient_temp_esd       ? 
_diffrn.crystal_id             1 
_diffrn.crystal_support        ? 
_diffrn.crystal_treatment      ? 
_diffrn.details                ? 
_diffrn.id                     1 
_diffrn.ambient_pressure       ? 
_diffrn.ambient_pressure_esd   ? 
_diffrn.ambient_pressure_gt    ? 
_diffrn.ambient_pressure_lt    ? 
_diffrn.ambient_temp_gt        ? 
_diffrn.ambient_temp_lt        ? 
# 
_diffrn_detector.details                      ? 
_diffrn_detector.detector                     PIXEL 
_diffrn_detector.diffrn_id                    1 
_diffrn_detector.type                         'DECTRIS PILATUS3 6M' 
_diffrn_detector.area_resol_mean              ? 
_diffrn_detector.dtime                        ? 
_diffrn_detector.pdbx_frames_total            ? 
_diffrn_detector.pdbx_collection_time_total   ? 
_diffrn_detector.pdbx_collection_date         2013-12-03 
# 
_diffrn_radiation.collimation                      ? 
_diffrn_radiation.diffrn_id                        1 
_diffrn_radiation.filter_edge                      ? 
_diffrn_radiation.inhomogeneity                    ? 
_diffrn_radiation.monochromator                    ? 
_diffrn_radiation.polarisn_norm                    ? 
_diffrn_radiation.polarisn_ratio                   ? 
_diffrn_radiation.probe                            ? 
_diffrn_radiation.type                             ? 
_diffrn_radiation.xray_symbol                      ? 
_diffrn_radiation.wavelength_id                    1 
_diffrn_radiation.pdbx_monochromatic_or_laue_m_l   M 
_diffrn_radiation.pdbx_wavelength_list             ? 
_diffrn_radiation.pdbx_wavelength                  ? 
_diffrn_radiation.pdbx_diffrn_protocol             'SINGLE WAVELENGTH' 
_diffrn_radiation.pdbx_analyzer                    ? 
_diffrn_radiation.pdbx_scattering_type             x-ray 
# 
_diffrn_radiation_wavelength.id           1 
_diffrn_radiation_wavelength.wavelength   0.987 
_diffrn_radiation_wavelength.wt           1.0 
# 
_diffrn_source.current                     ? 
_diffrn_source.details                     ? 
_diffrn_source.diffrn_id                   1 
_diffrn_source.power                       ? 
_diffrn_source.size                        ? 
_diffrn_source.source                      SYNCHROTRON 
_diffrn_source.target                      ? 
_diffrn_source.type                        'ALS BEAMLINE 5.0.2' 
_diffrn_source.voltage                     ? 
_diffrn_source.take-off_angle              ? 
_diffrn_source.pdbx_wavelength_list        0.987 
_diffrn_source.pdbx_wavelength             ? 
_diffrn_source.pdbx_synchrotron_beamline   5.0.2 
_diffrn_source.pdbx_synchrotron_site       ALS 
# 
_reflns.B_iso_Wilson_estimate            ? 
_reflns.entry_id                         6CXB 
_reflns.data_reduction_details           ? 
_reflns.data_reduction_method            ? 
_reflns.d_resolution_high                1.700 
_reflns.d_resolution_low                 50.000 
_reflns.details                          ? 
_reflns.limit_h_max                      ? 
_reflns.limit_h_min                      ? 
_reflns.limit_k_max                      ? 
_reflns.limit_k_min                      ? 
_reflns.limit_l_max                      ? 
_reflns.limit_l_min                      ? 
_reflns.number_all                       ? 
_reflns.number_obs                       19654 
_reflns.observed_criterion               ? 
_reflns.observed_criterion_F_max         ? 
_reflns.observed_criterion_F_min         ? 
_reflns.observed_criterion_I_max         ? 
_reflns.observed_criterion_I_min         ? 
_reflns.observed_criterion_sigma_F       ? 
_reflns.observed_criterion_sigma_I       ? 
_reflns.percent_possible_obs             100.000 
_reflns.R_free_details                   ? 
_reflns.Rmerge_F_all                     ? 
_reflns.Rmerge_F_obs                     ? 
_reflns.Friedel_coverage                 ? 
_reflns.number_gt                        ? 
_reflns.threshold_expression             ? 
_reflns.pdbx_redundancy                  9.400 
_reflns.pdbx_Rmerge_I_obs                0.074 
_reflns.pdbx_Rmerge_I_all                ? 
_reflns.pdbx_Rsym_value                  ? 
_reflns.pdbx_netI_over_av_sigmaI         ? 
_reflns.pdbx_netI_over_sigmaI            11.800 
_reflns.pdbx_res_netI_over_av_sigmaI_2   ? 
_reflns.pdbx_res_netI_over_sigmaI_2      ? 
_reflns.pdbx_chi_squared                 0.890 
_reflns.pdbx_scaling_rejects             ? 
_reflns.pdbx_d_res_high_opt              ? 
_reflns.pdbx_d_res_low_opt               ? 
_reflns.pdbx_d_res_opt_method            ? 
_reflns.phase_calculation_details        ? 
_reflns.pdbx_Rrim_I_all                  0.077 
_reflns.pdbx_Rpim_I_all                  0.025 
_reflns.pdbx_d_opt                       ? 
_reflns.pdbx_number_measured_all         ? 
_reflns.pdbx_diffrn_id                   1 
_reflns.pdbx_ordinal                     1 
_reflns.pdbx_CC_half                     ? 
_reflns.pdbx_R_split                     ? 
# 
loop_
_reflns_shell.d_res_high 
_reflns_shell.d_res_low 
_reflns_shell.meanI_over_sigI_all 
_reflns_shell.meanI_over_sigI_obs 
_reflns_shell.number_measured_all 
_reflns_shell.number_measured_obs 
_reflns_shell.number_possible 
_reflns_shell.number_unique_all 
_reflns_shell.number_unique_obs 
_reflns_shell.percent_possible_all 
_reflns_shell.percent_possible_obs 
_reflns_shell.Rmerge_F_all 
_reflns_shell.Rmerge_F_obs 
_reflns_shell.Rmerge_I_all 
_reflns_shell.Rmerge_I_obs 
_reflns_shell.meanI_over_sigI_gt 
_reflns_shell.meanI_over_uI_all 
_reflns_shell.meanI_over_uI_gt 
_reflns_shell.number_measured_gt 
_reflns_shell.number_unique_gt 
_reflns_shell.percent_possible_gt 
_reflns_shell.Rmerge_F_gt 
_reflns_shell.Rmerge_I_gt 
_reflns_shell.pdbx_redundancy 
_reflns_shell.pdbx_Rsym_value 
_reflns_shell.pdbx_chi_squared 
_reflns_shell.pdbx_netI_over_sigmaI_all 
_reflns_shell.pdbx_netI_over_sigmaI_obs 
_reflns_shell.pdbx_Rrim_I_all 
_reflns_shell.pdbx_Rpim_I_all 
_reflns_shell.pdbx_rejects 
_reflns_shell.pdbx_ordinal 
_reflns_shell.pdbx_diffrn_id 
_reflns_shell.pdbx_CC_half 
_reflns_shell.pdbx_R_split 
1.700 1.730  ? ? ? ? ? ? 981  99.800  ? ? ? ? 0.919 ? ? ? ? ? ? ? ? 3.600  ? 0.683 ? ? ?     0.536 ? 1  1 0.520 ? 
1.730 1.760  ? ? ? ? ? ? 986  100.000 ? ? ? ? 0.720 ? ? ? ? ? ? ? ? 4.500  ? 0.573 ? ? 0.814 0.373 ? 2  1 0.687 ? 
1.760 1.790  ? ? ? ? ? ? 948  100.000 ? ? ? ? 0.557 ? ? ? ? ? ? ? ? 5.300  ? 0.598 ? ? 0.616 0.260 ? 3  1 0.866 ? 
1.790 1.830  ? ? ? ? ? ? 960  100.000 ? ? ? ? 0.537 ? ? ? ? ? ? ? ? 6.200  ? 0.624 ? ? 0.585 0.230 ? 4  1 0.882 ? 
1.830 1.870  ? ? ? ? ? ? 969  100.000 ? ? ? ? 0.461 ? ? ? ? ? ? ? ? 7.100  ? 0.674 ? ? 0.497 0.183 ? 5  1 0.924 ? 
1.870 1.910  ? ? ? ? ? ? 966  100.000 ? ? ? ? 0.477 ? ? ? ? ? ? ? ? 8.400  ? 1.030 ? ? 0.508 0.174 ? 6  1 0.926 ? 
1.910 1.960  ? ? ? ? ? ? 997  100.000 ? ? ? ? 0.382 ? ? ? ? ? ? ? ? 10.600 ? 1.043 ? ? 0.402 0.124 ? 7  1 0.966 ? 
1.960 2.020  ? ? ? ? ? ? 978  100.000 ? ? ? ? 0.234 ? ? ? ? ? ? ? ? 11.100 ? 0.780 ? ? 0.245 0.073 ? 8  1 0.987 ? 
2.020 2.070  ? ? ? ? ? ? 969  100.000 ? ? ? ? 0.235 ? ? ? ? ? ? ? ? 10.900 ? 1.152 ? ? 0.246 0.075 ? 9  1 0.987 ? 
2.070 2.140  ? ? ? ? ? ? 971  100.000 ? ? ? ? 0.158 ? ? ? ? ? ? ? ? 11.100 ? 0.881 ? ? 0.166 0.050 ? 10 1 0.993 ? 
2.140 2.220  ? ? ? ? ? ? 980  100.000 ? ? ? ? 0.130 ? ? ? ? ? ? ? ? 11.100 ? 0.796 ? ? 0.136 0.041 ? 11 1 0.994 ? 
2.220 2.310  ? ? ? ? ? ? 973  100.000 ? ? ? ? 0.158 ? ? ? ? ? ? ? ? 10.900 ? 1.279 ? ? 0.166 0.051 ? 12 1 0.989 ? 
2.310 2.410  ? ? ? ? ? ? 992  100.000 ? ? ? ? 0.100 ? ? ? ? ? ? ? ? 11.100 ? 0.756 ? ? 0.105 0.031 ? 13 1 0.996 ? 
2.410 2.540  ? ? ? ? ? ? 981  100.000 ? ? ? ? 0.082 ? ? ? ? ? ? ? ? 11.200 ? 0.799 ? ? 0.086 0.026 ? 14 1 0.996 ? 
2.540 2.700  ? ? ? ? ? ? 979  100.000 ? ? ? ? 0.074 ? ? ? ? ? ? ? ? 11.000 ? 0.880 ? ? 0.078 0.023 ? 15 1 0.996 ? 
2.700 2.910  ? ? ? ? ? ? 984  100.000 ? ? ? ? 0.054 ? ? ? ? ? ? ? ? 11.100 ? 0.731 ? ? 0.057 0.017 ? 16 1 0.997 ? 
2.910 3.200  ? ? ? ? ? ? 991  100.000 ? ? ? ? 0.046 ? ? ? ? ? ? ? ? 11.100 ? 0.792 ? ? 0.048 0.014 ? 17 1 0.998 ? 
3.200 3.660  ? ? ? ? ? ? 997  100.000 ? ? ? ? 0.051 ? ? ? ? ? ? ? ? 10.900 ? 1.246 ? ? 0.053 0.016 ? 18 1 0.998 ? 
3.660 4.610  ? ? ? ? ? ? 999  100.000 ? ? ? ? 0.048 ? ? ? ? ? ? ? ? 10.700 ? 1.373 ? ? 0.050 0.015 ? 19 1 0.998 ? 
4.610 50.000 ? ? ? ? ? ? 1053 100.000 ? ? ? ? 0.026 ? ? ? ? ? ? ? ? 10.500 ? 0.433 ? ? 0.027 0.008 ? 20 1 0.999 ? 
# 
_refine.aniso_B[1][1]                            ? 
_refine.aniso_B[1][2]                            ? 
_refine.aniso_B[1][3]                            ? 
_refine.aniso_B[2][2]                            ? 
_refine.aniso_B[2][3]                            ? 
_refine.aniso_B[3][3]                            ? 
_refine.B_iso_max                                51.850 
_refine.B_iso_mean                               17.2946 
_refine.B_iso_min                                6.600 
_refine.correlation_coeff_Fo_to_Fc               ? 
_refine.correlation_coeff_Fo_to_Fc_free          ? 
_refine.details                                  ? 
_refine.diff_density_max                         ? 
_refine.diff_density_max_esd                     ? 
_refine.diff_density_min                         ? 
_refine.diff_density_min_esd                     ? 
_refine.diff_density_rms                         ? 
_refine.diff_density_rms_esd                     ? 
_refine.entry_id                                 6CXB 
_refine.pdbx_refine_id                           'X-RAY DIFFRACTION' 
_refine.ls_abs_structure_details                 ? 
_refine.ls_abs_structure_Flack                   ? 
_refine.ls_abs_structure_Flack_esd               ? 
_refine.ls_abs_structure_Rogers                  ? 
_refine.ls_abs_structure_Rogers_esd              ? 
_refine.ls_d_res_high                            1.7010 
_refine.ls_d_res_low                             41.7140 
_refine.ls_extinction_coef                       ? 
_refine.ls_extinction_coef_esd                   ? 
_refine.ls_extinction_expression                 ? 
_refine.ls_extinction_method                     ? 
_refine.ls_goodness_of_fit_all                   ? 
_refine.ls_goodness_of_fit_all_esd               ? 
_refine.ls_goodness_of_fit_obs                   ? 
_refine.ls_goodness_of_fit_obs_esd               ? 
_refine.ls_hydrogen_treatment                    ? 
_refine.ls_matrix_type                           ? 
_refine.ls_number_constraints                    ? 
_refine.ls_number_parameters                     ? 
_refine.ls_number_reflns_all                     ? 
_refine.ls_number_reflns_obs                     19486 
_refine.ls_number_reflns_R_free                  1957 
_refine.ls_number_reflns_R_work                  ? 
_refine.ls_number_restraints                     ? 
_refine.ls_percent_reflns_obs                    99.1400 
_refine.ls_percent_reflns_R_free                 10.0400 
_refine.ls_R_factor_all                          ? 
_refine.ls_R_factor_obs                          0.1611 
_refine.ls_R_factor_R_free                       0.1766 
_refine.ls_R_factor_R_free_error                 ? 
_refine.ls_R_factor_R_free_error_details         ? 
_refine.ls_R_factor_R_work                       0.1593 
_refine.ls_R_Fsqd_factor_obs                     ? 
_refine.ls_R_I_factor_obs                        ? 
_refine.ls_redundancy_reflns_all                 ? 
_refine.ls_redundancy_reflns_obs                 ? 
_refine.ls_restrained_S_all                      ? 
_refine.ls_restrained_S_obs                      ? 
_refine.ls_shift_over_esd_max                    ? 
_refine.ls_shift_over_esd_mean                   ? 
_refine.ls_structure_factor_coef                 ? 
_refine.ls_weighting_details                     ? 
_refine.ls_weighting_scheme                      ? 
_refine.ls_wR_factor_all                         ? 
_refine.ls_wR_factor_obs                         ? 
_refine.ls_wR_factor_R_free                      ? 
_refine.ls_wR_factor_R_work                      ? 
_refine.occupancy_max                            ? 
_refine.occupancy_min                            ? 
_refine.solvent_model_details                    ? 
_refine.solvent_model_param_bsol                 ? 
_refine.solvent_model_param_ksol                 ? 
_refine.ls_R_factor_gt                           ? 
_refine.ls_goodness_of_fit_gt                    ? 
_refine.ls_goodness_of_fit_ref                   ? 
_refine.ls_shift_over_su_max                     ? 
_refine.ls_shift_over_su_max_lt                  ? 
_refine.ls_shift_over_su_mean                    ? 
_refine.ls_shift_over_su_mean_lt                 ? 
_refine.pdbx_ls_sigma_I                          ? 
_refine.pdbx_ls_sigma_F                          1.350 
_refine.pdbx_ls_sigma_Fsqd                       ? 
_refine.pdbx_data_cutoff_high_absF               ? 
_refine.pdbx_data_cutoff_high_rms_absF           ? 
_refine.pdbx_data_cutoff_low_absF                ? 
_refine.pdbx_isotropic_thermal_model             ? 
_refine.pdbx_ls_cross_valid_method               THROUGHOUT 
_refine.pdbx_method_to_determine_struct          'MOLECULAR REPLACEMENT' 
_refine.pdbx_starting_model                      6CT8 
_refine.pdbx_stereochemistry_target_values       ? 
_refine.pdbx_R_Free_selection_details            ? 
_refine.pdbx_stereochem_target_val_spec_case     ? 
_refine.pdbx_overall_ESU_R                       ? 
_refine.pdbx_overall_ESU_R_Free                  ? 
_refine.pdbx_solvent_vdw_probe_radii             1.1100 
_refine.pdbx_solvent_ion_probe_radii             ? 
_refine.pdbx_solvent_shrinkage_radii             0.9000 
_refine.pdbx_real_space_R                        ? 
_refine.pdbx_density_correlation                 ? 
_refine.pdbx_pd_number_of_powder_patterns        ? 
_refine.pdbx_pd_number_of_points                 ? 
_refine.pdbx_pd_meas_number_of_points            ? 
_refine.pdbx_pd_proc_ls_prof_R_factor            ? 
_refine.pdbx_pd_proc_ls_prof_wR_factor           ? 
_refine.pdbx_pd_Marquardt_correlation_coeff      ? 
_refine.pdbx_pd_Fsqrd_R_factor                   ? 
_refine.pdbx_pd_ls_matrix_band_width             ? 
_refine.pdbx_overall_phase_error                 15.5400 
_refine.pdbx_overall_SU_R_free_Cruickshank_DPI   ? 
_refine.pdbx_overall_SU_R_free_Blow_DPI          ? 
_refine.pdbx_overall_SU_R_Blow_DPI               ? 
_refine.pdbx_TLS_residual_ADP_flag               ? 
_refine.pdbx_diffrn_id                           1 
_refine.overall_SU_B                             ? 
_refine.overall_SU_ML                            0.1500 
_refine.overall_SU_R_Cruickshank_DPI             ? 
_refine.overall_SU_R_free                        ? 
_refine.overall_FOM_free_R_set                   ? 
_refine.overall_FOM_work_R_set                   ? 
_refine.pdbx_average_fsc_overall                 ? 
_refine.pdbx_average_fsc_work                    ? 
_refine.pdbx_average_fsc_free                    ? 
# 
_refine_hist.cycle_id                         final 
_refine_hist.pdbx_refine_id                   'X-RAY DIFFRACTION' 
_refine_hist.d_res_high                       1.7010 
_refine_hist.d_res_low                        41.7140 
_refine_hist.pdbx_number_atoms_ligand         7 
_refine_hist.number_atoms_solvent             153 
_refine_hist.number_atoms_total               1050 
_refine_hist.pdbx_number_residues_total       122 
_refine_hist.pdbx_B_iso_mean_ligand           17.84 
_refine_hist.pdbx_B_iso_mean_solvent          27.67 
_refine_hist.pdbx_number_atoms_protein        890 
_refine_hist.pdbx_number_atoms_nucleic_acid   0 
# 
loop_
_refine_ls_restr.pdbx_refine_id 
_refine_ls_restr.criterion 
_refine_ls_restr.dev_ideal 
_refine_ls_restr.dev_ideal_target 
_refine_ls_restr.number 
_refine_ls_restr.rejects 
_refine_ls_restr.type 
_refine_ls_restr.weight 
_refine_ls_restr.pdbx_restraint_function 
'X-RAY DIFFRACTION' ? 0.005  ? 914  ? f_bond_d           ? ? 
'X-RAY DIFFRACTION' ? 0.788  ? 1251 ? f_angle_d          ? ? 
'X-RAY DIFFRACTION' ? 0.061  ? 147  ? f_chiral_restr     ? ? 
'X-RAY DIFFRACTION' ? 0.006  ? 161  ? f_plane_restr      ? ? 
'X-RAY DIFFRACTION' ? 12.286 ? 310  ? f_dihedral_angle_d ? ? 
# 
loop_
_refine_ls_shell.pdbx_refine_id 
_refine_ls_shell.d_res_high 
_refine_ls_shell.d_res_low 
_refine_ls_shell.number_reflns_all 
_refine_ls_shell.number_reflns_obs 
_refine_ls_shell.number_reflns_R_free 
_refine_ls_shell.number_reflns_R_work 
_refine_ls_shell.percent_reflns_obs 
_refine_ls_shell.percent_reflns_R_free 
_refine_ls_shell.R_factor_all 
_refine_ls_shell.R_factor_obs 
_refine_ls_shell.R_factor_R_free 
_refine_ls_shell.R_factor_R_free_error 
_refine_ls_shell.R_factor_R_work 
_refine_ls_shell.redundancy_reflns_all 
_refine_ls_shell.redundancy_reflns_obs 
_refine_ls_shell.wR_factor_all 
_refine_ls_shell.wR_factor_obs 
_refine_ls_shell.wR_factor_R_free 
_refine_ls_shell.wR_factor_R_work 
_refine_ls_shell.pdbx_total_number_of_bins_used 
_refine_ls_shell.pdbx_phase_error 
_refine_ls_shell.pdbx_fsc_work 
_refine_ls_shell.pdbx_fsc_free 
'X-RAY DIFFRACTION' 1.7006 1.7432  1226 . 126 1100 89.0000  . . . 0.2487 0.0000 0.2238 . . . . . . 14 . . . 
'X-RAY DIFFRACTION' 1.7432 1.7903  1381 . 136 1245 99.0000  . . . 0.1946 0.0000 0.1812 . . . . . . 14 . . . 
'X-RAY DIFFRACTION' 1.7903 1.8430  1423 . 141 1282 100.0000 . . . 0.1835 0.0000 0.1673 . . . . . . 14 . . . 
'X-RAY DIFFRACTION' 1.8430 1.9025  1365 . 139 1226 100.0000 . . . 0.1807 0.0000 0.1721 . . . . . . 14 . . . 
'X-RAY DIFFRACTION' 1.9025 1.9704  1411 . 139 1272 100.0000 . . . 0.1938 0.0000 0.1770 . . . . . . 14 . . . 
'X-RAY DIFFRACTION' 1.9704 2.0493  1368 . 134 1234 100.0000 . . . 0.1890 0.0000 0.1481 . . . . . . 14 . . . 
'X-RAY DIFFRACTION' 2.0493 2.1426  1385 . 144 1241 100.0000 . . . 0.1693 0.0000 0.1449 . . . . . . 14 . . . 
'X-RAY DIFFRACTION' 2.1426 2.2556  1410 . 140 1270 100.0000 . . . 0.1642 0.0000 0.1465 . . . . . . 14 . . . 
'X-RAY DIFFRACTION' 2.2556 2.3969  1388 . 138 1250 100.0000 . . . 0.2061 0.0000 0.1647 . . . . . . 14 . . . 
'X-RAY DIFFRACTION' 2.3969 2.5819  1395 . 145 1250 100.0000 . . . 0.1676 0.0000 0.1620 . . . . . . 14 . . . 
'X-RAY DIFFRACTION' 2.5819 2.8417  1420 . 140 1280 100.0000 . . . 0.1925 0.0000 0.1650 . . . . . . 14 . . . 
'X-RAY DIFFRACTION' 2.8417 3.2527  1398 . 138 1260 100.0000 . . . 0.1675 0.0000 0.1618 . . . . . . 14 . . . 
'X-RAY DIFFRACTION' 3.2527 4.0975  1438 . 142 1296 100.0000 . . . 0.1705 0.0000 0.1386 . . . . . . 14 . . . 
'X-RAY DIFFRACTION' 4.0975 41.7269 1478 . 155 1323 100.0000 . . . 0.1557 0.0000 0.1617 . . . . . . 14 . . . 
# 
_struct.entry_id                     6CXB 
_struct.title                        'Structure of N-truncated R1-type pyocin tail fiber at 1.7 angstrom resolution' 
_struct.pdbx_model_details           ? 
_struct.pdbx_formula_weight          ? 
_struct.pdbx_formula_weight_method   ? 
_struct.pdbx_model_type_details      ? 
_struct.pdbx_CASP_flag               N 
# 
_struct_keywords.entry_id        6CXB 
_struct_keywords.text            
'adhesin, tail fiber, fiber, phage, pyocin, R2-type, tailocin, carbohydrate binding, VIRAL PROTEIN' 
_struct_keywords.pdbx_keywords   'VIRAL PROTEIN' 
# 
loop_
_struct_asym.id 
_struct_asym.pdbx_blank_PDB_chainid_flag 
_struct_asym.pdbx_modified 
_struct_asym.entity_id 
_struct_asym.details 
A N N 1 ? 
B N N 2 ? 
C N N 3 ? 
D N N 4 ? 
# 
loop_
_struct_conf.conf_type_id 
_struct_conf.id 
_struct_conf.pdbx_PDB_helix_id 
_struct_conf.beg_label_comp_id 
_struct_conf.beg_label_asym_id 
_struct_conf.beg_label_seq_id 
_struct_conf.pdbx_beg_PDB_ins_code 
_struct_conf.end_label_comp_id 
_struct_conf.end_label_asym_id 
_struct_conf.end_label_seq_id 
_struct_conf.pdbx_end_PDB_ins_code 
_struct_conf.beg_auth_comp_id 
_struct_conf.beg_auth_asym_id 
_struct_conf.beg_auth_seq_id 
_struct_conf.end_auth_comp_id 
_struct_conf.end_auth_asym_id 
_struct_conf.end_auth_seq_id 
_struct_conf.pdbx_PDB_helix_class 
_struct_conf.details 
_struct_conf.pdbx_PDB_helix_length 
HELX_P HELX_P1 AA1 THR A 29  ? GLY A 38  ? THR A 584 GLY A 593 1 ? 10 
HELX_P HELX_P2 AA2 SER A 107 ? SER A 109 ? SER A 662 SER A 664 5 ? 3  
# 
_struct_conf_type.id          HELX_P 
_struct_conf_type.criteria    ? 
_struct_conf_type.reference   ? 
# 
loop_
_struct_conn.id 
_struct_conn.conn_type_id 
_struct_conn.pdbx_leaving_atom_flag 
_struct_conn.pdbx_PDB_id 
_struct_conn.ptnr1_label_asym_id 
_struct_conn.ptnr1_label_comp_id 
_struct_conn.ptnr1_label_seq_id 
_struct_conn.ptnr1_label_atom_id 
_struct_conn.pdbx_ptnr1_label_alt_id 
_struct_conn.pdbx_ptnr1_PDB_ins_code 
_struct_conn.pdbx_ptnr1_standard_comp_id 
_struct_conn.ptnr1_symmetry 
_struct_conn.ptnr2_label_asym_id 
_struct_conn.ptnr2_label_comp_id 
_struct_conn.ptnr2_label_seq_id 
_struct_conn.ptnr2_label_atom_id 
_struct_conn.pdbx_ptnr2_label_alt_id 
_struct_conn.pdbx_ptnr2_PDB_ins_code 
_struct_conn.ptnr1_auth_asym_id 
_struct_conn.ptnr1_auth_comp_id 
_struct_conn.ptnr1_auth_seq_id 
_struct_conn.ptnr2_auth_asym_id 
_struct_conn.ptnr2_auth_comp_id 
_struct_conn.ptnr2_auth_seq_id 
_struct_conn.ptnr2_symmetry 
_struct_conn.pdbx_ptnr3_label_atom_id 
_struct_conn.pdbx_ptnr3_label_seq_id 
_struct_conn.pdbx_ptnr3_label_comp_id 
_struct_conn.pdbx_ptnr3_label_asym_id 
_struct_conn.pdbx_ptnr3_label_alt_id 
_struct_conn.pdbx_ptnr3_PDB_ins_code 
_struct_conn.details 
_struct_conn.pdbx_dist_value 
_struct_conn.pdbx_value_order 
_struct_conn.pdbx_role 
metalc1 metalc ? ? B MG . MG ? ? ? 1_555 D HOH .   O   ? ? A MG 201 A HOH 304 1_555 ? ? ? ? ? ? ? 2.695 ? ? 
metalc2 metalc ? ? B MG . MG ? ? ? 1_555 D HOH .   O   ? ? A MG 201 A HOH 321 1_555 ? ? ? ? ? ? ? 2.447 ? ? 
metalc3 metalc ? ? B MG . MG ? ? ? 1_555 A ASP 71  OD2 ? ? A MG 201 A ASP 626 1_555 ? ? ? ? ? ? ? 2.583 ? ? 
metalc4 metalc ? ? B MG . MG ? ? ? 1_555 A HIS 72  O   ? ? A MG 201 A HIS 627 1_555 ? ? ? ? ? ? ? 2.358 ? ? 
metalc5 metalc ? ? B MG . MG ? ? ? 1_555 A GLU 129 OE1 ? ? A MG 201 A GLU 684 1_555 ? ? ? ? ? ? ? 2.654 ? ? 
metalc6 metalc ? ? B MG . MG ? ? ? 1_555 A LEU 133 O   ? ? A MG 201 A LEU 688 1_555 ? ? ? ? ? ? ? 2.346 ? ? 
metalc7 metalc ? ? B MG . MG ? ? ? 1_555 A GLN 135 OE1 ? ? A MG 201 A GLN 690 1_555 ? ? ? ? ? ? ? 2.388 ? ? 
# 
_struct_conn_type.id          metalc 
_struct_conn_type.criteria    ? 
_struct_conn_type.reference   ? 
# 
loop_
_struct_sheet.id 
_struct_sheet.type 
_struct_sheet.number_strands 
_struct_sheet.details 
AA1 ? 5 ? 
AA2 ? 3 ? 
# 
loop_
_struct_sheet_order.sheet_id 
_struct_sheet_order.range_id_1 
_struct_sheet_order.range_id_2 
_struct_sheet_order.offset 
_struct_sheet_order.sense 
AA1 1 2 ? anti-parallel 
AA1 2 3 ? anti-parallel 
AA1 3 4 ? anti-parallel 
AA1 4 5 ? anti-parallel 
AA2 1 2 ? anti-parallel 
AA2 2 3 ? anti-parallel 
# 
loop_
_struct_sheet_range.sheet_id 
_struct_sheet_range.id 
_struct_sheet_range.beg_label_comp_id 
_struct_sheet_range.beg_label_asym_id 
_struct_sheet_range.beg_label_seq_id 
_struct_sheet_range.pdbx_beg_PDB_ins_code 
_struct_sheet_range.end_label_comp_id 
_struct_sheet_range.end_label_asym_id 
_struct_sheet_range.end_label_seq_id 
_struct_sheet_range.pdbx_end_PDB_ins_code 
_struct_sheet_range.beg_auth_comp_id 
_struct_sheet_range.beg_auth_asym_id 
_struct_sheet_range.beg_auth_seq_id 
_struct_sheet_range.end_auth_comp_id 
_struct_sheet_range.end_auth_asym_id 
_struct_sheet_range.end_auth_seq_id 
AA1 1 THR A 44  ? SER A 46  ? THR A 599 SER A 601 
AA1 2 GLY A 51  ? LYS A 54  ? GLY A 606 LYS A 609 
AA1 3 ILE A 61  ? GLY A 70  ? ILE A 616 GLY A 625 
AA1 4 ASN A 136 ? GLY A 145 ? ASN A 691 GLY A 700 
AA1 5 CYS A 91  ? GLY A 102 ? CYS A 646 GLY A 657 
AA2 1 ILE A 77  ? THR A 82  ? ILE A 632 THR A 637 
AA2 2 GLY A 122 ? GLU A 129 ? GLY A 677 GLU A 684 
AA2 3 VAL A 111 ? VAL A 118 ? VAL A 666 VAL A 673 
# 
loop_
_pdbx_struct_sheet_hbond.sheet_id 
_pdbx_struct_sheet_hbond.range_id_1 
_pdbx_struct_sheet_hbond.range_id_2 
_pdbx_struct_sheet_hbond.range_1_label_atom_id 
_pdbx_struct_sheet_hbond.range_1_label_comp_id 
_pdbx_struct_sheet_hbond.range_1_label_asym_id 
_pdbx_struct_sheet_hbond.range_1_label_seq_id 
_pdbx_struct_sheet_hbond.range_1_PDB_ins_code 
_pdbx_struct_sheet_hbond.range_1_auth_atom_id 
_pdbx_struct_sheet_hbond.range_1_auth_comp_id 
_pdbx_struct_sheet_hbond.range_1_auth_asym_id 
_pdbx_struct_sheet_hbond.range_1_auth_seq_id 
_pdbx_struct_sheet_hbond.range_2_label_atom_id 
_pdbx_struct_sheet_hbond.range_2_label_comp_id 
_pdbx_struct_sheet_hbond.range_2_label_asym_id 
_pdbx_struct_sheet_hbond.range_2_label_seq_id 
_pdbx_struct_sheet_hbond.range_2_PDB_ins_code 
_pdbx_struct_sheet_hbond.range_2_auth_atom_id 
_pdbx_struct_sheet_hbond.range_2_auth_comp_id 
_pdbx_struct_sheet_hbond.range_2_auth_asym_id 
_pdbx_struct_sheet_hbond.range_2_auth_seq_id 
AA1 1 2 N THR A 44  ? N THR A 599 O LYS A 54  ? O LYS A 609 
AA1 2 3 N TRP A 53  ? N TRP A 608 O VAL A 62  ? O VAL A 617 
AA1 3 4 N ILE A 61  ? N ILE A 616 O GLY A 145 ? O GLY A 700 
AA1 4 5 O ARG A 140 ? O ARG A 695 N THR A 97  ? N THR A 652 
AA2 1 2 N LEU A 81  ? N LEU A 636 O CYS A 123 ? O CYS A 678 
AA2 2 3 O VAL A 124 ? O VAL A 679 N VAL A 116 ? N VAL A 671 
# 
loop_
_struct_site.id 
_struct_site.pdbx_evidence_code 
_struct_site.pdbx_auth_asym_id 
_struct_site.pdbx_auth_comp_id 
_struct_site.pdbx_auth_seq_id 
_struct_site.pdbx_auth_ins_code 
_struct_site.pdbx_num_residues 
_struct_site.details 
AC1 Software A MG  201 ? 7  'binding site for residue MG A 201'  
AC2 Software A GOL 202 ? 11 'binding site for residue GOL A 202' 
# 
loop_
_struct_site_gen.id 
_struct_site_gen.site_id 
_struct_site_gen.pdbx_num_res 
_struct_site_gen.label_comp_id 
_struct_site_gen.label_asym_id 
_struct_site_gen.label_seq_id 
_struct_site_gen.pdbx_auth_ins_code 
_struct_site_gen.auth_comp_id 
_struct_site_gen.auth_asym_id 
_struct_site_gen.auth_seq_id 
_struct_site_gen.label_atom_id 
_struct_site_gen.label_alt_id 
_struct_site_gen.symmetry 
_struct_site_gen.details 
1  AC1 7  ASP A 71  ? ASP A 626 . ? 1_555  ? 
2  AC1 7  HIS A 72  ? HIS A 627 . ? 1_555  ? 
3  AC1 7  GLU A 129 ? GLU A 684 . ? 1_555  ? 
4  AC1 7  LEU A 133 ? LEU A 688 . ? 1_555  ? 
5  AC1 7  GLN A 135 ? GLN A 690 . ? 1_555  ? 
6  AC1 7  HOH D .   ? HOH A 304 . ? 1_555  ? 
7  AC1 7  HOH D .   ? HOH A 321 . ? 1_555  ? 
8  AC2 11 THR A 80  ? THR A 635 . ? 1_555  ? 
9  AC2 11 SER A 117 ? SER A 672 . ? 15_556 ? 
10 AC2 11 SER A 119 ? SER A 674 . ? 1_555  ? 
11 AC2 11 THR A 121 ? THR A 676 . ? 1_555  ? 
12 AC2 11 GLY A 122 ? GLY A 677 . ? 1_555  ? 
13 AC2 11 CYS A 123 ? CYS A 678 . ? 1_555  ? 
14 AC2 11 VAL A 124 ? VAL A 679 . ? 1_555  ? 
15 AC2 11 HOH D .   ? HOH A 308 . ? 1_555  ? 
16 AC2 11 HOH D .   ? HOH A 329 . ? 1_555  ? 
17 AC2 11 HOH D .   ? HOH A 379 . ? 1_555  ? 
18 AC2 11 HOH D .   ? HOH A 379 . ? 15_556 ? 
# 
_atom_sites.entry_id                    6CXB 
_atom_sites.fract_transf_matrix[1][1]   0.00054387 
_atom_sites.fract_transf_matrix[1][2]   0.00858548 
_atom_sites.fract_transf_matrix[1][3]   0.00466681 
_atom_sites.fract_transf_matrix[2][1]   0.00335184 
_atom_sites.fract_transf_matrix[2][2]   -0.00455437 
_atom_sites.fract_transf_matrix[2][3]   0.00798801 
_atom_sites.fract_transf_matrix[3][1]   0.00917904 
_atom_sites.fract_transf_matrix[3][2]   0.00115438 
_atom_sites.fract_transf_matrix[3][3]   -0.00319343 
_atom_sites.fract_transf_vector[1]      0.359200 
_atom_sites.fract_transf_vector[2]      0.302157 
_atom_sites.fract_transf_vector[3]      0.423311 
# 
loop_
_atom_type.symbol 
C  
MG 
N  
O  
S  
# 
loop_
_atom_site.group_PDB 
_atom_site.id 
_atom_site.type_symbol 
_atom_site.label_atom_id 
_atom_site.label_alt_id 
_atom_site.label_comp_id 
_atom_site.label_asym_id 
_atom_site.label_entity_id 
_atom_site.label_seq_id 
_atom_site.pdbx_PDB_ins_code 
_atom_site.Cartn_x 
_atom_site.Cartn_y 
_atom_site.Cartn_z 
_atom_site.occupancy 
_atom_site.B_iso_or_equiv 
_atom_site.pdbx_formal_charge 
_atom_site.auth_seq_id 
_atom_site.auth_comp_id 
_atom_site.auth_asym_id 
_atom_site.auth_atom_id 
_atom_site.pdbx_PDB_model_num 
ATOM   1    N  N   . LEU A 1 25  ? 28.276  4.986   29.198  1.00 38.92 ? 580 LEU A N   1 
ATOM   2    C  CA  . LEU A 1 25  ? 27.885  4.698   27.819  1.00 37.51 ? 580 LEU A CA  1 
ATOM   3    C  C   . LEU A 1 25  ? 28.668  3.520   27.233  0.86 40.27 ? 580 LEU A C   1 
ATOM   4    O  O   . LEU A 1 25  ? 28.153  2.780   26.395  0.76 46.42 ? 580 LEU A O   1 
ATOM   5    C  CB  . LEU A 1 25  ? 28.068  5.939   26.946  0.71 42.80 ? 580 LEU A CB  1 
ATOM   6    C  CG  . LEU A 1 25  ? 26.958  6.210   25.928  0.92 36.66 ? 580 LEU A CG  1 
ATOM   7    C  CD1 . LEU A 1 25  ? 25.617  6.391   26.629  1.00 40.22 ? 580 LEU A CD1 1 
ATOM   8    C  CD2 . LEU A 1 25  ? 27.286  7.430   25.082  0.91 39.14 ? 580 LEU A CD2 1 
ATOM   9    N  N   . GLY A 1 26  ? 29.915  3.346   27.667  0.68 40.38 ? 581 GLY A N   1 
ATOM   10   C  CA  . GLY A 1 26  ? 30.689  2.179   27.291  1.00 33.30 ? 581 GLY A CA  1 
ATOM   11   C  C   . GLY A 1 26  ? 31.146  2.125   25.852  0.99 34.48 ? 581 GLY A C   1 
ATOM   12   O  O   . GLY A 1 26  ? 31.594  1.061   25.404  0.79 42.15 ? 581 GLY A O   1 
ATOM   13   N  N   . ALA A 1 27  ? 31.054  3.228   25.113  1.00 34.83 ? 582 ALA A N   1 
ATOM   14   C  CA  . ALA A 1 27  ? 31.502  3.268   23.729  1.00 34.22 ? 582 ALA A CA  1 
ATOM   15   C  C   . ALA A 1 27  ? 31.638  4.725   23.321  1.00 32.61 ? 582 ALA A C   1 
ATOM   16   O  O   . ALA A 1 27  ? 31.176  5.632   24.015  0.96 40.52 ? 582 ALA A O   1 
ATOM   17   C  CB  . ALA A 1 27  ? 30.541  2.520   22.796  0.92 37.25 ? 582 ALA A CB  1 
ATOM   18   N  N   . ASN A 1 28  ? 32.286  4.937   22.175  0.93 38.70 ? 583 ASN A N   1 
ATOM   19   C  CA  . ASN A 1 28  ? 32.582  6.275   21.674  0.93 39.16 ? 583 ASN A CA  1 
ATOM   20   C  C   . ASN A 1 28  ? 31.835  6.578   20.383  0.51 44.72 ? 583 ASN A C   1 
ATOM   21   O  O   . ASN A 1 28  ? 32.049  7.639   19.781  0.94 46.67 ? 583 ASN A O   1 
ATOM   22   C  CB  . ASN A 1 28  ? 34.084  6.429   21.446  0.87 39.42 ? 583 ASN A CB  1 
ATOM   23   C  CG  . ASN A 1 28  ? 34.577  5.561   20.311  0.87 41.71 ? 583 ASN A CG  1 
ATOM   24   O  OD1 . ASN A 1 28  ? 34.652  4.339   20.440  0.55 51.85 ? 583 ASN A OD1 1 
ATOM   25   N  ND2 . ASN A 1 28  ? 34.885  6.182   19.178  0.63 44.99 ? 583 ASN A ND2 1 
ATOM   26   N  N   . THR A 1 29  ? 30.979  5.659   19.935  0.89 40.92 ? 584 THR A N   1 
ATOM   27   C  CA  . THR A 1 29  ? 30.195  5.829   18.721  0.62 40.26 ? 584 THR A CA  1 
ATOM   28   C  C   . THR A 1 29  ? 28.718  5.732   19.069  1.00 33.77 ? 584 THR A C   1 
ATOM   29   O  O   . THR A 1 29  ? 28.337  5.090   20.052  1.00 34.94 ? 584 THR A O   1 
ATOM   30   C  CB  . THR A 1 29  ? 30.548  4.773   17.661  1.00 36.32 ? 584 THR A CB  1 
ATOM   31   O  OG1 . THR A 1 29  ? 30.116  3.480   18.107  0.96 40.95 ? 584 THR A OG1 1 
ATOM   32   C  CG2 . THR A 1 29  ? 32.052  4.739   17.419  0.53 41.96 ? 584 THR A CG2 1 
ATOM   33   N  N   . ALA A 1 30  ? 27.887  6.382   18.250  0.72 40.42 ? 585 ALA A N   1 
ATOM   34   C  CA  . ALA A 1 30  ? 26.444  6.355   18.479  1.00 32.52 ? 585 ALA A CA  1 
ATOM   35   C  C   . ALA A 1 30  ? 25.904  4.933   18.402  0.94 31.96 ? 585 ALA A C   1 
ATOM   36   O  O   . ALA A 1 30  ? 25.143  4.497   19.273  0.94 32.16 ? 585 ALA A O   1 
ATOM   37   C  CB  . ALA A 1 30  ? 25.737  7.263   17.473  1.00 33.62 ? 585 ALA A CB  1 
ATOM   38   N  N   . ALA A 1 31  ? 26.304  4.188   17.368  1.00 30.88 ? 586 ALA A N   1 
ATOM   39   C  CA  . ALA A 1 31  ? 25.863  2.803   17.236  1.00 31.91 ? 586 ALA A CA  1 
ATOM   40   C  C   . ALA A 1 31  ? 26.282  1.972   18.444  0.95 32.28 ? 586 ALA A C   1 
ATOM   41   O  O   . ALA A 1 31  ? 25.483  1.201   18.989  0.90 32.13 ? 586 ALA A O   1 
ATOM   42   C  CB  . ALA A 1 31  ? 26.413  2.202   15.943  1.00 32.03 ? 586 ALA A CB  1 
ATOM   43   N  N   . GLY A 1 32  ? 27.537  2.115   18.877  0.76 37.00 ? 587 GLY A N   1 
ATOM   44   C  CA  . GLY A 1 32  ? 27.988  1.380   20.047  1.00 31.38 ? 587 GLY A CA  1 
ATOM   45   C  C   . GLY A 1 32  ? 27.266  1.804   21.311  1.00 29.11 ? 587 GLY A C   1 
ATOM   46   O  O   . GLY A 1 32  ? 26.975  0.974   22.177  0.97 33.17 ? 587 GLY A O   1 
ATOM   47   N  N   . ALA A 1 33  ? 26.961  3.095   21.432  1.00 31.50 ? 588 ALA A N   1 
ATOM   48   C  CA  . ALA A 1 33  ? 26.210  3.580   22.586  1.00 30.73 ? 588 ALA A CA  1 
ATOM   49   C  C   . ALA A 1 33  ? 24.820  2.952   22.641  1.00 32.27 ? 588 ALA A C   1 
ATOM   50   O  O   . ALA A 1 33  ? 24.381  2.476   23.696  1.00 29.62 ? 588 ALA A O   1 
ATOM   51   C  CB  . ALA A 1 33  ? 26.114  5.102   22.538  1.00 28.64 ? 588 ALA A CB  1 
ATOM   52   N  N   . ARG A 1 34  ? 24.108  2.950   21.511  1.00 33.31 ? 589 ARG A N   1 
ATOM   53   C  CA  . ARG A 1 34  ? 22.764  2.377   21.485  1.00 26.88 ? 589 ARG A CA  1 
ATOM   54   C  C   . ARG A 1 34  ? 22.793  0.890   21.801  1.00 27.28 ? 589 ARG A C   1 
ATOM   55   O  O   . ARG A 1 34  ? 21.930  0.387   22.530  1.00 29.07 ? 589 ARG A O   1 
ATOM   56   C  CB  . ARG A 1 34  ? 22.114  2.608   20.121  1.00 25.71 ? 589 ARG A CB  1 
ATOM   57   C  CG  . ARG A 1 34  ? 21.834  4.060   19.797  1.00 26.28 ? 589 ARG A CG  1 
ATOM   58   C  CD  . ARG A 1 34  ? 21.003  4.174   18.533  1.00 25.21 ? 589 ARG A CD  1 
ATOM   59   N  NE  . ARG A 1 34  ? 21.619  3.508   17.391  1.00 25.98 ? 589 ARG A NE  1 
ATOM   60   C  CZ  . ARG A 1 34  ? 22.382  4.114   16.487  1.00 25.80 ? 589 ARG A CZ  1 
ATOM   61   N  NH1 . ARG A 1 34  ? 22.646  5.411   16.593  1.00 26.37 ? 589 ARG A NH1 1 
ATOM   62   N  NH2 . ARG A 1 34  ? 22.888  3.420   15.474  1.00 32.68 ? 589 ARG A NH2 1 
ATOM   63   N  N   . ASN A 1 35  ? 23.771  0.168   21.249  1.00 29.07 ? 590 ASN A N   1 
ATOM   64   C  CA  . ASN A 1 35  ? 23.888  -1.254  21.546  1.00 33.30 ? 590 ASN A CA  1 
ATOM   65   C  C   . ASN A 1 35  ? 24.098  -1.484  23.035  1.00 34.42 ? 590 ASN A C   1 
ATOM   66   O  O   . ASN A 1 35  ? 23.513  -2.406  23.618  1.00 33.31 ? 590 ASN A O   1 
ATOM   67   C  CB  . ASN A 1 35  ? 25.033  -1.868  20.743  1.00 38.02 ? 590 ASN A CB  1 
ATOM   68   C  CG  . ASN A 1 35  ? 25.187  -3.351  20.998  1.00 42.57 ? 590 ASN A CG  1 
ATOM   69   O  OD1 . ASN A 1 35  ? 24.304  -4.142  20.668  1.00 51.47 ? 590 ASN A OD1 1 
ATOM   70   N  ND2 . ASN A 1 35  ? 26.309  -3.738  21.593  1.00 48.42 ? 590 ASN A ND2 1 
ATOM   71   N  N   . ASN A 1 36  ? 24.910  -0.639  23.676  1.00 37.57 ? 591 ASN A N   1 
ATOM   72   C  CA  . ASN A 1 36  ? 25.236  -0.856  25.082  1.00 36.02 ? 591 ASN A CA  1 
ATOM   73   C  C   . ASN A 1 36  ? 24.057  -0.560  25.999  1.00 30.80 ? 591 ASN A C   1 
ATOM   74   O  O   . ASN A 1 36  ? 23.920  -1.198  27.047  1.00 32.83 ? 591 ASN A O   1 
ATOM   75   C  CB  . ASN A 1 36  ? 26.447  -0.010  25.477  1.00 36.03 ? 591 ASN A CB  1 
ATOM   76   C  CG  . ASN A 1 36  ? 27.743  -0.564  24.924  1.00 38.55 ? 591 ASN A CG  1 
ATOM   77   O  OD1 . ASN A 1 36  ? 27.865  -1.766  24.686  1.00 45.58 ? 591 ASN A OD1 1 
ATOM   78   N  ND2 . ASN A 1 36  ? 28.722  0.311   24.720  1.00 40.66 ? 591 ASN A ND2 1 
ATOM   79   N  N   . ILE A 1 37  ? 23.198  0.397   25.640  1.00 31.47 ? 592 ILE A N   1 
ATOM   80   C  CA  . ILE A 1 37  ? 22.006  0.668   26.435  1.00 28.48 ? 592 ILE A CA  1 
ATOM   81   C  C   . ILE A 1 37  ? 20.751  0.043   25.835  1.00 28.73 ? 592 ILE A C   1 
ATOM   82   O  O   . ILE A 1 37  ? 19.652  0.246   26.368  1.00 25.97 ? 592 ILE A O   1 
ATOM   83   C  CB  . ILE A 1 37  ? 21.802  2.181   26.653  1.00 33.46 ? 592 ILE A CB  1 
ATOM   84   C  CG1 . ILE A 1 37  ? 21.611  2.910   25.327  1.00 31.04 ? 592 ILE A CG1 1 
ATOM   85   C  CG2 . ILE A 1 37  ? 22.984  2.778   27.398  1.00 32.56 ? 592 ILE A CG2 1 
ATOM   86   C  CD1 . ILE A 1 37  ? 21.135  4.339   25.497  1.00 31.65 ? 592 ILE A CD1 1 
ATOM   87   N  N   . GLY A 1 38  ? 20.885  -0.718  24.751  1.00 26.65 ? 593 GLY A N   1 
ATOM   88   C  CA  . GLY A 1 38  ? 19.749  -1.411  24.170  1.00 27.57 ? 593 GLY A CA  1 
ATOM   89   C  C   . GLY A 1 38  ? 18.705  -0.500  23.564  1.00 23.89 ? 593 GLY A C   1 
ATOM   90   O  O   . GLY A 1 38  ? 17.512  -0.818  23.614  1.00 22.49 ? 593 GLY A O   1 
ATOM   91   N  N   . ALA A 1 39  ? 19.121  0.626   22.992  1.00 24.47 ? 594 ALA A N   1 
ATOM   92   C  CA  . ALA A 1 39  ? 18.184  1.581   22.419  1.00 20.70 ? 594 ALA A CA  1 
ATOM   93   C  C   . ALA A 1 39  ? 18.026  1.355   20.918  1.00 20.94 ? 594 ALA A C   1 
ATOM   94   O  O   . ALA A 1 39  ? 18.960  0.940   20.228  1.00 21.88 ? 594 ALA A O   1 
ATOM   95   C  CB  . ALA A 1 39  ? 18.643  3.016   22.680  1.00 23.14 ? 594 ALA A CB  1 
ATOM   96   N  N   . GLY A 1 40  ? 16.821  1.638   20.416  1.00 20.30 ? 595 GLY A N   1 
ATOM   97   C  CA  . GLY A 1 40  ? 16.565  1.606   18.991  1.00 20.45 ? 595 GLY A CA  1 
ATOM   98   C  C   . GLY A 1 40  ? 16.753  2.968   18.337  1.00 24.38 ? 595 GLY A C   1 
ATOM   99   O  O   . GLY A 1 40  ? 17.047  3.972   18.985  1.00 19.84 ? 595 GLY A O   1 
ATOM   100  N  N   . VAL A 1 41  ? 16.571  2.990   17.019  1.00 18.82 ? 596 VAL A N   1 
ATOM   101  C  CA  . VAL A 1 41  ? 16.735  4.212   16.232  1.00 17.04 ? 596 VAL A CA  1 
ATOM   102  C  C   . VAL A 1 41  ? 15.371  4.758   15.819  1.00 18.00 ? 596 VAL A C   1 
ATOM   103  O  O   . VAL A 1 41  ? 14.385  4.005   15.792  1.00 17.33 ? 596 VAL A O   1 
ATOM   104  C  CB  . VAL A 1 41  ? 17.614  3.961   14.999  1.00 19.96 ? 596 VAL A CB  1 
ATOM   105  C  CG1 . VAL A 1 41  ? 19.044  3.631   15.424  1.00 21.20 ? 596 VAL A CG1 1 
ATOM   106  C  CG2 . VAL A 1 41  ? 17.036  2.838   14.157  1.00 19.47 ? 596 VAL A CG2 1 
ATOM   107  N  N   . PRO A 1 42  ? 15.263  6.041   15.479  1.00 17.30 ? 597 PRO A N   1 
ATOM   108  C  CA  . PRO A 1 42  ? 13.955  6.588   15.101  1.00 16.19 ? 597 PRO A CA  1 
ATOM   109  C  C   . PRO A 1 42  ? 13.454  6.012   13.786  1.00 16.14 ? 597 PRO A C   1 
ATOM   110  O  O   . PRO A 1 42  ? 14.216  5.799   12.839  1.00 14.33 ? 597 PRO A O   1 
ATOM   111  C  CB  . PRO A 1 42  ? 14.220  8.092   14.972  1.00 19.78 ? 597 PRO A CB  1 
ATOM   112  C  CG  . PRO A 1 42  ? 15.454  8.331   15.780  1.00 17.76 ? 597 PRO A CG  1 
ATOM   113  C  CD  . PRO A 1 42  ? 16.280  7.101   15.610  1.00 18.38 ? 597 PRO A CD  1 
ATOM   114  N  N   . ALA A 1 43  ? 12.149  5.773   13.732  1.00 14.22 ? 598 ALA A N   1 
ATOM   115  C  CA  . ALA A 1 43  ? 11.523  5.488   12.456  1.00 12.85 ? 598 ALA A CA  1 
ATOM   116  C  C   . ALA A 1 43  ? 11.497  6.749   11.593  1.00 12.50 ? 598 ALA A C   1 
ATOM   117  O  O   . ALA A 1 43  ? 11.645  7.872   12.078  1.00 14.11 ? 598 ALA A O   1 
ATOM   118  C  CB  . ALA A 1 43  ? 10.103  4.956   12.664  1.00 13.33 ? 598 ALA A CB  1 
ATOM   119  N  N   . THR A 1 44  ? 11.319  6.554   10.292  1.00 11.24 ? 599 THR A N   1 
ATOM   120  C  CA  . THR A 1 44  ? 11.140  7.654   9.355   1.00 10.73 ? 599 THR A CA  1 
ATOM   121  C  C   . THR A 1 44  ? 9.843   7.435   8.587   1.00 12.54 ? 599 THR A C   1 
ATOM   122  O  O   . THR A 1 44  ? 9.297   6.330   8.570   1.00 10.72 ? 599 THR A O   1 
ATOM   123  C  CB  . THR A 1 44  ? 12.316  7.765   8.374   1.00 14.29 ? 599 THR A CB  1 
ATOM   124  O  OG1 . THR A 1 44  ? 12.590  6.484   7.797   1.00 13.07 ? 599 THR A OG1 1 
ATOM   125  C  CG2 . THR A 1 44  ? 13.561  8.273   9.085   1.00 16.44 ? 599 THR A CG2 1 
ATOM   126  N  N   . ALA A 1 45  ? 9.351   8.494   7.950   1.00 12.60 ? 600 ALA A N   1 
ATOM   127  C  CA  . ALA A 1 45  ? 8.064   8.389   7.273   1.00 10.57 ? 600 ALA A CA  1 
ATOM   128  C  C   . ALA A 1 45  ? 7.883   9.500   6.252   1.00 13.31 ? 600 ALA A C   1 
ATOM   129  O  O   . ALA A 1 45  ? 8.509   10.564  6.328   1.00 12.30 ? 600 ALA A O   1 
ATOM   130  C  CB  . ALA A 1 45  ? 6.907   8.423   8.277   1.00 13.52 ? 600 ALA A CB  1 
ATOM   131  N  N   . SER A 1 46  ? 6.999   9.232   5.290   1.00 10.74 ? 601 SER A N   1 
ATOM   132  C  CA  . SER A 1 46  ? 6.376   10.262  4.457   1.00 13.06 ? 601 SER A CA  1 
ATOM   133  C  C   . SER A 1 46  ? 4.882   10.249  4.763   1.00 13.24 ? 601 SER A C   1 
ATOM   134  O  O   . SER A 1 46  ? 4.171   9.317   4.376   1.00 12.36 ? 601 SER A O   1 
ATOM   135  C  CB  . SER A 1 46  ? 6.639   10.013  2.972   1.00 13.86 ? 601 SER A CB  1 
ATOM   136  O  OG  . SER A 1 46  ? 5.914   10.938  2.173   1.00 15.16 ? 601 SER A OG  1 
ATOM   137  N  N   . ARG A 1 47  ? 4.403   11.273  5.466   1.00 10.70 ? 602 ARG A N   1 
ATOM   138  C  CA  . ARG A 1 47  ? 3.033   11.261  5.977   1.00 9.53  ? 602 ARG A CA  1 
ATOM   139  C  C   . ARG A 1 47  ? 2.106   11.874  4.930   1.00 12.64 ? 602 ARG A C   1 
ATOM   140  O  O   . ARG A 1 47  ? 1.504   12.930  5.115   1.00 15.34 ? 602 ARG A O   1 
ATOM   141  C  CB  . ARG A 1 47  ? 2.962   11.986  7.316   1.00 13.16 ? 602 ARG A CB  1 
ATOM   142  C  CG  . ARG A 1 47  ? 3.928   11.377  8.341   1.00 13.88 ? 602 ARG A CG  1 
ATOM   143  C  CD  . ARG A 1 47  ? 3.844   12.034  9.715   1.00 12.80 ? 602 ARG A CD  1 
ATOM   144  N  NE  . ARG A 1 47  ? 3.976   13.487  9.646   1.00 16.55 ? 602 ARG A NE  1 
ATOM   145  C  CZ  . ARG A 1 47  ? 3.867   14.290  10.697  1.00 18.92 ? 602 ARG A CZ  1 
ATOM   146  N  NH1 . ARG A 1 47  ? 3.645   13.782  11.905  1.00 18.19 ? 602 ARG A NH1 1 
ATOM   147  N  NH2 . ARG A 1 47  ? 3.980   15.602  10.539  1.00 23.25 ? 602 ARG A NH2 1 
ATOM   148  N  N   . ALA A 1 48  ? 2.006   11.169  3.809   1.00 12.45 ? 603 ALA A N   1 
ATOM   149  C  CA  . ALA A 1 48  ? 1.269   11.616  2.640   1.00 12.95 ? 603 ALA A CA  1 
ATOM   150  C  C   . ALA A 1 48  ? 0.114   10.666  2.361   1.00 13.25 ? 603 ALA A C   1 
ATOM   151  O  O   . ALA A 1 48  ? 0.075   9.540   2.863   1.00 11.23 ? 603 ALA A O   1 
ATOM   152  C  CB  . ALA A 1 48  ? 2.189   11.694  1.408   1.00 12.96 ? 603 ALA A CB  1 
ATOM   153  N  N   . LEU A 1 49  ? -0.837  11.145  1.551   1.00 11.54 ? 604 LEU A N   1 
ATOM   154  C  CA  . LEU A 1 49  ? -1.949  10.307  1.106   1.00 12.45 ? 604 LEU A CA  1 
ATOM   155  C  C   . LEU A 1 49  ? -1.446  9.006   0.495   1.00 11.93 ? 604 LEU A C   1 
ATOM   156  O  O   . LEU A 1 49  ? -1.988  7.925   0.760   1.00 11.64 ? 604 LEU A O   1 
ATOM   157  C  CB  . LEU A 1 49  ? -2.794  11.077  0.088   1.00 14.91 ? 604 LEU A CB  1 
ATOM   158  C  CG  . LEU A 1 49  ? -4.126  10.443  -0.317  1.00 15.13 ? 604 LEU A CG  1 
ATOM   159  C  CD1 . LEU A 1 49  ? -5.091  10.455  0.861   1.00 17.73 ? 604 LEU A CD1 1 
ATOM   160  C  CD2 . LEU A 1 49  ? -4.734  11.150  -1.541  1.00 16.55 ? 604 LEU A CD2 1 
ATOM   161  N  N   . ASN A 1 50  ? -0.416  9.096   -0.332  1.00 9.25  ? 605 ASN A N   1 
ATOM   162  C  CA  . ASN A 1 50  ? 0.312   7.933   -0.828  1.00 10.89 ? 605 ASN A CA  1 
ATOM   163  C  C   . ASN A 1 50  ? 1.658   7.998   -0.122  1.00 10.23 ? 605 ASN A C   1 
ATOM   164  O  O   . ASN A 1 50  ? 2.554   8.737   -0.541  1.00 11.76 ? 605 ASN A O   1 
ATOM   165  C  CB  . ASN A 1 50  ? 0.450   7.972   -2.347  1.00 11.41 ? 605 ASN A CB  1 
ATOM   166  C  CG  . ASN A 1 50  ? -0.892  8.099   -3.049  1.00 12.58 ? 605 ASN A CG  1 
ATOM   167  O  OD1 . ASN A 1 50  ? -1.510  7.101   -3.405  1.00 14.24 ? 605 ASN A OD1 1 
ATOM   168  N  ND2 . ASN A 1 50  ? -1.352  9.337   -3.239  1.00 16.55 ? 605 ASN A ND2 1 
ATOM   169  N  N   . GLY A 1 51  ? 1.781   7.256   0.973   1.00 8.00  ? 606 GLY A N   1 
ATOM   170  C  CA  . GLY A 1 51  ? 2.904   7.457   1.869   1.00 9.12  ? 606 GLY A CA  1 
ATOM   171  C  C   . GLY A 1 51  ? 3.544   6.187   2.383   1.00 9.20  ? 606 GLY A C   1 
ATOM   172  O  O   . GLY A 1 51  ? 3.199   5.084   1.948   1.00 8.65  ? 606 GLY A O   1 
ATOM   173  N  N   . TRP A 1 52  ? 4.485   6.329   3.308   1.00 8.74  ? 607 TRP A N   1 
ATOM   174  C  CA  . TRP A 1 52  ? 5.209   5.172   3.810   1.00 9.53  ? 607 TRP A CA  1 
ATOM   175  C  C   . TRP A 1 52  ? 5.763   5.478   5.194   1.00 10.74 ? 607 TRP A C   1 
ATOM   176  O  O   . TRP A 1 52  ? 5.889   6.635   5.601   1.00 10.48 ? 607 TRP A O   1 
ATOM   177  C  CB  . TRP A 1 52  ? 6.338   4.754   2.851   1.00 8.55  ? 607 TRP A CB  1 
ATOM   178  C  CG  . TRP A 1 52  ? 7.314   5.850   2.545   1.00 9.88  ? 607 TRP A CG  1 
ATOM   179  C  CD1 . TRP A 1 52  ? 7.320   6.659   1.444   1.00 10.39 ? 607 TRP A CD1 1 
ATOM   180  C  CD2 . TRP A 1 52  ? 8.437   6.253   3.343   1.00 10.74 ? 607 TRP A CD2 1 
ATOM   181  N  NE1 . TRP A 1 52  ? 8.370   7.546   1.513   1.00 13.00 ? 607 TRP A NE1 1 
ATOM   182  C  CE2 . TRP A 1 52  ? 9.069   7.318   2.667   1.00 11.23 ? 607 TRP A CE2 1 
ATOM   183  C  CE3 . TRP A 1 52  ? 8.962   5.824   4.564   1.00 12.93 ? 607 TRP A CE3 1 
ATOM   184  C  CZ2 . TRP A 1 52  ? 10.207  7.956   3.172   1.00 14.83 ? 607 TRP A CZ2 1 
ATOM   185  C  CZ3 . TRP A 1 52  ? 10.089  6.460   5.068   1.00 13.02 ? 607 TRP A CZ3 1 
ATOM   186  C  CH2 . TRP A 1 52  ? 10.694  7.520   4.373   1.00 14.29 ? 607 TRP A CH2 1 
ATOM   187  N  N   . TRP A 1 53  ? 6.076   4.407   5.912   1.00 9.11  ? 608 TRP A N   1 
ATOM   188  C  CA  . TRP A 1 53  ? 6.682   4.465   7.233   1.00 10.09 ? 608 TRP A CA  1 
ATOM   189  C  C   . TRP A 1 53  ? 7.727   3.369   7.288   1.00 10.17 ? 608 TRP A C   1 
ATOM   190  O  O   . TRP A 1 53  ? 7.479   2.258   6.813   1.00 10.90 ? 608 TRP A O   1 
ATOM   191  C  CB  . TRP A 1 53  ? 5.625   4.263   8.323   1.00 11.38 ? 608 TRP A CB  1 
ATOM   192  C  CG  . TRP A 1 53  ? 6.134   4.211   9.741   1.00 11.22 ? 608 TRP A CG  1 
ATOM   193  C  CD1 . TRP A 1 53  ? 6.263   5.261   10.604  1.00 11.48 ? 608 TRP A CD1 1 
ATOM   194  C  CD2 . TRP A 1 53  ? 6.521   3.041   10.470  1.00 11.67 ? 608 TRP A CD2 1 
ATOM   195  N  NE1 . TRP A 1 53  ? 6.720   4.815   11.823  1.00 12.09 ? 608 TRP A NE1 1 
ATOM   196  C  CE2 . TRP A 1 53  ? 6.886   3.458   11.765  1.00 12.59 ? 608 TRP A CE2 1 
ATOM   197  C  CE3 . TRP A 1 53  ? 6.598   1.679   10.150  1.00 13.79 ? 608 TRP A CE3 1 
ATOM   198  C  CZ2 . TRP A 1 53  ? 7.328   2.566   12.742  1.00 14.86 ? 608 TRP A CZ2 1 
ATOM   199  C  CZ3 . TRP A 1 53  ? 7.038   0.787   11.129  1.00 14.28 ? 608 TRP A CZ3 1 
ATOM   200  C  CH2 . TRP A 1 53  ? 7.390   1.238   12.406  1.00 14.02 ? 608 TRP A CH2 1 
ATOM   201  N  N   . LYS A 1 54  ? 8.899   3.680   7.841   1.00 9.75  ? 609 LYS A N   1 
ATOM   202  C  CA  . LYS A 1 54  ? 9.995   2.719   7.861   1.00 10.39 ? 609 LYS A CA  1 
ATOM   203  C  C   . LYS A 1 54  ? 10.532  2.557   9.274   1.00 13.11 ? 609 LYS A C   1 
ATOM   204  O  O   . LYS A 1 54  ? 10.922  3.539   9.910   1.00 11.94 ? 609 LYS A O   1 
ATOM   205  C  CB  . LYS A 1 54  ? 11.128  3.144   6.923   1.00 10.87 ? 609 LYS A CB  1 
ATOM   206  C  CG  . LYS A 1 54  ? 12.298  2.164   6.932   1.00 13.62 ? 609 LYS A CG  1 
ATOM   207  C  CD  . LYS A 1 54  ? 13.356  2.534   5.897   1.00 15.88 ? 609 LYS A CD  1 
ATOM   208  C  CE  . LYS A 1 54  ? 14.544  1.585   5.977   1.00 21.38 ? 609 LYS A CE  1 
ATOM   209  N  NZ  . LYS A 1 54  ? 15.622  1.936   4.998   1.00 25.77 ? 609 LYS A NZ  1 
ATOM   210  N  N   . ASP A 1 55  ? 10.554  1.318   9.757   1.00 10.52 ? 610 ASP A N   1 
ATOM   211  C  CA  . ASP A 1 55  ? 11.229  0.992   11.009  1.00 11.79 ? 610 ASP A CA  1 
ATOM   212  C  C   . ASP A 1 55  ? 12.708  0.806   10.708  1.00 13.84 ? 610 ASP A C   1 
ATOM   213  O  O   . ASP A 1 55  ? 13.093  -0.168  10.055  1.00 13.55 ? 610 ASP A O   1 
ATOM   214  C  CB  . ASP A 1 55  ? 10.644  -0.274  11.623  1.00 11.25 ? 610 ASP A CB  1 
ATOM   215  C  CG  . ASP A 1 55  ? 11.486  -0.805  12.778  1.00 15.35 ? 610 ASP A CG  1 
ATOM   216  O  OD1 . ASP A 1 55  ? 11.538  -2.031  12.951  1.00 15.12 ? 610 ASP A OD1 1 
ATOM   217  O  OD2 . ASP A 1 55  ? 12.095  0.008   13.513  1.00 19.66 ? 610 ASP A OD2 1 
ATOM   218  N  N   . ASN A 1 56  ? 13.545  1.729   11.172  1.00 14.60 ? 611 ASN A N   1 
ATOM   219  C  CA  . ASN A 1 56  ? 14.959  1.620   10.842  1.00 14.17 ? 611 ASN A CA  1 
ATOM   220  C  C   . ASN A 1 56  ? 15.721  0.674   11.770  1.00 17.75 ? 611 ASN A C   1 
ATOM   221  O  O   . ASN A 1 56  ? 16.925  0.484   11.566  1.00 22.95 ? 611 ASN A O   1 
ATOM   222  C  CB  . ASN A 1 56  ? 15.584  3.017   10.808  1.00 13.63 ? 611 ASN A CB  1 
ATOM   223  C  CG  . ASN A 1 56  ? 15.060  3.838   9.638   1.00 16.95 ? 611 ASN A CG  1 
ATOM   224  O  OD1 . ASN A 1 56  ? 15.349  3.538   8.479   1.00 17.66 ? 611 ASN A OD1 1 
ATOM   225  N  ND2 . ASN A 1 56  ? 14.257  4.852   9.934   1.00 13.52 ? 611 ASN A ND2 1 
ATOM   226  N  N   . ASP A 1 57  ? 15.046  0.065   12.751  1.00 14.98 ? 612 ASP A N   1 
ATOM   227  C  CA  . ASP A 1 57  ? 15.620  -1.058  13.499  1.00 17.86 ? 612 ASP A CA  1 
ATOM   228  C  C   . ASP A 1 57  ? 15.633  -2.325  12.651  1.00 17.99 ? 612 ASP A C   1 
ATOM   229  O  O   . ASP A 1 57  ? 16.681  -2.940  12.435  1.00 21.46 ? 612 ASP A O   1 
ATOM   230  C  CB  . ASP A 1 57  ? 14.820  -1.330  14.782  1.00 19.54 ? 612 ASP A CB  1 
ATOM   231  C  CG  . ASP A 1 57  ? 14.764  -0.146  15.730  1.00 26.15 ? 612 ASP A CG  1 
ATOM   232  O  OD1 . ASP A 1 57  ? 15.813  0.487   15.968  1.00 24.45 ? 612 ASP A OD1 1 
ATOM   233  O  OD2 . ASP A 1 57  ? 13.658  0.123   16.262  1.00 27.46 ? 612 ASP A OD2 1 
ATOM   234  N  N   . THR A 1 58  ? 14.455  -2.749  12.189  1.00 13.02 ? 613 THR A N   1 
ATOM   235  C  CA  . THR A 1 58  ? 14.320  -3.983  11.430  1.00 11.48 ? 613 THR A CA  1 
ATOM   236  C  C   . THR A 1 58  ? 14.390  -3.783  9.925   1.00 12.61 ? 613 THR A C   1 
ATOM   237  O  O   . THR A 1 58  ? 14.580  -4.765  9.202   1.00 13.39 ? 613 THR A O   1 
ATOM   238  C  CB  . THR A 1 58  ? 12.980  -4.667  11.726  1.00 14.42 ? 613 THR A CB  1 
ATOM   239  O  OG1 . THR A 1 58  ? 11.906  -3.830  11.266  1.00 14.81 ? 613 THR A OG1 1 
ATOM   240  C  CG2 . THR A 1 58  ? 12.821  -4.956  13.209  1.00 14.46 ? 613 THR A CG2 1 
ATOM   241  N  N   . GLY A 1 59  ? 14.198  -2.553  9.444   1.00 11.44 ? 614 GLY A N   1 
ATOM   242  C  CA  . GLY A 1 59  ? 14.104  -2.282  8.023   1.00 10.29 ? 614 GLY A CA  1 
ATOM   243  C  C   . GLY A 1 59  ? 12.729  -2.473  7.422   1.00 12.01 ? 614 GLY A C   1 
ATOM   244  O  O   . GLY A 1 59  ? 12.556  -2.225  6.221   1.00 12.71 ? 614 GLY A O   1 
ATOM   245  N  N   . LEU A 1 60  ? 11.744  -2.906  8.207   1.00 10.76 ? 615 LEU A N   1 
ATOM   246  C  CA  . LEU A 1 60  ? 10.406  -3.102  7.664   1.00 10.55 ? 615 LEU A CA  1 
ATOM   247  C  C   . LEU A 1 60  ? 9.831   -1.775  7.187   1.00 12.00 ? 615 LEU A C   1 
ATOM   248  O  O   . LEU A 1 60  ? 9.997   -0.741  7.835   1.00 10.38 ? 615 LEU A O   1 
ATOM   249  C  CB  . LEU A 1 60  ? 9.491   -3.706  8.727   1.00 11.19 ? 615 LEU A CB  1 
ATOM   250  C  CG  . LEU A 1 60  ? 8.199   -4.302  8.172   1.00 14.98 ? 615 LEU A CG  1 
ATOM   251  C  CD1 . LEU A 1 60  ? 8.485   -5.674  7.560   1.00 17.84 ? 615 LEU A CD1 1 
ATOM   252  C  CD2 . LEU A 1 60  ? 7.138   -4.396  9.270   1.00 16.50 ? 615 LEU A CD2 1 
ATOM   253  N  N   . ILE A 1 61  ? 9.157   -1.809  6.044   1.00 9.49  ? 616 ILE A N   1 
ATOM   254  C  CA  . ILE A 1 61  ? 8.510   -0.635  5.469   1.00 9.57  ? 616 ILE A CA  1 
ATOM   255  C  C   . ILE A 1 61  ? 7.034   -0.952  5.299   1.00 8.57  ? 616 ILE A C   1 
ATOM   256  O  O   . ILE A 1 61  ? 6.680   -2.032  4.814   1.00 8.88  ? 616 ILE A O   1 
ATOM   257  C  CB  . ILE A 1 61  ? 9.133   -0.242  4.118   1.00 10.11 ? 616 ILE A CB  1 
ATOM   258  C  CG1 . ILE A 1 61  ? 10.608  0.142   4.288   1.00 10.42 ? 616 ILE A CG1 1 
ATOM   259  C  CG2 . ILE A 1 61  ? 8.338   0.896   3.468   1.00 10.00 ? 616 ILE A CG2 1 
ATOM   260  C  CD1 . ILE A 1 61  ? 11.388  0.052   2.981   1.00 11.69 ? 616 ILE A CD1 1 
ATOM   261  N  N   . VAL A 1 62  ? 6.177   -0.022  5.706   1.00 9.29  ? 617 VAL A N   1 
ATOM   262  C  CA  . VAL A 1 62  ? 4.743   -0.111  5.463   1.00 6.93  ? 617 VAL A CA  1 
ATOM   263  C  C   . VAL A 1 62  ? 4.386   1.038   4.538   1.00 8.57  ? 617 VAL A C   1 
ATOM   264  O  O   . VAL A 1 62  ? 4.809   2.176   4.773   1.00 9.49  ? 617 VAL A O   1 
ATOM   265  C  CB  . VAL A 1 62  ? 3.940   -0.023  6.771   1.00 9.33  ? 617 VAL A CB  1 
ATOM   266  C  CG1 . VAL A 1 62  ? 2.451   -0.060  6.476   1.00 11.66 ? 617 VAL A CG1 1 
ATOM   267  C  CG2 . VAL A 1 62  ? 4.340   -1.160  7.714   1.00 11.22 ? 617 VAL A CG2 1 
ATOM   268  N  N   . GLN A 1 63  ? 3.619   0.750   3.494   1.00 8.07  ? 618 GLN A N   1 
ATOM   269  C  CA  . GLN A 1 63  ? 3.211   1.780   2.547   1.00 6.88  ? 618 GLN A CA  1 
ATOM   270  C  C   . GLN A 1 63  ? 1.702   1.739   2.371   1.00 6.60  ? 618 GLN A C   1 
ATOM   271  O  O   . GLN A 1 63  ? 1.050   0.717   2.611   1.00 8.73  ? 618 GLN A O   1 
ATOM   272  C  CB  . GLN A 1 63  ? 3.896   1.599   1.178   1.00 8.75  ? 618 GLN A CB  1 
ATOM   273  C  CG  . GLN A 1 63  ? 5.406   1.401   1.239   1.00 8.21  ? 618 GLN A CG  1 
ATOM   274  C  CD  . GLN A 1 63  ? 6.078   1.696   -0.087  1.00 10.80 ? 618 GLN A CD  1 
ATOM   275  O  OE1 . GLN A 1 63  ? 5.856   2.754   -0.672  1.00 10.24 ? 618 GLN A OE1 1 
ATOM   276  N  NE2 . GLN A 1 63  ? 6.908   0.767   -0.567  1.00 10.20 ? 618 GLN A NE2 1 
ATOM   277  N  N   . TRP A 1 64  ? 1.142   2.865   1.939   1.00 8.22  ? 619 TRP A N   1 
ATOM   278  C  CA  . TRP A 1 64  ? -0.284  2.931   1.652   1.00 8.71  ? 619 TRP A CA  1 
ATOM   279  C  C   . TRP A 1 64  ? -0.486  3.860   0.465   1.00 8.83  ? 619 TRP A C   1 
ATOM   280  O  O   . TRP A 1 64  ? 0.271   4.817   0.268   1.00 8.98  ? 619 TRP A O   1 
ATOM   281  C  CB  . TRP A 1 64  ? -1.096  3.410   2.870   1.00 10.13 ? 619 TRP A CB  1 
ATOM   282  C  CG  . TRP A 1 64  ? -0.570  4.699   3.421   1.00 8.57  ? 619 TRP A CG  1 
ATOM   283  C  CD1 . TRP A 1 64  ? -0.955  5.963   3.073   1.00 9.26  ? 619 TRP A CD1 1 
ATOM   284  C  CD2 . TRP A 1 64  ? 0.471   4.848   4.394   1.00 9.42  ? 619 TRP A CD2 1 
ATOM   285  N  NE1 . TRP A 1 64  ? -0.221  6.887   3.777   1.00 9.74  ? 619 TRP A NE1 1 
ATOM   286  C  CE2 . TRP A 1 64  ? 0.656   6.228   4.598   1.00 9.54  ? 619 TRP A CE2 1 
ATOM   287  C  CE3 . TRP A 1 64  ? 1.261   3.943   5.113   1.00 8.48  ? 619 TRP A CE3 1 
ATOM   288  C  CZ2 . TRP A 1 64  ? 1.602   6.731   5.485   1.00 10.22 ? 619 TRP A CZ2 1 
ATOM   289  C  CZ3 . TRP A 1 64  ? 2.201   4.444   6.008   1.00 11.41 ? 619 TRP A CZ3 1 
ATOM   290  C  CH2 . TRP A 1 64  ? 2.364   5.825   6.184   1.00 9.49  ? 619 TRP A CH2 1 
ATOM   291  N  N   . MET A 1 65  ? -1.493  3.553   -0.351  1.00 9.17  ? 620 MET A N   1 
ATOM   292  C  CA  . MET A 1 65  ? -1.698  4.338   -1.561  1.00 9.40  ? 620 MET A CA  1 
ATOM   293  C  C   . MET A 1 65  ? -3.128  4.156   -2.038  1.00 9.77  ? 620 MET A C   1 
ATOM   294  O  O   . MET A 1 65  ? -3.852  3.264   -1.586  1.00 9.59  ? 620 MET A O   1 
ATOM   295  C  CB  . MET A 1 65  ? -0.760  3.913   -2.689  1.00 11.06 ? 620 MET A CB  1 
ATOM   296  C  CG  . MET A 1 65  ? -0.844  2.423   -2.968  1.00 14.19 ? 620 MET A CG  1 
ATOM   297  S  SD  . MET A 1 65  ? 0.245   1.976   -4.324  1.00 17.27 ? 620 MET A SD  1 
ATOM   298  C  CE  . MET A 1 65  ? -0.533  2.871   -5.678  1.00 24.67 ? 620 MET A CE  1 
ATOM   299  N  N   . GLN A 1 66  ? -3.514  4.989   -3.003  1.00 10.44 ? 621 GLN A N   1 
ATOM   300  C  CA  . GLN A 1 66  ? -4.831  4.855   -3.609  1.00 9.91  ? 621 GLN A CA  1 
ATOM   301  C  C   . GLN A 1 66  ? -4.783  5.369   -5.037  1.00 10.14 ? 621 GLN A C   1 
ATOM   302  O  O   . GLN A 1 66  ? -3.936  6.188   -5.393  1.00 11.51 ? 621 GLN A O   1 
ATOM   303  C  CB  . GLN A 1 66  ? -5.890  5.626   -2.832  1.00 11.12 ? 621 GLN A CB  1 
ATOM   304  C  CG  . GLN A 1 66  ? -5.521  7.086   -2.647  1.00 10.76 ? 621 GLN A CG  1 
ATOM   305  C  CD  . GLN A 1 66  ? -6.690  7.879   -2.144  1.00 15.02 ? 621 GLN A CD  1 
ATOM   306  O  OE1 . GLN A 1 66  ? -7.461  8.427   -2.928  1.00 14.70 ? 621 GLN A OE1 1 
ATOM   307  N  NE2 . GLN A 1 66  ? -6.846  7.924   -0.832  1.00 13.30 ? 621 GLN A NE2 1 
ATOM   308  N  N   . VAL A 1 67  ? -5.717  4.888   -5.847  1.00 10.09 ? 622 VAL A N   1 
ATOM   309  C  CA  . VAL A 1 67  ? -5.883  5.395   -7.204  1.00 10.15 ? 622 VAL A CA  1 
ATOM   310  C  C   . VAL A 1 67  ? -7.368  5.425   -7.537  1.00 10.05 ? 622 VAL A C   1 
ATOM   311  O  O   . VAL A 1 67  ? -8.094  4.456   -7.287  1.00 10.69 ? 622 VAL A O   1 
ATOM   312  C  CB  . VAL A 1 67  ? -5.095  4.565   -8.244  1.00 12.55 ? 622 VAL A CB  1 
ATOM   313  C  CG1 . VAL A 1 67  ? -5.512  3.087   -8.237  1.00 13.51 ? 622 VAL A CG1 1 
ATOM   314  C  CG2 . VAL A 1 67  ? -5.269  5.164   -9.634  1.00 12.10 ? 622 VAL A CG2 1 
ATOM   315  N  N   . ASN A 1 68  ? -7.821  6.546   -8.094  1.00 8.74  ? 623 ASN A N   1 
ATOM   316  C  CA  . ASN A 1 68  ? -9.206  6.673   -8.523  1.00 11.54 ? 623 ASN A CA  1 
ATOM   317  C  C   . ASN A 1 68  ? -9.361  6.098   -9.922  1.00 11.84 ? 623 ASN A C   1 
ATOM   318  O  O   . ASN A 1 68  ? -8.558  6.394   -10.814 1.00 13.71 ? 623 ASN A O   1 
ATOM   319  C  CB  . ASN A 1 68  ? -9.630  8.139   -8.489  1.00 11.00 ? 623 ASN A CB  1 
ATOM   320  C  CG  . ASN A 1 68  ? -9.635  8.700   -7.077  1.00 13.24 ? 623 ASN A CG  1 
ATOM   321  O  OD1 . ASN A 1 68  ? -9.689  7.944   -6.102  1.00 12.58 ? 623 ASN A OD1 1 
ATOM   322  N  ND2 . ASN A 1 68  ? -9.572  10.022  -6.958  1.00 14.15 ? 623 ASN A ND2 1 
ATOM   323  N  N   . VAL A 1 69  ? -10.382 5.268   -10.115 1.00 10.08 ? 624 VAL A N   1 
ATOM   324  C  CA  . VAL A 1 69  ? -10.568 4.530   -11.357 1.00 11.59 ? 624 VAL A CA  1 
ATOM   325  C  C   . VAL A 1 69  ? -11.761 5.056   -12.143 1.00 15.94 ? 624 VAL A C   1 
ATOM   326  O  O   . VAL A 1 69  ? -11.642 5.379   -13.327 1.00 15.31 ? 624 VAL A O   1 
ATOM   327  C  CB  . VAL A 1 69  ? -10.704 3.014   -11.090 1.00 11.31 ? 624 VAL A CB  1 
ATOM   328  C  CG1 . VAL A 1 69  ? -11.012 2.279   -12.394 1.00 12.94 ? 624 VAL A CG1 1 
ATOM   329  C  CG2 . VAL A 1 69  ? -9.414  2.479   -10.463 1.00 11.33 ? 624 VAL A CG2 1 
ATOM   330  N  N   . GLY A 1 70  ? -12.917 5.156   -11.494 1.00 13.07 ? 625 GLY A N   1 
ATOM   331  C  CA  . GLY A 1 70  ? -14.143 5.541   -12.169 1.00 14.20 ? 625 GLY A CA  1 
ATOM   332  C  C   . GLY A 1 70  ? -15.140 4.401   -12.214 1.00 13.46 ? 625 GLY A C   1 
ATOM   333  O  O   . GLY A 1 70  ? -15.313 3.681   -11.232 1.00 13.06 ? 625 GLY A O   1 
ATOM   334  N  N   . ASP A 1 71  ? -15.799 4.212   -13.352 1.00 13.88 ? 626 ASP A N   1 
ATOM   335  C  CA  . ASP A 1 71  ? -16.815 3.177   -13.456 1.00 13.88 ? 626 ASP A CA  1 
ATOM   336  C  C   . ASP A 1 71  ? -16.165 1.818   -13.668 1.00 13.66 ? 626 ASP A C   1 
ATOM   337  O  O   . ASP A 1 71  ? -15.065 1.714   -14.219 1.00 16.51 ? 626 ASP A O   1 
ATOM   338  C  CB  . ASP A 1 71  ? -17.765 3.500   -14.616 1.00 15.99 ? 626 ASP A CB  1 
ATOM   339  C  CG  . ASP A 1 71  ? -18.947 2.553   -14.704 1.00 17.93 ? 626 ASP A CG  1 
ATOM   340  O  OD1 . ASP A 1 71  ? -19.492 2.396   -15.820 1.00 23.51 ? 626 ASP A OD1 1 
ATOM   341  O  OD2 . ASP A 1 71  ? -19.356 1.977   -13.681 1.00 15.95 ? 626 ASP A OD2 1 
ATOM   342  N  N   . HIS A 1 72  ? -16.841 0.771   -13.199 1.00 11.58 ? 627 HIS A N   1 
ATOM   343  C  CA  . HIS A 1 72  ? -16.464 -0.577  -13.598 1.00 11.23 ? 627 HIS A CA  1 
ATOM   344  C  C   . HIS A 1 72  ? -17.297 -0.979  -14.803 1.00 16.20 ? 627 HIS A C   1 
ATOM   345  O  O   . HIS A 1 72  ? -18.532 -0.980  -14.715 1.00 16.52 ? 627 HIS A O   1 
ATOM   346  C  CB  . HIS A 1 72  ? -16.651 -1.588  -12.476 1.00 14.14 ? 627 HIS A CB  1 
ATOM   347  C  CG  . HIS A 1 72  ? -15.875 -2.843  -12.705 1.00 13.91 ? 627 HIS A CG  1 
ATOM   348  N  ND1 . HIS A 1 72  ? -16.202 -3.742  -13.698 1.00 15.02 ? 627 HIS A ND1 1 
ATOM   349  C  CD2 . HIS A 1 72  ? -14.742 -3.314  -12.130 1.00 13.15 ? 627 HIS A CD2 1 
ATOM   350  C  CE1 . HIS A 1 72  ? -15.322 -4.727  -13.706 1.00 14.65 ? 627 HIS A CE1 1 
ATOM   351  N  NE2 . HIS A 1 72  ? -14.424 -4.491  -12.764 1.00 14.27 ? 627 HIS A NE2 1 
ATOM   352  N  N   . PRO A 1 73  ? -16.678 -1.317  -15.936 1.00 17.11 ? 628 PRO A N   1 
ATOM   353  C  CA  . PRO A 1 73  ? -17.443 -1.580  -17.159 1.00 17.78 ? 628 PRO A CA  1 
ATOM   354  C  C   . PRO A 1 73  ? -18.003 -2.987  -17.247 1.00 19.42 ? 628 PRO A C   1 
ATOM   355  O  O   . PRO A 1 73  ? -18.654 -3.312  -18.246 1.00 22.25 ? 628 PRO A O   1 
ATOM   356  C  CB  . PRO A 1 73  ? -16.397 -1.340  -18.254 1.00 17.27 ? 628 PRO A CB  1 
ATOM   357  C  CG  . PRO A 1 73  ? -15.128 -1.824  -17.631 1.00 17.49 ? 628 PRO A CG  1 
ATOM   358  C  CD  . PRO A 1 73  ? -15.226 -1.419  -16.165 1.00 15.50 ? 628 PRO A CD  1 
ATOM   359  N  N   . GLY A 1 74  ? -17.784 -3.818  -16.236 1.00 18.09 ? 629 GLY A N   1 
ATOM   360  C  CA  . GLY A 1 74  ? -18.123 -5.222  -16.296 1.00 18.74 ? 629 GLY A CA  1 
ATOM   361  C  C   . GLY A 1 74  ? -16.921 -6.066  -16.678 1.00 16.66 ? 629 GLY A C   1 
ATOM   362  O  O   . GLY A 1 74  ? -15.850 -5.568  -17.033 1.00 19.45 ? 629 GLY A O   1 
ATOM   363  N  N   . GLY A 1 75  ? -17.113 -7.381  -16.588 1.00 18.34 ? 630 GLY A N   1 
ATOM   364  C  CA  . GLY A 1 75  ? -16.018 -8.281  -16.886 1.00 21.19 ? 630 GLY A CA  1 
ATOM   365  C  C   . GLY A 1 75  ? -14.926 -8.185  -15.832 1.00 20.10 ? 630 GLY A C   1 
ATOM   366  O  O   . GLY A 1 75  ? -15.170 -7.842  -14.671 1.00 18.55 ? 630 GLY A O   1 
ATOM   367  N  N   . ILE A 1 76  ? -13.700 -8.466  -16.261 1.00 17.19 ? 631 ILE A N   1 
ATOM   368  C  CA  . ILE A 1 76  ? -12.531 -8.537  -15.386 1.00 15.65 ? 631 ILE A CA  1 
ATOM   369  C  C   . ILE A 1 76  ? -11.565 -7.426  -15.778 1.00 17.05 ? 631 ILE A C   1 
ATOM   370  O  O   . ILE A 1 76  ? -11.194 -7.307  -16.952 1.00 18.73 ? 631 ILE A O   1 
ATOM   371  C  CB  . ILE A 1 76  ? -11.856 -9.916  -15.494 1.00 17.06 ? 631 ILE A CB  1 
ATOM   372  C  CG1 . ILE A 1 76  ? -12.824 -11.022 -15.064 1.00 20.29 ? 631 ILE A CG1 1 
ATOM   373  C  CG2 . ILE A 1 76  ? -10.576 -9.952  -14.694 1.00 16.14 ? 631 ILE A CG2 1 
ATOM   374  C  CD1 . ILE A 1 76  ? -12.314 -12.427 -15.363 1.00 25.34 ? 631 ILE A CD1 1 
ATOM   375  N  N   . ILE A 1 77  ? -11.139 -6.628  -14.801 1.00 13.33 ? 632 ILE A N   1 
ATOM   376  C  CA  . ILE A 1 77  ? -10.292 -5.461  -15.043 1.00 13.31 ? 632 ILE A CA  1 
ATOM   377  C  C   . ILE A 1 77  ? -9.033  -5.590  -14.193 1.00 14.25 ? 632 ILE A C   1 
ATOM   378  O  O   . ILE A 1 77  ? -9.125  -5.692  -12.964 1.00 11.93 ? 632 ILE A O   1 
ATOM   379  C  CB  . ILE A 1 77  ? -11.029 -4.150  -14.719 1.00 14.34 ? 632 ILE A CB  1 
ATOM   380  C  CG1 . ILE A 1 77  ? -12.218 -3.948  -15.665 1.00 17.12 ? 632 ILE A CG1 1 
ATOM   381  C  CG2 . ILE A 1 77  ? -10.083 -2.963  -14.810 1.00 13.73 ? 632 ILE A CG2 1 
ATOM   382  C  CD1 . ILE A 1 77  ? -11.797 -3.627  -17.085 1.00 19.96 ? 632 ILE A CD1 1 
ATOM   383  N  N   . ASP A 1 78  ? -7.865  -5.576  -14.840 1.00 14.18 ? 633 ASP A N   1 
ATOM   384  C  CA  . ASP A 1 78  ? -6.576  -5.533  -14.149 1.00 14.31 ? 633 ASP A CA  1 
ATOM   385  C  C   . ASP A 1 78  ? -6.023  -4.114  -14.166 1.00 14.99 ? 633 ASP A C   1 
ATOM   386  O  O   . ASP A 1 78  ? -6.107  -3.420  -15.183 1.00 16.17 ? 633 ASP A O   1 
ATOM   387  C  CB  . ASP A 1 78  ? -5.548  -6.463  -14.806 1.00 13.97 ? 633 ASP A CB  1 
ATOM   388  C  CG  . ASP A 1 78  ? -5.858  -7.926  -14.609 1.00 21.45 ? 633 ASP A CG  1 
ATOM   389  O  OD1 . ASP A 1 78  ? -5.818  -8.680  -15.608 1.00 28.18 ? 633 ASP A OD1 1 
ATOM   390  O  OD2 . ASP A 1 78  ? -6.111  -8.338  -13.463 1.00 17.85 ? 633 ASP A OD2 1 
ATOM   391  N  N   . ARG A 1 79  ? -5.423  -3.689  -13.051 1.00 12.18 ? 634 ARG A N   1 
ATOM   392  C  CA  . ARG A 1 79  ? -4.794  -2.377  -12.993 1.00 13.12 ? 634 ARG A CA  1 
ATOM   393  C  C   . ARG A 1 79  ? -3.474  -2.464  -12.250 1.00 13.73 ? 634 ARG A C   1 
ATOM   394  O  O   . ARG A 1 79  ? -3.398  -3.080  -11.188 1.00 12.14 ? 634 ARG A O   1 
ATOM   395  C  CB  . ARG A 1 79  ? -5.697  -1.342  -12.312 1.00 11.61 ? 634 ARG A CB  1 
ATOM   396  C  CG  . ARG A 1 79  ? -5.209  0.080   -12.525 1.00 13.27 ? 634 ARG A CG  1 
ATOM   397  C  CD  . ARG A 1 79  ? -6.080  1.096   -11.819 1.00 13.19 ? 634 ARG A CD  1 
ATOM   398  N  NE  . ARG A 1 79  ? -5.621  2.450   -12.117 1.00 13.75 ? 634 ARG A NE  1 
ATOM   399  C  CZ  . ARG A 1 79  ? -6.160  3.249   -13.037 1.00 15.25 ? 634 ARG A CZ  1 
ATOM   400  N  NH1 . ARG A 1 79  ? -7.206  2.849   -13.763 1.00 15.11 ? 634 ARG A NH1 1 
ATOM   401  N  NH2 . ARG A 1 79  ? -5.650  4.463   -13.228 1.00 17.12 ? 634 ARG A NH2 1 
ATOM   402  N  N   . THR A 1 80  ? -2.444  -1.827  -12.804 1.00 13.02 ? 635 THR A N   1 
ATOM   403  C  CA  . THR A 1 80  ? -1.132  -1.769  -12.172 1.00 12.47 ? 635 THR A CA  1 
ATOM   404  C  C   . THR A 1 80  ? -1.043  -0.551  -11.260 1.00 14.19 ? 635 THR A C   1 
ATOM   405  O  O   . THR A 1 80  ? -1.374  0.564   -11.674 1.00 14.81 ? 635 THR A O   1 
ATOM   406  C  CB  . THR A 1 80  ? -0.041  -1.704  -13.240 1.00 13.30 ? 635 THR A CB  1 
ATOM   407  O  OG1 . THR A 1 80  ? -0.160  -2.850  -14.081 1.00 14.56 ? 635 THR A OG1 1 
ATOM   408  C  CG2 . THR A 1 80  ? 1.333   -1.674  -12.600 1.00 15.30 ? 635 THR A CG2 1 
ATOM   409  N  N   . LEU A 1 81  ? -0.610  -0.774  -10.022 1.00 12.20 ? 636 LEU A N   1 
ATOM   410  C  CA  . LEU A 1 81  ? -0.385  0.281   -9.047  1.00 11.99 ? 636 LEU A CA  1 
ATOM   411  C  C   . LEU A 1 81  ? 1.095   0.314   -8.698  1.00 13.26 ? 636 LEU A C   1 
ATOM   412  O  O   . LEU A 1 81  ? 1.719   -0.734  -8.527  1.00 16.47 ? 636 LEU A O   1 
ATOM   413  C  CB  . LEU A 1 81  ? -1.220  0.056   -7.772  1.00 11.20 ? 636 LEU A CB  1 
ATOM   414  C  CG  . LEU A 1 81  ? -2.687  0.508   -7.778  1.00 13.91 ? 636 LEU A CG  1 
ATOM   415  C  CD1 . LEU A 1 81  ? -3.521  -0.254  -8.802  1.00 15.42 ? 636 LEU A CD1 1 
ATOM   416  C  CD2 . LEU A 1 81  ? -3.273  0.331   -6.394  1.00 15.20 ? 636 LEU A CD2 1 
ATOM   417  N  N   . THR A 1 82  ? 1.655   1.516   -8.592  1.00 13.04 ? 637 THR A N   1 
ATOM   418  C  CA  . THR A 1 82  ? 3.066   1.697   -8.277  1.00 11.53 ? 637 THR A CA  1 
ATOM   419  C  C   . THR A 1 82  ? 3.205   2.219   -6.853  1.00 11.96 ? 637 THR A C   1 
ATOM   420  O  O   . THR A 1 82  ? 2.571   3.215   -6.497  1.00 12.42 ? 637 THR A O   1 
ATOM   421  C  CB  . THR A 1 82  ? 3.717   2.667   -9.264  1.00 13.12 ? 637 THR A CB  1 
ATOM   422  O  OG1 . THR A 1 82  ? 3.483   2.202   -10.604 1.00 15.60 ? 637 THR A OG1 1 
ATOM   423  C  CG2 . THR A 1 82  ? 5.222   2.767   -9.006  1.00 15.20 ? 637 THR A CG2 1 
ATOM   424  N  N   . PHE A 1 83  ? 4.018   1.544   -6.039  1.00 11.89 ? 638 PHE A N   1 
ATOM   425  C  CA  . PHE A 1 83  ? 4.161   1.940   -4.641  1.00 9.25  ? 638 PHE A CA  1 
ATOM   426  C  C   . PHE A 1 83  ? 4.780   3.331   -4.527  1.00 11.55 ? 638 PHE A C   1 
ATOM   427  O  O   . PHE A 1 83  ? 5.571   3.742   -5.387  1.00 12.25 ? 638 PHE A O   1 
ATOM   428  C  CB  . PHE A 1 83  ? 5.035   0.947   -3.872  1.00 9.78  ? 638 PHE A CB  1 
ATOM   429  C  CG  . PHE A 1 83  ? 4.448   -0.425  -3.760  1.00 11.13 ? 638 PHE A CG  1 
ATOM   430  C  CD1 . PHE A 1 83  ? 3.109   -0.605  -3.439  1.00 11.99 ? 638 PHE A CD1 1 
ATOM   431  C  CD2 . PHE A 1 83  ? 5.248   -1.549  -3.967  1.00 8.84  ? 638 PHE A CD2 1 
ATOM   432  C  CE1 . PHE A 1 83  ? 2.571   -1.887  -3.333  1.00 11.93 ? 638 PHE A CE1 1 
ATOM   433  C  CE2 . PHE A 1 83  ? 4.724   -2.828  -3.871  1.00 8.81  ? 638 PHE A CE2 1 
ATOM   434  C  CZ  . PHE A 1 83  ? 3.380   -3.000  -3.548  1.00 11.78 ? 638 PHE A CZ  1 
ATOM   435  N  N   . PRO A 1 84  ? 4.455   4.068   -3.456  1.00 11.30 ? 639 PRO A N   1 
ATOM   436  C  CA  . PRO A 1 84  ? 5.081   5.385   -3.243  1.00 11.45 ? 639 PRO A CA  1 
ATOM   437  C  C   . PRO A 1 84  ? 6.599   5.372   -3.332  1.00 13.07 ? 639 PRO A C   1 
ATOM   438  O  O   . PRO A 1 84  ? 7.192   6.288   -3.917  1.00 13.54 ? 639 PRO A O   1 
ATOM   439  C  CB  . PRO A 1 84  ? 4.590   5.761   -1.840  1.00 12.07 ? 639 PRO A CB  1 
ATOM   440  C  CG  . PRO A 1 84  ? 3.235   5.121   -1.754  1.00 11.69 ? 639 PRO A CG  1 
ATOM   441  C  CD  . PRO A 1 84  ? 3.386   3.795   -2.474  1.00 10.44 ? 639 PRO A CD  1 
ATOM   442  N  N   . ILE A 1 85  ? 7.244   4.353   -2.768  1.00 11.39 ? 640 ILE A N   1 
ATOM   443  C  CA  . ILE A 1 85  ? 8.665   4.100   -2.970  1.00 11.23 ? 640 ILE A CA  1 
ATOM   444  C  C   . ILE A 1 85  ? 8.821   2.620   -3.268  1.00 11.55 ? 640 ILE A C   1 
ATOM   445  O  O   . ILE A 1 85  ? 7.970   1.804   -2.905  1.00 12.48 ? 640 ILE A O   1 
ATOM   446  C  CB  . ILE A 1 85  ? 9.545   4.507   -1.759  1.00 12.04 ? 640 ILE A CB  1 
ATOM   447  C  CG1 . ILE A 1 85  ? 9.131   3.750   -0.487  1.00 11.24 ? 640 ILE A CG1 1 
ATOM   448  C  CG2 . ILE A 1 85  ? 9.493   6.022   -1.539  1.00 13.79 ? 640 ILE A CG2 1 
ATOM   449  C  CD1 . ILE A 1 85  ? 10.068  3.964   0.689   1.00 15.34 ? 640 ILE A CD1 1 
ATOM   450  N  N   . ALA A 1 86  ? 9.899   2.270   -3.960  1.00 11.48 ? 641 ALA A N   1 
ATOM   451  C  CA  . ALA A 1 86  ? 10.162  0.859   -4.190  1.00 13.13 ? 641 ALA A CA  1 
ATOM   452  C  C   . ALA A 1 86  ? 10.657  0.224   -2.901  1.00 11.95 ? 641 ALA A C   1 
ATOM   453  O  O   . ALA A 1 86  ? 11.434  0.828   -2.156  1.00 15.41 ? 641 ALA A O   1 
ATOM   454  C  CB  . ALA A 1 86  ? 11.194  0.670   -5.305  1.00 15.90 ? 641 ALA A CB  1 
ATOM   455  N  N   . PHE A 1 87  ? 10.187  -0.985  -2.617  1.00 10.38 ? 642 PHE A N   1 
ATOM   456  C  CA  . PHE A 1 87  ? 10.811  -1.765  -1.553  1.00 8.87  ? 642 PHE A CA  1 
ATOM   457  C  C   . PHE A 1 87  ? 12.216  -2.157  -1.999  1.00 11.96 ? 642 PHE A C   1 
ATOM   458  O  O   . PHE A 1 87  ? 12.378  -2.680  -3.104  1.00 11.70 ? 642 PHE A O   1 
ATOM   459  C  CB  . PHE A 1 87  ? 10.004  -3.028  -1.236  1.00 10.75 ? 642 PHE A CB  1 
ATOM   460  C  CG  . PHE A 1 87  ? 8.671   -2.769  -0.584  1.00 9.20  ? 642 PHE A CG  1 
ATOM   461  C  CD1 . PHE A 1 87  ? 8.600   -2.395  0.755   1.00 9.37  ? 642 PHE A CD1 1 
ATOM   462  C  CD2 . PHE A 1 87  ? 7.488   -2.945  -1.293  1.00 9.49  ? 642 PHE A CD2 1 
ATOM   463  C  CE1 . PHE A 1 87  ? 7.371   -2.174  1.366   1.00 9.03  ? 642 PHE A CE1 1 
ATOM   464  C  CE2 . PHE A 1 87  ? 6.252   -2.722  -0.691  1.00 9.24  ? 642 PHE A CE2 1 
ATOM   465  C  CZ  . PHE A 1 87  ? 6.188   -2.348  0.640   1.00 9.53  ? 642 PHE A CZ  1 
ATOM   466  N  N   . PRO A 1 88  ? 13.247  -1.922  -1.185  1.00 10.78 ? 643 PRO A N   1 
ATOM   467  C  CA  . PRO A 1 88  ? 14.610  -2.243  -1.636  1.00 13.68 ? 643 PRO A CA  1 
ATOM   468  C  C   . PRO A 1 88  ? 14.842  -3.721  -1.883  1.00 13.49 ? 643 PRO A C   1 
ATOM   469  O  O   . PRO A 1 88  ? 15.698  -4.075  -2.709  1.00 12.88 ? 643 PRO A O   1 
ATOM   470  C  CB  . PRO A 1 88  ? 15.487  -1.716  -0.489  1.00 13.52 ? 643 PRO A CB  1 
ATOM   471  C  CG  . PRO A 1 88  ? 14.659  -0.641  0.146   1.00 16.98 ? 643 PRO A CG  1 
ATOM   472  C  CD  . PRO A 1 88  ? 13.248  -1.165  0.077   1.00 13.72 ? 643 PRO A CD  1 
ATOM   473  N  N   . SER A 1 89  ? 14.118  -4.603  -1.195  1.00 10.71 ? 644 SER A N   1 
ATOM   474  C  CA  . SER A 1 89  ? 14.348  -6.034  -1.343  1.00 12.31 ? 644 SER A CA  1 
ATOM   475  C  C   . SER A 1 89  ? 13.105  -6.798  -1.763  1.00 13.49 ? 644 SER A C   1 
ATOM   476  O  O   . SER A 1 89  ? 13.166  -7.578  -2.723  1.00 15.19 ? 644 SER A O   1 
ATOM   477  C  CB  . SER A 1 89  ? 14.909  -6.614  -0.038  1.00 15.25 ? 644 SER A CB  1 
ATOM   478  O  OG  . SER A 1 89  ? 16.205  -6.086  0.220   1.00 14.84 ? 644 SER A OG  1 
ATOM   479  N  N   . ALA A 1 90  ? 11.982  -6.614  -1.074  1.00 12.12 ? 645 ALA A N   1 
ATOM   480  C  CA  . ALA A 1 90  ? 10.802  -7.408  -1.404  1.00 12.49 ? 645 ALA A CA  1 
ATOM   481  C  C   . ALA A 1 90  ? 9.562   -6.786  -0.791  1.00 12.40 ? 645 ALA A C   1 
ATOM   482  O  O   . ALA A 1 90  ? 9.618   -6.185  0.285   1.00 10.99 ? 645 ALA A O   1 
ATOM   483  C  CB  . ALA A 1 90  ? 10.940  -8.855  -0.910  1.00 14.35 ? 645 ALA A CB  1 
ATOM   484  N  N   . CYS A 1 91  ? 8.439   -6.955  -1.483  1.00 9.85  ? 646 CYS A N   1 
ATOM   485  C  CA  . CYS A 1 91  ? 7.133   -6.753  -0.875  1.00 10.53 ? 646 CYS A CA  1 
ATOM   486  C  C   . CYS A 1 91  ? 6.633   -8.089  -0.340  1.00 13.21 ? 646 CYS A C   1 
ATOM   487  O  O   . CYS A 1 91  ? 6.578   -9.077  -1.081  1.00 12.83 ? 646 CYS A O   1 
ATOM   488  C  CB  . CYS A 1 91  ? 6.144   -6.177  -1.884  1.00 11.23 ? 646 CYS A CB  1 
ATOM   489  S  SG  . CYS A 1 91  ? 4.488   -5.983  -1.169  1.00 12.37 ? 646 CYS A SG  1 
ATOM   490  N  N   . LEU A 1 92  ? 6.291   -8.118  0.949   1.00 8.76  ? 647 LEU A N   1 
ATOM   491  C  CA  . LEU A 1 92  ? 5.847   -9.334  1.623   1.00 9.76  ? 647 LEU A CA  1 
ATOM   492  C  C   . LEU A 1 92  ? 4.335   -9.508  1.615   1.00 11.41 ? 647 LEU A C   1 
ATOM   493  O  O   . LEU A 1 92  ? 3.853   -10.647 1.606   1.00 14.20 ? 647 LEU A O   1 
ATOM   494  C  CB  . LEU A 1 92  ? 6.345   -9.328  3.075   1.00 8.42  ? 647 LEU A CB  1 
ATOM   495  C  CG  . LEU A 1 92  ? 7.868   -9.315  3.210   1.00 11.06 ? 647 LEU A CG  1 
ATOM   496  C  CD1 . LEU A 1 92  ? 8.264   -9.174  4.671   1.00 12.19 ? 647 LEU A CD1 1 
ATOM   497  C  CD2 . LEU A 1 92  ? 8.464   -10.591 2.579   1.00 11.83 ? 647 LEU A CD2 1 
ATOM   498  N  N   . HIS A 1 93  ? 3.568   -8.419  1.606   1.00 10.11 ? 648 HIS A N   1 
ATOM   499  C  CA  . HIS A 1 93  ? 2.127   -8.527  1.793   1.00 8.07  ? 648 HIS A CA  1 
ATOM   500  C  C   . HIS A 1 93  ? 1.443   -7.293  1.215   1.00 8.40  ? 648 HIS A C   1 
ATOM   501  O  O   . HIS A 1 93  ? 1.968   -6.186  1.333   1.00 9.11  ? 648 HIS A O   1 
ATOM   502  C  CB  . HIS A 1 93  ? 1.812   -8.651  3.283   1.00 9.35  ? 648 HIS A CB  1 
ATOM   503  C  CG  . HIS A 1 93  ? 0.441   -9.168  3.585   1.00 8.90  ? 648 HIS A CG  1 
ATOM   504  N  ND1 . HIS A 1 93  ? 0.141   -10.514 3.574   1.00 9.09  ? 648 HIS A ND1 1 
ATOM   505  C  CD2 . HIS A 1 93  ? -0.691  -8.530  3.969   1.00 10.11 ? 648 HIS A CD2 1 
ATOM   506  C  CE1 . HIS A 1 93  ? -1.127  -10.680 3.908   1.00 9.63  ? 648 HIS A CE1 1 
ATOM   507  N  NE2 . HIS A 1 93  ? -1.654  -9.493  4.156   1.00 10.36 ? 648 HIS A NE2 1 
ATOM   508  N  N   . VAL A 1 94  ? 0.268   -7.480  0.612   1.00 9.45  ? 649 VAL A N   1 
ATOM   509  C  CA  . VAL A 1 94  ? -0.555  -6.352  0.189   1.00 8.91  ? 649 VAL A CA  1 
ATOM   510  C  C   . VAL A 1 94  ? -1.965  -6.550  0.717   1.00 11.03 ? 649 VAL A C   1 
ATOM   511  O  O   . VAL A 1 94  ? -2.435  -7.681  0.894   1.00 9.37  ? 649 VAL A O   1 
ATOM   512  C  CB  . VAL A 1 94  ? -0.595  -6.151  -1.343  1.00 9.99  ? 649 VAL A CB  1 
ATOM   513  C  CG1 . VAL A 1 94  ? 0.770   -5.718  -1.859  1.00 10.81 ? 649 VAL A CG1 1 
ATOM   514  C  CG2 . VAL A 1 94  ? -1.102  -7.415  -2.032  1.00 12.49 ? 649 VAL A CG2 1 
ATOM   515  N  N   . VAL A 1 95  ? -2.637  -5.430  0.967   1.00 8.21  ? 650 VAL A N   1 
ATOM   516  C  CA  . VAL A 1 95  ? -3.998  -5.411  1.496   1.00 8.31  ? 650 VAL A CA  1 
ATOM   517  C  C   . VAL A 1 95  ? -4.826  -4.486  0.614   1.00 8.97  ? 650 VAL A C   1 
ATOM   518  O  O   . VAL A 1 95  ? -4.861  -3.269  0.851   1.00 8.54  ? 650 VAL A O   1 
ATOM   519  C  CB  . VAL A 1 95  ? -4.025  -4.955  2.962   1.00 8.71  ? 650 VAL A CB  1 
ATOM   520  C  CG1 . VAL A 1 95  ? -5.416  -5.148  3.541   1.00 10.92 ? 650 VAL A CG1 1 
ATOM   521  C  CG2 . VAL A 1 95  ? -2.987  -5.727  3.786   1.00 12.20 ? 650 VAL A CG2 1 
ATOM   522  N  N   . PRO A 1 96  ? -5.493  -5.012  -0.413  1.00 9.92  ? 651 PRO A N   1 
ATOM   523  C  CA  . PRO A 1 96  ? -6.294  -4.173  -1.315  1.00 9.46  ? 651 PRO A CA  1 
ATOM   524  C  C   . PRO A 1 96  ? -7.742  -4.054  -0.862  1.00 9.64  ? 651 PRO A C   1 
ATOM   525  O  O   . PRO A 1 96  ? -8.379  -5.031  -0.463  1.00 9.56  ? 651 PRO A O   1 
ATOM   526  C  CB  . PRO A 1 96  ? -6.206  -4.931  -2.648  1.00 10.24 ? 651 PRO A CB  1 
ATOM   527  C  CG  . PRO A 1 96  ? -6.108  -6.385  -2.231  1.00 12.56 ? 651 PRO A CG  1 
ATOM   528  C  CD  . PRO A 1 96  ? -5.367  -6.401  -0.893  1.00 10.28 ? 651 PRO A CD  1 
ATOM   529  N  N   . THR A 1 97  ? -8.261  -2.828  -0.928  1.00 9.33  ? 652 THR A N   1 
ATOM   530  C  CA  . THR A 1 97  ? -9.661  -2.549  -0.617  1.00 10.60 ? 652 THR A CA  1 
ATOM   531  C  C   . THR A 1 97  ? -10.197 -1.529  -1.623  1.00 9.02  ? 652 THR A C   1 
ATOM   532  O  O   . THR A 1 97  ? -9.449  -0.960  -2.424  1.00 9.90  ? 652 THR A O   1 
ATOM   533  C  CB  . THR A 1 97  ? -9.855  -2.051  0.835   1.00 11.68 ? 652 THR A CB  1 
ATOM   534  O  OG1 . THR A 1 97  ? -9.103  -0.851  1.067   1.00 11.15 ? 652 THR A OG1 1 
ATOM   535  C  CG2 . THR A 1 97  ? -9.422  -3.121  1.860   1.00 9.85  ? 652 THR A CG2 1 
ATOM   536  N  N   . VAL A 1 98  ? -11.512 -1.303  -1.582  1.00 10.12 ? 653 VAL A N   1 
ATOM   537  C  CA  . VAL A 1 98  ? -12.205 -0.459  -2.557  1.00 10.48 ? 653 VAL A CA  1 
ATOM   538  C  C   . VAL A 1 98  ? -12.603 0.849   -1.881  1.00 9.86  ? 653 VAL A C   1 
ATOM   539  O  O   . VAL A 1 98  ? -13.132 0.842   -0.761  1.00 9.59  ? 653 VAL A O   1 
ATOM   540  C  CB  . VAL A 1 98  ? -13.436 -1.181  -3.142  1.00 9.53  ? 653 VAL A CB  1 
ATOM   541  C  CG1 . VAL A 1 98  ? -14.206 -0.272  -4.105  1.00 9.41  ? 653 VAL A CG1 1 
ATOM   542  C  CG2 . VAL A 1 98  ? -13.015 -2.470  -3.845  1.00 10.81 ? 653 VAL A CG2 1 
ATOM   543  N  N   . LYS A 1 99  ? -12.346 1.973   -2.555  1.00 9.16  ? 654 LYS A N   1 
ATOM   544  C  CA  . LYS A 1 99  ? -12.838 3.263   -2.091  1.00 9.71  ? 654 LYS A CA  1 
ATOM   545  C  C   . LYS A 1 99  ? -13.936 3.760   -3.026  1.00 11.28 ? 654 LYS A C   1 
ATOM   546  O  O   . LYS A 1 99  ? -13.971 3.422   -4.214  1.00 10.67 ? 654 LYS A O   1 
ATOM   547  C  CB  . LYS A 1 99  ? -11.714 4.312   -1.987  1.00 11.90 ? 654 LYS A CB  1 
ATOM   548  C  CG  . LYS A 1 99  ? -10.997 4.679   -3.271  1.00 14.21 ? 654 LYS A CG  1 
ATOM   549  C  CD  . LYS A 1 99  ? -10.104 5.943   -3.098  1.00 12.62 ? 654 LYS A CD  1 
ATOM   550  C  CE  . LYS A 1 99  ? -10.927 7.216   -2.932  1.00 13.18 ? 654 LYS A CE  1 
ATOM   551  N  NZ  . LYS A 1 99  ? -10.232 8.463   -3.425  1.00 13.05 ? 654 LYS A NZ  1 
ATOM   552  N  N   . GLU A 1 100 ? -14.852 4.542   -2.473  1.00 9.27  ? 655 GLU A N   1 
ATOM   553  C  CA  . GLU A 1 100 ? -15.890 5.191   -3.268  1.00 10.57 ? 655 GLU A CA  1 
ATOM   554  C  C   . GLU A 1 100 ? -15.506 6.645   -3.502  1.00 14.32 ? 655 GLU A C   1 
ATOM   555  O  O   . GLU A 1 100 ? -15.350 7.415   -2.545  1.00 13.41 ? 655 GLU A O   1 
ATOM   556  C  CB  . GLU A 1 100 ? -17.250 5.119   -2.582  1.00 14.15 ? 655 GLU A CB  1 
ATOM   557  C  CG  . GLU A 1 100 ? -18.360 5.606   -3.498  1.00 15.71 ? 655 GLU A CG  1 
ATOM   558  C  CD  . GLU A 1 100 ? -19.725 5.405   -2.897  1.00 18.64 ? 655 GLU A CD  1 
ATOM   559  O  OE1 . GLU A 1 100 ? -20.272 6.371   -2.328  1.00 20.94 ? 655 GLU A OE1 1 
ATOM   560  O  OE2 . GLU A 1 100 ? -20.236 4.274   -2.966  1.00 20.52 ? 655 GLU A OE2 1 
ATOM   561  N  N   . VAL A 1 101 ? -15.362 7.016   -4.770  1.00 10.33 ? 656 VAL A N   1 
ATOM   562  C  CA  . VAL A 1 101 ? -15.020 8.392   -5.134  1.00 11.73 ? 656 VAL A CA  1 
ATOM   563  C  C   . VAL A 1 101 ? -16.276 9.248   -5.257  1.00 15.86 ? 656 VAL A C   1 
ATOM   564  O  O   . VAL A 1 101 ? -16.267 10.439  -4.931  1.00 15.54 ? 656 VAL A O   1 
ATOM   565  C  CB  . VAL A 1 101 ? -14.199 8.397   -6.443  1.00 16.02 ? 656 VAL A CB  1 
ATOM   566  C  CG1 . VAL A 1 101 ? -13.682 9.802   -6.765  1.00 15.85 ? 656 VAL A CG1 1 
ATOM   567  C  CG2 . VAL A 1 101 ? -13.045 7.405   -6.364  1.00 13.35 ? 656 VAL A CG2 1 
ATOM   568  N  N   . GLY A 1 102 ? -17.353 8.642   -5.742  1.00 14.50 ? 657 GLY A N   1 
ATOM   569  C  CA  . GLY A 1 102 ? -18.661 9.256   -5.864  1.00 16.58 ? 657 GLY A CA  1 
ATOM   570  C  C   . GLY A 1 102 ? -19.664 8.143   -6.076  1.00 16.27 ? 657 GLY A C   1 
ATOM   571  O  O   . GLY A 1 102 ? -19.299 6.974   -6.208  1.00 15.79 ? 657 GLY A O   1 
ATOM   572  N  N   . ARG A 1 103 ? -20.947 8.508   -6.110  1.00 18.38 ? 658 ARG A N   1 
ATOM   573  C  CA  . ARG A 1 103 ? -22.029 7.532   -6.255  1.00 16.13 ? 658 ARG A CA  1 
ATOM   574  C  C   . ARG A 1 103 ? -22.941 7.929   -7.409  1.00 20.48 ? 658 ARG A C   1 
ATOM   575  O  O   . ARG A 1 103 ? -24.030 8.478   -7.193  1.00 19.38 ? 658 ARG A O   1 
ATOM   576  C  CB  . ARG A 1 103 ? -22.828 7.387   -4.960  1.00 14.97 ? 658 ARG A CB  1 
ATOM   577  C  CG  . ARG A 1 103 ? -23.724 6.154   -4.946  1.00 17.47 ? 658 ARG A CG  1 
ATOM   578  C  CD  . ARG A 1 103 ? -24.332 5.929   -3.570  1.00 21.22 ? 658 ARG A CD  1 
ATOM   579  N  NE  . ARG A 1 103 ? -23.296 5.749   -2.561  1.00 18.91 ? 658 ARG A NE  1 
ATOM   580  C  CZ  . ARG A 1 103 ? -23.520 5.747   -1.256  1.00 16.84 ? 658 ARG A CZ  1 
ATOM   581  N  NH1 . ARG A 1 103 ? -24.759 5.914   -0.788  1.00 17.95 ? 658 ARG A NH1 1 
ATOM   582  N  NH2 . ARG A 1 103 ? -22.506 5.589   -0.414  1.00 17.42 ? 658 ARG A NH2 1 
ATOM   583  N  N   . PRO A 1 104 ? -22.534 7.646   -8.650  1.00 18.92 ? 659 PRO A N   1 
ATOM   584  C  CA  . PRO A 1 104 ? -23.357 8.075   -9.797  1.00 17.44 ? 659 PRO A CA  1 
ATOM   585  C  C   . PRO A 1 104 ? -24.654 7.295   -9.945  1.00 24.15 ? 659 PRO A C   1 
ATOM   586  O  O   . PRO A 1 104 ? -25.696 7.892   -10.241 1.00 26.72 ? 659 PRO A O   1 
ATOM   587  C  CB  . PRO A 1 104 ? -22.418 7.869   -10.993 1.00 21.40 ? 659 PRO A CB  1 
ATOM   588  C  CG  . PRO A 1 104 ? -21.430 6.856   -10.539 1.00 19.77 ? 659 PRO A CG  1 
ATOM   589  C  CD  . PRO A 1 104 ? -21.244 7.073   -9.070  1.00 16.64 ? 659 PRO A CD  1 
ATOM   590  N  N   . ALA A 1 105 ? -24.627 5.977   -9.760  1.00 19.16 ? 660 ALA A N   1 
ATOM   591  C  CA  . ALA A 1 105 ? -25.835 5.172   -9.885  1.00 19.96 ? 660 ALA A CA  1 
ATOM   592  C  C   . ALA A 1 105 ? -25.906 4.150   -8.761  1.00 22.39 ? 660 ALA A C   1 
ATOM   593  O  O   . ALA A 1 105 ? -26.976 3.909   -8.195  1.00 23.28 ? 660 ALA A O   1 
ATOM   594  C  CB  . ALA A 1 105 ? -25.888 4.477   -11.247 1.00 23.44 ? 660 ALA A CB  1 
ATOM   595  N  N   . THR A 1 106 ? -24.768 3.547   -8.425  1.00 16.49 ? 661 THR A N   1 
ATOM   596  C  CA  . THR A 1 106 ? -24.708 2.607   -7.317  1.00 18.13 ? 661 THR A CA  1 
ATOM   597  C  C   . THR A 1 106 ? -23.389 2.811   -6.582  1.00 15.06 ? 661 THR A C   1 
ATOM   598  O  O   . THR A 1 106 ? -22.547 3.617   -6.983  1.00 15.98 ? 661 THR A O   1 
ATOM   599  C  CB  . THR A 1 106 ? -24.879 1.153   -7.782  1.00 19.35 ? 661 THR A CB  1 
ATOM   600  O  OG1 . THR A 1 106 ? -25.081 0.312   -6.637  1.00 20.23 ? 661 THR A OG1 1 
ATOM   601  C  CG2 . THR A 1 106 ? -23.656 0.666   -8.568  1.00 18.30 ? 661 THR A CG2 1 
ATOM   602  N  N   . SER A 1 107 ? -23.234 2.095   -5.477  1.00 15.38 ? 662 SER A N   1 
ATOM   603  C  CA  . SER A 1 107 ? -22.095 2.311   -4.597  1.00 15.57 ? 662 SER A CA  1 
ATOM   604  C  C   . SER A 1 107 ? -20.888 1.490   -5.043  1.00 12.16 ? 662 SER A C   1 
ATOM   605  O  O   . SER A 1 107 ? -21.010 0.465   -5.721  1.00 13.46 ? 662 SER A O   1 
ATOM   606  C  CB  . SER A 1 107 ? -22.458 1.954   -3.157  1.00 17.43 ? 662 SER A CB  1 
ATOM   607  O  OG  . SER A 1 107 ? -22.737 0.570   -3.061  1.00 20.94 ? 662 SER A OG  1 
ATOM   608  N  N   . ALA A 1 108 ? -19.706 1.955   -4.636  1.00 14.38 ? 663 ALA A N   1 
ATOM   609  C  CA  . ALA A 1 108 ? -18.468 1.260   -4.980  1.00 11.09 ? 663 ALA A CA  1 
ATOM   610  C  C   . ALA A 1 108 ? -18.315 -0.066  -4.248  1.00 11.49 ? 663 ALA A C   1 
ATOM   611  O  O   . ALA A 1 108 ? -17.445 -0.863  -4.619  1.00 11.38 ? 663 ALA A O   1 
ATOM   612  C  CB  . ALA A 1 108 ? -17.261 2.155   -4.693  1.00 10.54 ? 663 ALA A CB  1 
ATOM   613  N  N   . SER A 1 109 ? -19.128 -0.326  -3.223  1.00 13.40 ? 664 SER A N   1 
ATOM   614  C  CA  . SER A 1 109 ? -19.098 -1.628  -2.571  1.00 12.90 ? 664 SER A CA  1 
ATOM   615  C  C   . SER A 1 109 ? -19.594 -2.750  -3.480  1.00 12.69 ? 664 SER A C   1 
ATOM   616  O  O   . SER A 1 109 ? -19.412 -3.925  -3.141  1.00 12.85 ? 664 SER A O   1 
ATOM   617  C  CB  . SER A 1 109 ? -19.924 -1.592  -1.281  1.00 13.27 ? 664 SER A CB  1 
ATOM   618  O  OG  . SER A 1 109 ? -21.296 -1.337  -1.549  1.00 13.13 ? 664 SER A OG  1 
ATOM   619  N  N   . THR A 1 110 ? -20.215 -2.426  -4.619  1.00 10.78 ? 665 THR A N   1 
ATOM   620  C  CA  . THR A 1 110 ? -20.551 -3.449  -5.603  1.00 13.63 ? 665 THR A CA  1 
ATOM   621  C  C   . THR A 1 110 ? -19.356 -3.855  -6.461  1.00 12.90 ? 665 THR A C   1 
ATOM   622  O  O   . THR A 1 110 ? -19.505 -4.721  -7.328  1.00 13.05 ? 665 THR A O   1 
ATOM   623  C  CB  . THR A 1 110 ? -21.698 -2.975  -6.509  1.00 13.39 ? 665 THR A CB  1 
ATOM   624  O  OG1 . THR A 1 110 ? -21.273 -1.834  -7.264  1.00 14.28 ? 665 THR A OG1 1 
ATOM   625  C  CG2 . THR A 1 110 ? -22.922 -2.602  -5.682  1.00 16.58 ? 665 THR A CG2 1 
ATOM   626  N  N   . VAL A 1 111 ? -18.184 -3.264  -6.231  1.00 10.79 ? 666 VAL A N   1 
ATOM   627  C  CA  . VAL A 1 111 ? -16.933 -3.661  -6.871  1.00 12.66 ? 666 VAL A CA  1 
ATOM   628  C  C   . VAL A 1 111 ? -16.066 -4.337  -5.817  1.00 10.68 ? 666 VAL A C   1 
ATOM   629  O  O   . VAL A 1 111 ? -16.004 -3.878  -4.671  1.00 12.80 ? 666 VAL A O   1 
ATOM   630  C  CB  . VAL A 1 111 ? -16.206 -2.445  -7.485  1.00 11.28 ? 666 VAL A CB  1 
ATOM   631  C  CG1 . VAL A 1 111 ? -14.851 -2.848  -8.079  1.00 9.56  ? 666 VAL A CG1 1 
ATOM   632  C  CG2 . VAL A 1 111 ? -17.077 -1.758  -8.539  1.00 13.66 ? 666 VAL A CG2 1 
ATOM   633  N  N   . THR A 1 112 ? -15.421 -5.443  -6.187  1.00 10.44 ? 667 THR A N   1 
ATOM   634  C  CA  . THR A 1 112 ? -14.532 -6.144  -5.268  1.00 10.41 ? 667 THR A CA  1 
ATOM   635  C  C   . THR A 1 112 ? -13.192 -6.396  -5.945  1.00 12.39 ? 667 THR A C   1 
ATOM   636  O  O   . THR A 1 112 ? -13.083 -6.375  -7.174  1.00 11.97 ? 667 THR A O   1 
ATOM   637  C  CB  . THR A 1 112 ? -15.134 -7.474  -4.787  1.00 12.59 ? 667 THR A CB  1 
ATOM   638  O  OG1 . THR A 1 112 ? -15.286 -8.350  -5.906  1.00 14.79 ? 667 THR A OG1 1 
ATOM   639  C  CG2 . THR A 1 112 ? -16.505 -7.250  -4.132  1.00 11.96 ? 667 THR A CG2 1 
ATOM   640  N  N   . VAL A 1 113 ? -12.163 -6.642  -5.125  1.00 12.06 ? 668 VAL A N   1 
ATOM   641  C  CA  . VAL A 1 113 ? -10.793 -6.696  -5.621  1.00 10.02 ? 668 VAL A CA  1 
ATOM   642  C  C   . VAL A 1 113 ? -10.051 -7.898  -5.050  1.00 11.06 ? 668 VAL A C   1 
ATOM   643  O  O   . VAL A 1 113 ? -10.413 -8.463  -4.011  1.00 12.35 ? 668 VAL A O   1 
ATOM   644  C  CB  . VAL A 1 113 ? -9.996  -5.405  -5.308  1.00 9.68  ? 668 VAL A CB  1 
ATOM   645  C  CG1 . VAL A 1 113 ? -10.551 -4.218  -6.089  1.00 8.64  ? 668 VAL A CG1 1 
ATOM   646  C  CG2 . VAL A 1 113 ? -10.001 -5.120  -3.809  1.00 10.15 ? 668 VAL A CG2 1 
ATOM   647  N  N   . ALA A 1 114 ? -8.985  -8.272  -5.757  1.00 9.22  ? 669 ALA A N   1 
ATOM   648  C  CA  . ALA A 1 114 ? -8.004  -9.248  -5.301  1.00 8.31  ? 669 ALA A CA  1 
ATOM   649  C  C   . ALA A 1 114 ? -6.662  -8.867  -5.907  1.00 10.56 ? 669 ALA A C   1 
ATOM   650  O  O   . ALA A 1 114 ? -6.600  -8.199  -6.944  1.00 11.21 ? 669 ALA A O   1 
ATOM   651  C  CB  . ALA A 1 114 ? -8.390  -10.681 -5.692  1.00 9.70  ? 669 ALA A CB  1 
ATOM   652  N  N   . ASP A 1 115 ? -5.569  -9.282  -5.265  1.00 9.60  ? 670 ASP A N   1 
ATOM   653  C  CA  . ASP A 1 115 ? -4.258  -8.982  -5.836  1.00 10.57 ? 670 ASP A CA  1 
ATOM   654  C  C   . ASP A 1 115 ? -3.799  -10.110 -6.753  1.00 12.40 ? 670 ASP A C   1 
ATOM   655  O  O   . ASP A 1 115 ? -3.865  -11.289 -6.390  1.00 11.45 ? 670 ASP A O   1 
ATOM   656  C  CB  . ASP A 1 115 ? -3.211  -8.693  -4.758  1.00 13.01 ? 670 ASP A CB  1 
ATOM   657  C  CG  . ASP A 1 115 ? -2.868  -9.900  -3.928  1.00 15.43 ? 670 ASP A CG  1 
ATOM   658  O  OD1 . ASP A 1 115 ? -3.644  -10.200 -2.991  1.00 14.99 ? 670 ASP A OD1 1 
ATOM   659  O  OD2 . ASP A 1 115 ? -1.812  -10.533 -4.198  1.00 15.05 ? 670 ASP A OD2 1 
ATOM   660  N  N   . VAL A 1 116 ? -3.341  -9.726  -7.944  1.00 10.47 ? 671 VAL A N   1 
ATOM   661  C  CA  . VAL A 1 116 ? -2.868  -10.657 -8.970  1.00 11.43 ? 671 VAL A CA  1 
ATOM   662  C  C   . VAL A 1 116 ? -1.377  -10.904 -8.851  1.00 12.79 ? 671 VAL A C   1 
ATOM   663  O  O   . VAL A 1 116 ? -0.908  -12.038 -8.982  1.00 13.52 ? 671 VAL A O   1 
ATOM   664  C  CB  . VAL A 1 116 ? -3.208  -10.103 -10.366 1.00 11.16 ? 671 VAL A CB  1 
ATOM   665  C  CG1 . VAL A 1 116 ? -2.647  -11.022 -11.452 1.00 14.47 ? 671 VAL A CG1 1 
ATOM   666  C  CG2 . VAL A 1 116 ? -4.700  -9.943  -10.516 1.00 15.18 ? 671 VAL A CG2 1 
ATOM   667  N  N   . SER A 1 117 ? -0.609  -9.843  -8.642  1.00 13.90 ? 672 SER A N   1 
ATOM   668  C  CA  . SER A 1 117 ? 0.828   -9.987  -8.529  1.00 14.32 ? 672 SER A CA  1 
ATOM   669  C  C   . SER A 1 117 ? 1.352   -8.867  -7.656  1.00 13.25 ? 672 SER A C   1 
ATOM   670  O  O   . SER A 1 117 ? 0.751   -7.794  -7.560  1.00 13.90 ? 672 SER A O   1 
ATOM   671  C  CB  . SER A 1 117 ? 1.522   -9.970  -9.895  1.00 14.61 ? 672 SER A CB  1 
ATOM   672  O  OG  . SER A 1 117 ? 1.152   -8.825  -10.626 1.00 17.79 ? 672 SER A OG  1 
ATOM   673  N  N   . VAL A 1 118 ? 2.467   -9.146  -7.001  1.00 12.58 ? 673 VAL A N   1 
ATOM   674  C  CA  . VAL A 1 118 ? 3.114   -8.213  -6.098  1.00 9.73  ? 673 VAL A CA  1 
ATOM   675  C  C   . VAL A 1 118 ? 4.607   -8.237  -6.396  1.00 9.95  ? 673 VAL A C   1 
ATOM   676  O  O   . VAL A 1 118 ? 5.195   -9.318  -6.517  1.00 11.21 ? 673 VAL A O   1 
ATOM   677  C  CB  . VAL A 1 118 ? 2.839   -8.599  -4.636  1.00 15.43 ? 673 VAL A CB  1 
ATOM   678  C  CG1 . VAL A 1 118 ? 3.586   -7.712  -3.746  1.00 17.39 ? 673 VAL A CG1 1 
ATOM   679  C  CG2 . VAL A 1 118 ? 1.333   -8.514  -4.331  1.00 11.48 ? 673 VAL A CG2 1 
ATOM   680  N  N   . SER A 1 119 ? 5.217   -7.059  -6.513  1.00 10.34 ? 674 SER A N   1 
ATOM   681  C  CA  . SER A 1 119 ? 6.651   -6.943  -6.755  1.00 9.93  ? 674 SER A CA  1 
ATOM   682  C  C   . SER A 1 119 ? 7.245   -5.924  -5.790  1.00 10.95 ? 674 SER A C   1 
ATOM   683  O  O   . SER A 1 119 ? 6.543   -5.338  -4.956  1.00 12.67 ? 674 SER A O   1 
ATOM   684  C  CB  . SER A 1 119 ? 6.936   -6.535  -8.204  1.00 11.47 ? 674 SER A CB  1 
ATOM   685  O  OG  . SER A 1 119 ? 6.662   -5.160  -8.389  1.00 11.20 ? 674 SER A OG  1 
ATOM   686  N  N   . ASN A 1 120 ? 8.555   -5.688  -5.933  1.00 9.68  ? 675 ASN A N   1 
ATOM   687  C  CA  . ASN A 1 120 ? 9.207   -4.633  -5.172  1.00 9.68  ? 675 ASN A CA  1 
ATOM   688  C  C   . ASN A 1 120 ? 8.745   -3.237  -5.582  1.00 12.53 ? 675 ASN A C   1 
ATOM   689  O  O   . ASN A 1 120 ? 8.876   -2.305  -4.783  1.00 11.70 ? 675 ASN A O   1 
ATOM   690  C  CB  . ASN A 1 120 ? 10.730  -4.744  -5.313  1.00 12.33 ? 675 ASN A CB  1 
ATOM   691  C  CG  . ASN A 1 120 ? 11.176  -4.890  -6.757  1.00 12.75 ? 675 ASN A CG  1 
ATOM   692  O  OD1 . ASN A 1 120 ? 10.822  -5.859  -7.425  1.00 15.34 ? 675 ASN A OD1 1 
ATOM   693  N  ND2 . ASN A 1 120 ? 11.976  -3.942  -7.235  1.00 12.89 ? 675 ASN A ND2 1 
ATOM   694  N  N   . THR A 1 121 ? 8.209   -3.060  -6.794  1.00 10.44 ? 676 THR A N   1 
ATOM   695  C  CA  . THR A 1 121 ? 7.841   -1.724  -7.247  1.00 11.02 ? 676 THR A CA  1 
ATOM   696  C  C   . THR A 1 121 ? 6.345   -1.445  -7.202  1.00 10.49 ? 676 THR A C   1 
ATOM   697  O  O   . THR A 1 121 ? 5.959   -0.275  -7.231  1.00 10.73 ? 676 THR A O   1 
ATOM   698  C  CB  . THR A 1 121 ? 8.331   -1.456  -8.683  1.00 11.71 ? 676 THR A CB  1 
ATOM   699  O  OG1 . THR A 1 121 ? 7.819   -2.450  -9.579  1.00 12.66 ? 676 THR A OG1 1 
ATOM   700  C  CG2 . THR A 1 121 ? 9.856   -1.438  -8.749  1.00 14.76 ? 676 THR A CG2 1 
ATOM   701  N  N   . GLY A 1 122 ? 5.501   -2.465  -7.125  1.00 11.16 ? 677 GLY A N   1 
ATOM   702  C  CA  . GLY A 1 122 ? 4.069   -2.215  -7.155  1.00 9.73  ? 677 GLY A CA  1 
ATOM   703  C  C   . GLY A 1 122 ? 3.281   -3.503  -7.143  1.00 10.89 ? 677 GLY A C   1 
ATOM   704  O  O   . GLY A 1 122 ? 3.768   -4.543  -6.707  1.00 11.46 ? 677 GLY A O   1 
ATOM   705  N  N   . CYS A 1 123 ? 2.039   -3.424  -7.605  1.00 10.00 ? 678 CYS A N   1 
ATOM   706  C  CA  . CYS A 1 123 ? 1.203   -4.615  -7.645  1.00 9.79  ? 678 CYS A CA  1 
ATOM   707  C  C   . CYS A 1 123 ? 0.197   -4.478  -8.780  1.00 10.80 ? 678 CYS A C   1 
ATOM   708  O  O   . CYS A 1 123 ? 0.015   -3.403  -9.363  1.00 12.45 ? 678 CYS A O   1 
ATOM   709  C  CB  . CYS A 1 123 ? 0.503   -4.860  -6.301  1.00 11.64 ? 678 CYS A CB  1 
ATOM   710  S  SG  . CYS A 1 123 ? -0.560  -3.504  -5.777  1.00 12.88 ? 678 CYS A SG  1 
ATOM   711  N  N   . VAL A 1 124 ? -0.417  -5.601  -9.129  1.00 8.90  ? 679 VAL A N   1 
ATOM   712  C  CA  . VAL A 1 124 ? -1.547  -5.633  -10.048 1.00 9.56  ? 679 VAL A CA  1 
ATOM   713  C  C   . VAL A 1 124 ? -2.757  -6.079  -9.250  1.00 9.37  ? 679 VAL A C   1 
ATOM   714  O  O   . VAL A 1 124 ? -2.707  -7.103  -8.558  1.00 10.81 ? 679 VAL A O   1 
ATOM   715  C  CB  . VAL A 1 124 ? -1.282  -6.566  -11.242 1.00 10.66 ? 679 VAL A CB  1 
ATOM   716  C  CG1 . VAL A 1 124 ? -2.515  -6.668  -12.135 1.00 14.81 ? 679 VAL A CG1 1 
ATOM   717  C  CG2 . VAL A 1 124 ? -0.065  -6.079  -12.032 1.00 12.40 ? 679 VAL A CG2 1 
ATOM   718  N  N   . ILE A 1 125 ? -3.824  -5.282  -9.304  1.00 9.68  ? 680 ILE A N   1 
ATOM   719  C  CA  . ILE A 1 125 ? -5.072  -5.562  -8.605  1.00 10.69 ? 680 ILE A CA  1 
ATOM   720  C  C   . ILE A 1 125 ? -6.135  -5.841  -9.654  1.00 10.66 ? 680 ILE A C   1 
ATOM   721  O  O   . ILE A 1 125 ? -6.251  -5.102  -10.642 1.00 11.69 ? 680 ILE A O   1 
ATOM   722  C  CB  . ILE A 1 125 ? -5.489  -4.386  -7.701  1.00 8.19  ? 680 ILE A CB  1 
ATOM   723  C  CG1 . ILE A 1 125 ? -4.389  -4.060  -6.678  1.00 9.85  ? 680 ILE A CG1 1 
ATOM   724  C  CG2 . ILE A 1 125 ? -6.841  -4.661  -7.033  1.00 9.63  ? 680 ILE A CG2 1 
ATOM   725  C  CD1 . ILE A 1 125 ? -3.974  -5.231  -5.778  1.00 9.09  ? 680 ILE A CD1 1 
ATOM   726  N  N   . VAL A 1 126 ? -6.896  -6.912  -9.459  1.00 9.38  ? 681 VAL A N   1 
ATOM   727  C  CA  . VAL A 1 126 ? -7.984  -7.261  -10.364 1.00 9.60  ? 681 VAL A CA  1 
ATOM   728  C  C   . VAL A 1 126 ? -9.301  -6.878  -9.703  1.00 13.40 ? 681 VAL A C   1 
ATOM   729  O  O   . VAL A 1 126 ? -9.466  -7.035  -8.491  1.00 10.68 ? 681 VAL A O   1 
ATOM   730  C  CB  . VAL A 1 126 ? -7.947  -8.758  -10.736 1.00 11.22 ? 681 VAL A CB  1 
ATOM   731  C  CG1 . VAL A 1 126 ? -8.107  -9.666  -9.505  1.00 11.32 ? 681 VAL A CG1 1 
ATOM   732  C  CG2 . VAL A 1 126 ? -9.003  -9.072  -11.781 1.00 13.17 ? 681 VAL A CG2 1 
ATOM   733  N  N   . SER A 1 127 ? -10.239 -6.355  -10.489 1.00 9.75  ? 682 SER A N   1 
ATOM   734  C  CA  . SER A 1 127 ? -11.534 -5.968  -9.952  1.00 11.04 ? 682 SER A CA  1 
ATOM   735  C  C   . SER A 1 127 ? -12.653 -6.553  -10.803 1.00 12.75 ? 682 SER A C   1 
ATOM   736  O  O   . SER A 1 127 ? -12.485 -6.807  -12.001 1.00 12.33 ? 682 SER A O   1 
ATOM   737  C  CB  . SER A 1 127 ? -11.683 -4.448  -9.884  1.00 12.44 ? 682 SER A CB  1 
ATOM   738  O  OG  . SER A 1 127 ? -11.708 -3.904  -11.193 1.00 13.50 ? 682 SER A OG  1 
ATOM   739  N  N   . SER A 1 128 ? -13.795 -6.775  -10.158 1.00 12.35 ? 683 SER A N   1 
ATOM   740  C  CA  . SER A 1 128 ? -15.014 -7.189  -10.839 1.00 11.62 ? 683 SER A CA  1 
ATOM   741  C  C   . SER A 1 128 ? -16.187 -6.582  -10.079 1.00 13.60 ? 683 SER A C   1 
ATOM   742  O  O   . SER A 1 128 ? -16.030 -6.061  -8.972  1.00 11.65 ? 683 SER A O   1 
ATOM   743  C  CB  . SER A 1 128 ? -15.117 -8.720  -10.951 1.00 13.63 ? 683 SER A CB  1 
ATOM   744  O  OG  . SER A 1 128 ? -14.893 -9.374  -9.712  1.00 14.39 ? 683 SER A OG  1 
ATOM   745  N  N   . GLU A 1 129 ? -17.371 -6.634  -10.685 1.00 12.79 ? 684 GLU A N   1 
ATOM   746  C  CA  . GLU A 1 129 ? -18.552 -6.019  -10.097 1.00 15.53 ? 684 GLU A CA  1 
ATOM   747  C  C   . GLU A 1 129 ? -19.675 -7.044  -10.041 1.00 13.76 ? 684 GLU A C   1 
ATOM   748  O  O   . GLU A 1 129 ? -19.751 -7.946  -10.879 1.00 14.21 ? 684 GLU A O   1 
ATOM   749  C  CB  . GLU A 1 129 ? -19.005 -4.780  -10.897 1.00 15.22 ? 684 GLU A CB  1 
ATOM   750  C  CG  . GLU A 1 129 ? -19.547 -5.133  -12.291 1.00 18.88 ? 684 GLU A CG  1 
ATOM   751  C  CD  . GLU A 1 129 ? -20.051 -3.936  -13.080 1.00 21.93 ? 684 GLU A CD  1 
ATOM   752  O  OE1 . GLU A 1 129 ? -20.050 -2.810  -12.546 1.00 19.33 ? 684 GLU A OE1 1 
ATOM   753  O  OE2 . GLU A 1 129 ? -20.453 -4.122  -14.253 1.00 20.76 ? 684 GLU A OE2 1 
ATOM   754  N  N   . TYR A 1 130 ? -20.544 -6.915  -9.039  1.00 14.65 ? 685 TYR A N   1 
ATOM   755  C  CA  . TYR A 1 130 ? -21.707 -7.789  -8.959  1.00 15.36 ? 685 TYR A CA  1 
ATOM   756  C  C   . TYR A 1 130 ? -23.021 -7.041  -9.146  1.00 18.94 ? 685 TYR A C   1 
ATOM   757  O  O   . TYR A 1 130 ? -24.093 -7.636  -8.991  1.00 21.50 ? 685 TYR A O   1 
ATOM   758  C  CB  . TYR A 1 130 ? -21.702 -8.592  -7.654  1.00 13.71 ? 685 TYR A CB  1 
ATOM   759  C  CG  . TYR A 1 130 ? -21.738 -7.850  -6.331  1.00 14.07 ? 685 TYR A CG  1 
ATOM   760  C  CD1 . TYR A 1 130 ? -20.605 -7.774  -5.528  1.00 14.51 ? 685 TYR A CD1 1 
ATOM   761  C  CD2 . TYR A 1 130 ? -22.919 -7.311  -5.843  1.00 14.41 ? 685 TYR A CD2 1 
ATOM   762  C  CE1 . TYR A 1 130 ? -20.638 -7.139  -4.294  1.00 13.83 ? 685 TYR A CE1 1 
ATOM   763  C  CE2 . TYR A 1 130 ? -22.966 -6.673  -4.611  1.00 13.81 ? 685 TYR A CE2 1 
ATOM   764  C  CZ  . TYR A 1 130 ? -21.823 -6.593  -3.842  1.00 14.12 ? 685 TYR A CZ  1 
ATOM   765  O  OH  . TYR A 1 130 ? -21.864 -5.967  -2.621  1.00 15.57 ? 685 TYR A OH  1 
ATOM   766  N  N   . TYR A 1 131 ? -22.965 -5.768  -9.517  1.00 17.18 ? 686 TYR A N   1 
ATOM   767  C  CA  . TYR A 1 131 ? -24.148 -5.004  -9.891  1.00 20.92 ? 686 TYR A CA  1 
ATOM   768  C  C   . TYR A 1 131 ? -23.772 -4.165  -11.101 1.00 23.79 ? 686 TYR A C   1 
ATOM   769  O  O   . TYR A 1 131 ? -22.811 -3.394  -11.043 0.87 25.60 ? 686 TYR A O   1 
ATOM   770  C  CB  . TYR A 1 131 ? -24.624 -4.125  -8.730  0.93 25.07 ? 686 TYR A CB  1 
ATOM   771  C  CG  . TYR A 1 131 ? -26.066 -3.692  -8.828  0.94 28.50 ? 686 TYR A CG  1 
ATOM   772  C  CD1 . TYR A 1 131 ? -27.073 -4.614  -9.103  0.56 37.48 ? 686 TYR A CD1 1 
ATOM   773  C  CD2 . TYR A 1 131 ? -26.425 -2.369  -8.623  0.82 32.31 ? 686 TYR A CD2 1 
ATOM   774  C  CE1 . TYR A 1 131 ? -28.398 -4.219  -9.190  0.76 38.62 ? 686 TYR A CE1 1 
ATOM   775  C  CE2 . TYR A 1 131 ? -27.745 -1.966  -8.705  0.60 37.46 ? 686 TYR A CE2 1 
ATOM   776  C  CZ  . TYR A 1 131 ? -28.727 -2.892  -8.988  0.67 39.37 ? 686 TYR A CZ  1 
ATOM   777  O  OH  . TYR A 1 131 ? -30.042 -2.481  -9.064  0.56 44.90 ? 686 TYR A OH  1 
ATOM   778  N  N   . GLY A 1 132 ? -24.511 -4.323  -12.194 1.00 26.22 ? 687 GLY A N   1 
ATOM   779  C  CA  . GLY A 1 132 ? -24.143 -3.684  -13.442 1.00 19.47 ? 687 GLY A CA  1 
ATOM   780  C  C   . GLY A 1 132 ? -24.648 -2.268  -13.635 1.00 25.95 ? 687 GLY A C   1 
ATOM   781  O  O   . GLY A 1 132 ? -25.178 -1.938  -14.698 1.00 29.52 ? 687 GLY A O   1 
ATOM   782  N  N   . LEU A 1 133 ? -24.501 -1.421  -12.622 1.00 21.23 ? 688 LEU A N   1 
ATOM   783  C  CA  . LEU A 1 133 ? -24.790 0.001   -12.738 1.00 20.82 ? 688 LEU A CA  1 
ATOM   784  C  C   . LEU A 1 133 ? -23.486 0.782   -12.650 1.00 21.46 ? 688 LEU A C   1 
ATOM   785  O  O   . LEU A 1 133 ? -22.421 0.228   -12.364 1.00 18.24 ? 688 LEU A O   1 
ATOM   786  C  CB  . LEU A 1 133 ? -25.769 0.461   -11.650 1.00 23.09 ? 688 LEU A CB  1 
ATOM   787  C  CG  . LEU A 1 133 ? -27.218 -0.018  -11.749 1.00 27.89 ? 688 LEU A CG  1 
ATOM   788  C  CD1 . LEU A 1 133 ? -28.094 0.776   -10.800 1.00 31.45 ? 688 LEU A CD1 1 
ATOM   789  C  CD2 . LEU A 1 133 ? -27.722 0.106   -13.177 1.00 27.12 ? 688 LEU A CD2 1 
ATOM   790  N  N   . ALA A 1 134 ? -23.576 2.085   -12.899 1.00 18.68 ? 689 ALA A N   1 
ATOM   791  C  CA  . ALA A 1 134 ? -22.380 2.917   -12.897 1.00 16.93 ? 689 ALA A CA  1 
ATOM   792  C  C   . ALA A 1 134 ? -21.881 3.143   -11.473 1.00 17.17 ? 689 ALA A C   1 
ATOM   793  O  O   . ALA A 1 134 ? -22.642 3.548   -10.593 1.00 18.07 ? 689 ALA A O   1 
ATOM   794  C  CB  . ALA A 1 134 ? -22.659 4.258   -13.571 1.00 20.53 ? 689 ALA A CB  1 
ATOM   795  N  N   . GLN A 1 135 ? -20.595 2.881   -11.256 1.00 15.52 ? 690 GLN A N   1 
ATOM   796  C  CA  . GLN A 1 135 ? -19.897 3.230   -10.028 1.00 13.89 ? 690 GLN A CA  1 
ATOM   797  C  C   . GLN A 1 135 ? -18.909 4.350   -10.306 1.00 13.83 ? 690 GLN A C   1 
ATOM   798  O  O   . GLN A 1 135 ? -18.637 4.705   -11.455 1.00 14.04 ? 690 GLN A O   1 
ATOM   799  C  CB  . GLN A 1 135 ? -19.135 2.026   -9.455  1.00 13.97 ? 690 GLN A CB  1 
ATOM   800  C  CG  . GLN A 1 135 ? -19.974 0.800   -9.178  1.00 14.25 ? 690 GLN A CG  1 
ATOM   801  C  CD  . GLN A 1 135 ? -19.929 -0.206  -10.315 1.00 15.13 ? 690 GLN A CD  1 
ATOM   802  O  OE1 . GLN A 1 135 ? -19.377 0.064   -11.386 1.00 14.72 ? 690 GLN A OE1 1 
ATOM   803  N  NE2 . GLN A 1 135 ? -20.500 -1.377  -10.082 1.00 15.60 ? 690 GLN A NE2 1 
ATOM   804  N  N   . ASN A 1 136 ? -18.341 4.893   -9.229  1.00 13.43 ? 691 ASN A N   1 
ATOM   805  C  CA  . ASN A 1 136 ? -17.119 5.696   -9.312  1.00 12.06 ? 691 ASN A CA  1 
ATOM   806  C  C   . ASN A 1 136 ? -16.239 5.183   -8.178  1.00 12.62 ? 691 ASN A C   1 
ATOM   807  O  O   . ASN A 1 136 ? -16.333 5.668   -7.050  1.00 12.28 ? 691 ASN A O   1 
ATOM   808  C  CB  . ASN A 1 136 ? -17.387 7.196   -9.199  1.00 13.07 ? 691 ASN A CB  1 
ATOM   809  C  CG  . ASN A 1 136 ? -16.142 8.032   -9.456  1.00 15.97 ? 691 ASN A CG  1 
ATOM   810  O  OD1 . ASN A 1 136 ? -15.052 7.499   -9.686  1.00 13.85 ? 691 ASN A OD1 1 
ATOM   811  N  ND2 . ASN A 1 136 ? -16.300 9.349   -9.429  1.00 15.61 ? 691 ASN A ND2 1 
ATOM   812  N  N   . TYR A 1 137 ? -15.415 4.183   -8.474  1.00 12.15 ? 692 TYR A N   1 
ATOM   813  C  CA  . TYR A 1 137 ? -14.621 3.526   -7.453  1.00 11.51 ? 692 TYR A CA  1 
ATOM   814  C  C   . TYR A 1 137 ? -13.144 3.851   -7.619  1.00 10.82 ? 692 TYR A C   1 
ATOM   815  O  O   . TYR A 1 137 ? -12.688 4.329   -8.663  1.00 12.14 ? 692 TYR A O   1 
ATOM   816  C  CB  . TYR A 1 137 ? -14.845 1.998   -7.478  1.00 8.93  ? 692 TYR A CB  1 
ATOM   817  C  CG  . TYR A 1 137 ? -14.098 1.216   -8.542  1.00 11.45 ? 692 TYR A CG  1 
ATOM   818  C  CD1 . TYR A 1 137 ? -12.870 0.616   -8.259  1.00 12.71 ? 692 TYR A CD1 1 
ATOM   819  C  CD2 . TYR A 1 137 ? -14.630 1.051   -9.821  1.00 10.40 ? 692 TYR A CD2 1 
ATOM   820  C  CE1 . TYR A 1 137 ? -12.182 -0.110  -9.226  1.00 11.79 ? 692 TYR A CE1 1 
ATOM   821  C  CE2 . TYR A 1 137 ? -13.953 0.320   -10.794 1.00 11.03 ? 692 TYR A CE2 1 
ATOM   822  C  CZ  . TYR A 1 137 ? -12.731 -0.253  -10.490 1.00 12.11 ? 692 TYR A CZ  1 
ATOM   823  O  OH  . TYR A 1 137 ? -12.062 -0.971  -11.451 1.00 13.11 ? 692 TYR A OH  1 
ATOM   824  N  N   . GLY A 1 138 ? -12.401 3.596   -6.546  1.00 9.97  ? 693 GLY A N   1 
ATOM   825  C  CA  . GLY A 1 138 ? -10.958 3.598   -6.602  1.00 9.72  ? 693 GLY A CA  1 
ATOM   826  C  C   . GLY A 1 138 ? -10.439 2.397   -5.839  1.00 8.57  ? 693 GLY A C   1 
ATOM   827  O  O   . GLY A 1 138 ? -11.204 1.663   -5.206  1.00 9.72  ? 693 GLY A O   1 
ATOM   828  N  N   . ILE A 1 139 ? -9.128  2.201   -5.915  1.00 8.38  ? 694 ILE A N   1 
ATOM   829  C  CA  . ILE A 1 139 ? -8.469  1.082   -5.259  1.00 10.08 ? 694 ILE A CA  1 
ATOM   830  C  C   . ILE A 1 139 ? -7.509  1.642   -4.222  1.00 8.05  ? 694 ILE A C   1 
ATOM   831  O  O   . ILE A 1 139 ? -6.728  2.549   -4.521  1.00 9.25  ? 694 ILE A O   1 
ATOM   832  C  CB  . ILE A 1 139 ? -7.719  0.192   -6.267  1.00 10.31 ? 694 ILE A CB  1 
ATOM   833  C  CG1 . ILE A 1 139 ? -8.713  -0.440  -7.255  1.00 10.68 ? 694 ILE A CG1 1 
ATOM   834  C  CG2 . ILE A 1 139 ? -6.900  -0.884  -5.536  1.00 8.94  ? 694 ILE A CG2 1 
ATOM   835  C  CD1 . ILE A 1 139 ? -8.048  -1.076  -8.465  1.00 13.80 ? 694 ILE A CD1 1 
ATOM   836  N  N   . ARG A 1 140 ? -7.568  1.093   -3.014  1.00 8.70  ? 695 ARG A N   1 
ATOM   837  C  CA  . ARG A 1 140 ? -6.605  1.355   -1.956  1.00 7.61  ? 695 ARG A CA  1 
ATOM   838  C  C   . ARG A 1 140 ? -5.735  0.125   -1.763  1.00 7.98  ? 695 ARG A C   1 
ATOM   839  O  O   . ARG A 1 140 ? -6.232  -1.005  -1.826  1.00 7.97  ? 695 ARG A O   1 
ATOM   840  C  CB  . ARG A 1 140 ? -7.303  1.649   -0.631  1.00 8.85  ? 695 ARG A CB  1 
ATOM   841  C  CG  . ARG A 1 140 ? -8.058  2.952   -0.548  1.00 9.15  ? 695 ARG A CG  1 
ATOM   842  C  CD  . ARG A 1 140 ? -8.569  3.113   0.890   1.00 12.80 ? 695 ARG A CD  1 
ATOM   843  N  NE  . ARG A 1 140 ? -9.359  4.319   1.071   1.00 13.83 ? 695 ARG A NE  1 
ATOM   844  C  CZ  . ARG A 1 140 ? -8.851  5.497   1.411   1.00 14.70 ? 695 ARG A CZ  1 
ATOM   845  N  NH1 . ARG A 1 140 ? -7.543  5.619   1.599   1.00 15.58 ? 695 ARG A NH1 1 
ATOM   846  N  NH2 . ARG A 1 140 ? -9.651  6.551   1.556   1.00 15.87 ? 695 ARG A NH2 1 
ATOM   847  N  N   . VAL A 1 141 ? -4.449  0.341   -1.493  1.00 7.94  ? 696 VAL A N   1 
ATOM   848  C  CA  . VAL A 1 141 ? -3.545  -0.747  -1.137  1.00 7.98  ? 696 VAL A CA  1 
ATOM   849  C  C   . VAL A 1 141 ? -2.694  -0.324  0.047   1.00 9.39  ? 696 VAL A C   1 
ATOM   850  O  O   . VAL A 1 141 ? -2.107  0.760   0.048   1.00 8.78  ? 696 VAL A O   1 
ATOM   851  C  CB  . VAL A 1 141 ? -2.639  -1.169  -2.312  1.00 7.95  ? 696 VAL A CB  1 
ATOM   852  C  CG1 . VAL A 1 141 ? -1.580  -2.158  -1.827  1.00 12.53 ? 696 VAL A CG1 1 
ATOM   853  C  CG2 . VAL A 1 141 ? -3.468  -1.820  -3.418  1.00 9.74  ? 696 VAL A CG2 1 
ATOM   854  N  N   . MET A 1 142 ? -2.608  -1.196  1.042   1.00 7.88  ? 697 MET A N   1 
ATOM   855  C  CA  . MET A 1 142 ? -1.591  -1.136  2.079   1.00 9.35  ? 697 MET A CA  1 
ATOM   856  C  C   . MET A 1 142 ? -0.592  -2.254  1.813   1.00 10.51 ? 697 MET A C   1 
ATOM   857  O  O   . MET A 1 142 ? -0.994  -3.378  1.503   1.00 11.37 ? 697 MET A O   1 
ATOM   858  C  CB  . MET A 1 142 ? -2.217  -1.335  3.457   1.00 15.54 ? 697 MET A CB  1 
ATOM   859  C  CG  . MET A 1 142 ? -1.256  -1.122  4.579   1.00 16.18 ? 697 MET A CG  1 
ATOM   860  S  SD  . MET A 1 142 ? -2.063  -1.199  6.186   1.00 18.69 ? 697 MET A SD  1 
ATOM   861  C  CE  . MET A 1 142 ? -0.665  -1.839  7.098   1.00 30.82 ? 697 MET A CE  1 
ATOM   862  N  N   . ALA A 1 143 ? 0.705   -1.964  1.935   1.00 9.17  ? 698 ALA A N   1 
ATOM   863  C  CA  . ALA A 1 143 ? 1.730   -2.956  1.632   1.00 9.10  ? 698 ALA A CA  1 
ATOM   864  C  C   . ALA A 1 143 ? 2.794   -3.003  2.721   1.00 8.16  ? 698 ALA A C   1 
ATOM   865  O  O   . ALA A 1 143 ? 3.105   -1.992  3.349   1.00 9.41  ? 698 ALA A O   1 
ATOM   866  C  CB  . ALA A 1 143 ? 2.388   -2.666  0.282   1.00 10.45 ? 698 ALA A CB  1 
ATOM   867  N  N   . ILE A 1 144 ? 3.340   -4.206  2.942   1.00 8.07  ? 699 ILE A N   1 
ATOM   868  C  CA  . ILE A 1 144 ? 4.400   -4.461  3.918   1.00 8.31  ? 699 ILE A CA  1 
ATOM   869  C  C   . ILE A 1 144 ? 5.575   -5.090  3.183   1.00 9.00  ? 699 ILE A C   1 
ATOM   870  O  O   . ILE A 1 144 ? 5.384   -6.000  2.369   1.00 9.28  ? 699 ILE A O   1 
ATOM   871  C  CB  . ILE A 1 144 ? 3.910   -5.402  5.044   1.00 10.00 ? 699 ILE A CB  1 
ATOM   872  C  CG1 . ILE A 1 144 ? 2.702   -4.806  5.767   1.00 12.68 ? 699 ILE A CG1 1 
ATOM   873  C  CG2 . ILE A 1 144 ? 5.030   -5.739  6.030   1.00 11.25 ? 699 ILE A CG2 1 
ATOM   874  C  CD1 . ILE A 1 144 ? 1.954   -5.832  6.622   1.00 14.91 ? 699 ILE A CD1 1 
ATOM   875  N  N   . GLY A 1 145 ? 6.783   -4.623  3.474   1.00 9.42  ? 700 GLY A N   1 
ATOM   876  C  CA  . GLY A 1 145 ? 7.957   -5.186  2.833   1.00 9.13  ? 700 GLY A CA  1 
ATOM   877  C  C   . GLY A 1 145 ? 9.227   -4.663  3.461   1.00 9.91  ? 700 GLY A C   1 
ATOM   878  O  O   . GLY A 1 145 ? 9.217   -4.157  4.582   1.00 11.08 ? 700 GLY A O   1 
ATOM   879  N  N   . TYR A 1 146 ? 10.334  -4.781  2.723   1.00 8.72  ? 701 TYR A N   1 
ATOM   880  C  CA  . TYR A 1 146 ? 11.601  -4.257  3.225   1.00 8.59  ? 701 TYR A CA  1 
ATOM   881  C  C   . TYR A 1 146 ? 12.638  -4.074  2.116   1.00 14.80 ? 701 TYR A C   1 
ATOM   882  O  O   . TYR A 1 146 ? 13.741  -3.563  2.394   1.00 13.03 ? 701 TYR A O   1 
ATOM   883  C  CB  . TYR A 1 146 ? 12.171  -5.165  4.324   1.00 9.89  ? 701 TYR A CB  1 
ATOM   884  C  CG  . TYR A 1 146 ? 12.609  -6.531  3.845   1.00 11.50 ? 701 TYR A CG  1 
ATOM   885  C  CD1 . TYR A 1 146 ? 11.685  -7.534  3.615   1.00 12.49 ? 701 TYR A CD1 1 
ATOM   886  C  CD2 . TYR A 1 146 ? 13.958  -6.816  3.638   1.00 14.72 ? 701 TYR A CD2 1 
ATOM   887  C  CE1 . TYR A 1 146 ? 12.075  -8.787  3.182   1.00 14.32 ? 701 TYR A CE1 1 
ATOM   888  C  CE2 . TYR A 1 146 ? 14.364  -8.076  3.201   1.00 16.86 ? 701 TYR A CE2 1 
ATOM   889  C  CZ  . TYR A 1 146 ? 13.414  -9.054  2.978   1.00 16.78 ? 701 TYR A CZ  1 
ATOM   890  O  OH  . TYR A 1 146 ? 13.798  -10.308 2.551   1.00 18.12 ? 701 TYR A OH  1 
HETATM 891  MG MG  . MG  B 2 .   ? -20.443 -0.357  -13.481 1.00 16.33 ? 201 MG  A MG  1 
HETATM 892  C  C1  . GOL C 3 .   ? 4.263   -2.995  -10.466 1.00 15.25 ? 202 GOL A C1  1 
HETATM 893  O  O1  . GOL C 3 .   ? 5.245   -2.000  -10.445 1.00 14.74 ? 202 GOL A O1  1 
HETATM 894  C  C2  . GOL C 3 .   ? 4.269   -3.664  -11.829 1.00 17.98 ? 202 GOL A C2  1 
HETATM 895  O  O2  . GOL C 3 .   ? 3.197   -4.576  -11.898 1.00 18.23 ? 202 GOL A O2  1 
HETATM 896  C  C3  . GOL C 3 .   ? 5.627   -4.332  -12.072 1.00 21.61 ? 202 GOL A C3  1 
HETATM 897  O  O3  . GOL C 3 .   ? 5.969   -5.218  -11.034 1.00 20.75 ? 202 GOL A O3  1 
HETATM 898  O  O   . HOH D 4 .   ? -2.207  7.589   -5.858  1.00 10.72 ? 301 HOH A O   1 
HETATM 899  O  O   . HOH D 4 .   ? 17.881  -0.505  15.941  1.00 30.74 ? 302 HOH A O   1 
HETATM 900  O  O   . HOH D 4 .   ? -19.836 8.719   -2.590  1.00 25.11 ? 303 HOH A O   1 
HETATM 901  O  O   . HOH D 4 .   ? -21.300 -2.041  -15.403 1.00 32.46 ? 304 HOH A O   1 
HETATM 902  O  O   . HOH D 4 .   ? -5.374  -9.483  -1.192  1.00 13.80 ? 305 HOH A O   1 
HETATM 903  O  O   . HOH D 4 .   ? 6.412   13.504  2.281   1.00 35.89 ? 306 HOH A O   1 
HETATM 904  O  O   . HOH D 4 .   ? 16.336  -4.303  2.139   1.00 13.52 ? 307 HOH A O   1 
HETATM 905  O  O   . HOH D 4 .   ? 5.092   0.291   -11.718 1.00 19.71 ? 308 HOH A O   1 
HETATM 906  O  O   . HOH D 4 .   ? 12.153  10.450  12.339  1.00 30.11 ? 309 HOH A O   1 
HETATM 907  O  O   . HOH D 4 .   ? -1.698  -14.325 -10.052 1.00 19.33 ? 310 HOH A O   1 
HETATM 908  O  O   . HOH D 4 .   ? -18.244 6.932   -12.847 1.00 24.94 ? 311 HOH A O   1 
HETATM 909  O  O   . HOH D 4 .   ? 14.420  -1.886  4.343   1.00 15.10 ? 312 HOH A O   1 
HETATM 910  O  O   . HOH D 4 .   ? 22.175  -4.560  22.800  1.00 44.53 ? 313 HOH A O   1 
HETATM 911  O  O   . HOH D 4 .   ? 13.233  2.567   -1.224  1.00 26.64 ? 314 HOH A O   1 
HETATM 912  O  O   . HOH D 4 .   ? -0.464  14.729  4.958   1.00 27.25 ? 315 HOH A O   1 
HETATM 913  O  O   . HOH D 4 .   ? 7.014   -11.651 -1.667  1.00 28.74 ? 316 HOH A O   1 
HETATM 914  O  O   . HOH D 4 .   ? -17.484 -7.872  -13.309 1.00 18.56 ? 317 HOH A O   1 
HETATM 915  O  O   . HOH D 4 .   ? 16.142  4.893   6.300   1.00 28.45 ? 318 HOH A O   1 
HETATM 916  O  O   . HOH D 4 .   ? -6.931  -0.969  -15.911 1.00 18.10 ? 319 HOH A O   1 
HETATM 917  O  O   . HOH D 4 .   ? -19.758 4.368   -6.713  1.00 13.56 ? 320 HOH A O   1 
HETATM 918  O  O   . HOH D 4 .   ? -21.382 0.479   -15.581 1.00 22.43 ? 321 HOH A O   1 
HETATM 919  O  O   . HOH D 4 .   ? -12.099 -6.786  -19.450 1.00 33.92 ? 322 HOH A O   1 
HETATM 920  O  O   . HOH D 4 .   ? 16.608  6.657   11.863  1.00 25.62 ? 323 HOH A O   1 
HETATM 921  O  O   . HOH D 4 .   ? 1.192   2.501   -12.044 1.00 31.61 ? 324 HOH A O   1 
HETATM 922  O  O   . HOH D 4 .   ? -12.612 8.564   -10.255 1.00 20.86 ? 325 HOH A O   1 
HETATM 923  O  O   . HOH D 4 .   ? 6.282   8.857   -3.939  1.00 31.42 ? 326 HOH A O   1 
HETATM 924  O  O   . HOH D 4 .   ? 0.690   -9.708  -13.163 1.00 25.14 ? 327 HOH A O   1 
HETATM 925  O  O   . HOH D 4 .   ? 5.135   9.673   -0.113  1.00 18.29 ? 328 HOH A O   1 
HETATM 926  O  O   . HOH D 4 .   ? 1.988   -4.605  -14.342 1.00 23.11 ? 329 HOH A O   1 
HETATM 927  O  O   . HOH D 4 .   ? 7.487   1.893   -6.594  1.00 15.52 ? 330 HOH A O   1 
HETATM 928  O  O   . HOH D 4 .   ? -15.823 -4.262  -1.975  1.00 21.47 ? 331 HOH A O   1 
HETATM 929  O  O   . HOH D 4 .   ? 18.537  -7.284  -0.566  1.00 13.24 ? 332 HOH A O   1 
HETATM 930  O  O   . HOH D 4 .   ? 9.802   12.100  4.467   1.00 32.56 ? 333 HOH A O   1 
HETATM 931  O  O   . HOH D 4 .   ? 12.886  2.679   13.919  1.00 15.20 ? 334 HOH A O   1 
HETATM 932  O  O   . HOH D 4 .   ? -12.921 -0.287  -13.969 1.00 13.48 ? 335 HOH A O   1 
HETATM 933  O  O   . HOH D 4 .   ? -12.209 7.311   -15.196 1.00 42.34 ? 336 HOH A O   1 
HETATM 934  O  O   . HOH D 4 .   ? 1.653   5.447   -5.171  1.00 20.10 ? 337 HOH A O   1 
HETATM 935  O  O   . HOH D 4 .   ? -2.810  2.850   -11.112 1.00 14.25 ? 338 HOH A O   1 
HETATM 936  O  O   . HOH D 4 .   ? -6.700  8.292   -11.552 1.00 26.96 ? 339 HOH A O   1 
HETATM 937  O  O   . HOH D 4 .   ? 13.958  6.465   5.388   1.00 23.70 ? 340 HOH A O   1 
HETATM 938  O  O   . HOH D 4 .   ? 14.938  -7.739  -4.855  1.00 17.46 ? 341 HOH A O   1 
HETATM 939  O  O   . HOH D 4 .   ? -10.814 -6.350  -0.164  1.00 14.72 ? 342 HOH A O   1 
HETATM 940  O  O   . HOH D 4 .   ? 16.299  -11.058 3.521   1.00 30.94 ? 343 HOH A O   1 
HETATM 941  O  O   . HOH D 4 .   ? -13.482 3.281   -15.898 1.00 34.14 ? 344 HOH A O   1 
HETATM 942  O  O   . HOH D 4 .   ? -9.296  -0.867  -11.844 1.00 13.21 ? 345 HOH A O   1 
HETATM 943  O  O   . HOH D 4 .   ? -12.435 9.612   -2.144  1.00 20.95 ? 346 HOH A O   1 
HETATM 944  O  O   . HOH D 4 .   ? 17.717  2.242   7.735   1.00 34.42 ? 347 HOH A O   1 
HETATM 945  O  O   . HOH D 4 .   ? -9.710  -8.728  -1.312  1.00 16.33 ? 348 HOH A O   1 
HETATM 946  O  O   . HOH D 4 .   ? 13.668  -2.291  -5.569  1.00 15.23 ? 349 HOH A O   1 
HETATM 947  O  O   . HOH D 4 .   ? -17.415 12.380  -6.617  1.00 25.92 ? 350 HOH A O   1 
HETATM 948  O  O   . HOH D 4 .   ? -8.526  -3.521  -11.168 1.00 11.19 ? 351 HOH A O   1 
HETATM 949  O  O   . HOH D 4 .   ? 4.772   -11.876 -5.362  1.00 21.47 ? 352 HOH A O   1 
HETATM 950  O  O   . HOH D 4 .   ? -0.344  13.800  0.664   1.00 25.20 ? 353 HOH A O   1 
HETATM 951  O  O   . HOH D 4 .   ? -9.341  4.834   -14.909 1.00 27.13 ? 354 HOH A O   1 
HETATM 952  O  O   . HOH D 4 .   ? 9.445   6.882   -5.553  1.00 32.32 ? 355 HOH A O   1 
HETATM 953  O  O   . HOH D 4 .   ? -8.500  0.328   -14.097 1.00 15.57 ? 356 HOH A O   1 
HETATM 954  O  O   . HOH D 4 .   ? -3.498  9.496   -5.120  1.00 17.18 ? 357 HOH A O   1 
HETATM 955  O  O   . HOH D 4 .   ? 8.414   -8.511  -3.884  1.00 14.53 ? 358 HOH A O   1 
HETATM 956  O  O   . HOH D 4 .   ? -4.445  6.473   0.563   1.00 14.43 ? 359 HOH A O   1 
HETATM 957  O  O   . HOH D 4 .   ? 15.901  -7.048  10.321  1.00 25.89 ? 360 HOH A O   1 
HETATM 958  O  O   . HOH D 4 .   ? 6.135   5.910   -7.174  1.00 30.09 ? 361 HOH A O   1 
HETATM 959  O  O   . HOH D 4 .   ? -26.773 8.067   -6.468  1.00 40.32 ? 362 HOH A O   1 
HETATM 960  O  O   . HOH D 4 .   ? -6.125  -0.801  1.611   1.00 9.73  ? 363 HOH A O   1 
HETATM 961  O  O   . HOH D 4 .   ? -2.415  -4.307  -15.164 1.00 22.20 ? 364 HOH A O   1 
HETATM 962  O  O   . HOH D 4 .   ? 2.920   -11.517 -1.022  1.00 23.33 ? 365 HOH A O   1 
HETATM 963  O  O   . HOH D 4 .   ? -5.935  8.765   -7.864  1.00 14.53 ? 366 HOH A O   1 
HETATM 964  O  O   . HOH D 4 .   ? 16.822  -3.555  24.375  1.00 26.70 ? 367 HOH A O   1 
HETATM 965  O  O   . HOH D 4 .   ? -17.772 1.978   -18.151 1.00 35.33 ? 368 HOH A O   1 
HETATM 966  O  O   . HOH D 4 .   ? -20.744 4.857   -16.814 1.00 37.66 ? 369 HOH A O   1 
HETATM 967  O  O   . HOH D 4 .   ? -2.772  -0.471  -15.389 1.00 20.98 ? 370 HOH A O   1 
HETATM 968  O  O   . HOH D 4 .   ? 19.562  -2.345  12.693  1.00 42.16 ? 371 HOH A O   1 
HETATM 969  O  O   . HOH D 4 .   ? 12.319  -9.804  -4.474  1.00 23.86 ? 372 HOH A O   1 
HETATM 970  O  O   . HOH D 4 .   ? -19.548 -8.506  -15.326 1.00 32.90 ? 373 HOH A O   1 
HETATM 971  O  O   . HOH D 4 .   ? -1.133  -12.900 -5.848  1.00 20.95 ? 374 HOH A O   1 
HETATM 972  O  O   . HOH D 4 .   ? -7.960  -5.168  -17.779 1.00 20.14 ? 375 HOH A O   1 
HETATM 973  O  O   . HOH D 4 .   ? 11.724  4.382   -4.970  1.00 25.34 ? 376 HOH A O   1 
HETATM 974  O  O   . HOH D 4 .   ? 5.187   17.168  12.759  1.00 43.77 ? 377 HOH A O   1 
HETATM 975  O  O   . HOH D 4 .   ? -26.774 -6.245  -12.358 1.00 40.74 ? 378 HOH A O   1 
HETATM 976  O  O   . HOH D 4 .   ? 7.564   -7.536  -12.010 1.00 10.97 ? 379 HOH A O   1 
HETATM 977  O  O   . HOH D 4 .   ? 9.266   9.726   -0.312  1.00 22.60 ? 380 HOH A O   1 
HETATM 978  O  O   . HOH D 4 .   ? -3.833  -3.466  -17.139 1.00 31.09 ? 381 HOH A O   1 
HETATM 979  O  O   . HOH D 4 .   ? -28.003 0.971   -6.410  1.00 38.30 ? 382 HOH A O   1 
HETATM 980  O  O   . HOH D 4 .   ? -21.862 11.354  -5.749  1.00 28.60 ? 383 HOH A O   1 
HETATM 981  O  O   . HOH D 4 .   ? -13.463 -9.843  -18.929 1.00 26.62 ? 384 HOH A O   1 
HETATM 982  O  O   . HOH D 4 .   ? -6.795  6.230   -15.383 1.00 41.64 ? 385 HOH A O   1 
HETATM 983  O  O   . HOH D 4 .   ? -26.036 3.070   -14.400 1.00 24.63 ? 386 HOH A O   1 
HETATM 984  O  O   . HOH D 4 .   ? 6.278   13.501  6.409   1.00 17.67 ? 387 HOH A O   1 
HETATM 985  O  O   . HOH D 4 .   ? -15.234 6.000   -15.774 1.00 26.81 ? 388 HOH A O   1 
HETATM 986  O  O   . HOH D 4 .   ? 13.428  -7.516  -7.123  1.00 25.52 ? 389 HOH A O   1 
HETATM 987  O  O   . HOH D 4 .   ? -3.113  6.068   -12.436 1.00 26.06 ? 390 HOH A O   1 
HETATM 988  O  O   . HOH D 4 .   ? -12.874 -6.183  -2.130  1.00 16.19 ? 391 HOH A O   1 
HETATM 989  O  O   . HOH D 4 .   ? -8.792  12.065  -9.201  1.00 19.38 ? 392 HOH A O   1 
HETATM 990  O  O   . HOH D 4 .   ? 4.196   15.622  7.304   1.00 22.43 ? 393 HOH A O   1 
HETATM 991  O  O   . HOH D 4 .   ? 10.782  11.162  8.948   1.00 17.22 ? 394 HOH A O   1 
HETATM 992  O  O   . HOH D 4 .   ? 3.637   9.151   -3.518  1.00 27.98 ? 395 HOH A O   1 
HETATM 993  O  O   . HOH D 4 .   ? 0.515   11.687  -1.980  1.00 11.44 ? 396 HOH A O   1 
HETATM 994  O  O   . HOH D 4 .   ? -19.284 10.559  -9.268  1.00 15.31 ? 397 HOH A O   1 
HETATM 995  O  O   . HOH D 4 .   ? 7.776   12.199  9.030   1.00 29.04 ? 398 HOH A O   1 
HETATM 996  O  O   . HOH D 4 .   ? -0.525  3.852   -9.214  1.00 13.32 ? 399 HOH A O   1 
HETATM 997  O  O   . HOH D 4 .   ? 2.531   18.537  10.569  1.00 28.75 ? 400 HOH A O   1 
HETATM 998  O  O   . HOH D 4 .   ? 17.240  -0.808  8.548   1.00 33.11 ? 401 HOH A O   1 
HETATM 999  O  O   . HOH D 4 .   ? -0.173  8.802   -6.301  1.00 26.00 ? 402 HOH A O   1 
HETATM 1000 O  O   . HOH D 4 .   ? 2.222   16.566  13.195  1.00 28.79 ? 403 HOH A O   1 
HETATM 1001 O  O   . HOH D 4 .   ? -0.685  5.956   -6.467  1.00 22.20 ? 404 HOH A O   1 
HETATM 1002 O  O   . HOH D 4 .   ? -3.124  8.083   -8.076  1.00 19.83 ? 405 HOH A O   1 
HETATM 1003 O  O   . HOH D 4 .   ? -11.458 8.673   -12.507 1.00 39.65 ? 406 HOH A O   1 
HETATM 1004 O  O   . HOH D 4 .   ? 2.790   14.749  15.081  1.00 36.90 ? 407 HOH A O   1 
HETATM 1005 O  O   . HOH D 4 .   ? -13.765 11.690  -10.015 1.00 29.78 ? 408 HOH A O   1 
HETATM 1006 O  O   . HOH D 4 .   ? 13.822  2.753   2.041   1.00 20.88 ? 409 HOH A O   1 
HETATM 1007 O  O   . HOH D 4 .   ? -10.951 3.337   -16.176 1.00 37.27 ? 410 HOH A O   1 
HETATM 1008 O  O   . HOH D 4 .   ? -30.511 1.010   -8.046  1.00 47.64 ? 411 HOH A O   1 
HETATM 1009 O  O   . HOH D 4 .   ? 16.563  -6.575  13.104  1.00 32.61 ? 412 HOH A O   1 
HETATM 1010 O  O   . HOH D 4 .   ? 18.279  -3.391  15.741  1.00 32.04 ? 413 HOH A O   1 
HETATM 1011 O  O   . HOH D 4 .   ? 17.214  6.922   8.930   1.00 38.21 ? 414 HOH A O   1 
HETATM 1012 O  O   . HOH D 4 .   ? -11.590 11.083  -9.952  1.00 32.16 ? 415 HOH A O   1 
HETATM 1013 O  O   . HOH D 4 .   ? 7.173   9.397   -1.550  1.00 36.29 ? 416 HOH A O   1 
HETATM 1014 O  O   . HOH D 4 .   ? 12.319  11.409  6.282   1.00 39.50 ? 417 HOH A O   1 
HETATM 1015 O  O   . HOH D 4 .   ? 8.467   -11.222 -3.739  0.50 36.57 ? 418 HOH A O   1 
HETATM 1016 O  O   . HOH D 4 .   ? -22.014 11.487  -9.109  1.00 41.23 ? 419 HOH A O   1 
HETATM 1017 O  O   . HOH D 4 .   ? -18.981 9.600   -12.292 1.00 32.99 ? 420 HOH A O   1 
HETATM 1018 O  O   . HOH D 4 .   ? -15.098 13.043  -8.610  1.00 35.57 ? 421 HOH A O   1 
HETATM 1019 O  O   . HOH D 4 .   ? -8.275  -1.856  -18.252 1.00 30.40 ? 422 HOH A O   1 
HETATM 1020 O  O   . HOH D 4 .   ? 7.640   1.183   -11.668 1.00 33.81 ? 423 HOH A O   1 
HETATM 1021 O  O   . HOH D 4 .   ? 9.977   11.722  1.589   1.00 41.47 ? 424 HOH A O   1 
HETATM 1022 O  O   . HOH D 4 .   ? 3.646   15.510  2.615   1.00 43.37 ? 425 HOH A O   1 
HETATM 1023 O  O   . HOH D 4 .   ? 14.201  9.198   5.013   1.00 35.42 ? 426 HOH A O   1 
HETATM 1024 O  O   . HOH D 4 .   ? -6.564  10.508  -9.886  1.00 27.04 ? 427 HOH A O   1 
HETATM 1025 O  O   . HOH D 4 .   ? 1.495   15.418  1.635   0.50 34.93 ? 428 HOH A O   1 
HETATM 1026 O  O   . HOH D 4 .   ? 4.700   -0.181  -14.286 1.00 29.22 ? 429 HOH A O   1 
HETATM 1027 O  O   . HOH D 4 .   ? 1.904   1.661   -14.588 1.00 39.17 ? 430 HOH A O   1 
HETATM 1028 O  O   . HOH D 4 .   ? 3.052   7.732   -5.419  1.00 31.35 ? 431 HOH A O   1 
HETATM 1029 O  O   . HOH D 4 .   ? -4.897  0.652   -16.778 1.00 30.39 ? 432 HOH A O   1 
HETATM 1030 O  O   . HOH D 4 .   ? 6.457   -2.362  -14.654 1.00 30.07 ? 433 HOH A O   1 
HETATM 1031 O  O   . HOH D 4 .   ? -9.586  10.371  -12.556 1.00 42.37 ? 434 HOH A O   1 
HETATM 1032 O  O   . HOH D 4 .   ? 9.082   2.746   -8.344  1.00 26.15 ? 435 HOH A O   1 
HETATM 1033 O  O   . HOH D 4 .   ? 8.000   5.840   -8.577  1.00 43.49 ? 436 HOH A O   1 
HETATM 1034 O  O   . HOH D 4 .   ? -1.592  -6.708  -15.971 1.00 28.93 ? 437 HOH A O   1 
HETATM 1035 O  O   . HOH D 4 .   ? 6.357   5.699   -11.193 1.00 42.22 ? 438 HOH A O   1 
HETATM 1036 O  O   . HOH D 4 .   ? 9.482   -12.601 -1.320  0.50 35.27 ? 439 HOH A O   1 
HETATM 1037 O  O   . HOH D 4 .   ? -10.810 0.658   -15.687 1.00 18.90 ? 440 HOH A O   1 
HETATM 1038 O  O   . HOH D 4 .   ? 7.526   3.943   -12.190 1.00 40.55 ? 441 HOH A O   1 
HETATM 1039 O  O   . HOH D 4 .   ? -17.268 6.077   -17.691 1.00 44.90 ? 442 HOH A O   1 
HETATM 1040 O  O   . HOH D 4 .   ? 15.981  4.586   1.137   1.00 45.89 ? 443 HOH A O   1 
HETATM 1041 O  O   . HOH D 4 .   ? 12.628  4.993   2.995   1.00 26.22 ? 444 HOH A O   1 
HETATM 1042 O  O   . HOH D 4 .   ? -29.802 5.097   -11.866 1.00 44.59 ? 445 HOH A O   1 
HETATM 1043 O  O   . HOH D 4 .   ? -1.940  6.147   -9.838  1.00 30.76 ? 446 HOH A O   1 
HETATM 1044 O  O   . HOH D 4 .   ? 13.153  6.652   1.058   1.00 34.85 ? 447 HOH A O   1 
HETATM 1045 O  O   . HOH D 4 .   ? 13.378  5.432   -1.834  1.00 30.38 ? 448 HOH A O   1 
HETATM 1046 O  O   . HOH D 4 .   ? 14.439  -4.797  24.493  1.00 37.04 ? 449 HOH A O   1 
HETATM 1047 O  O   . HOH D 4 .   ? -14.776 -7.700  -0.797  0.33 36.64 ? 450 HOH A O   1 
HETATM 1048 O  O   . HOH D 4 .   ? 4.111   20.573  12.747  1.00 41.09 ? 451 HOH A O   1 
HETATM 1049 O  O   . HOH D 4 .   ? -28.757 3.929   -13.813 1.00 36.03 ? 452 HOH A O   1 
HETATM 1050 O  O   . HOH D 4 .   ? -10.925 -0.071  -18.085 1.00 32.17 ? 453 HOH A O   1 
# 
loop_
_pdbx_poly_seq_scheme.asym_id 
_pdbx_poly_seq_scheme.entity_id 
_pdbx_poly_seq_scheme.seq_id 
_pdbx_poly_seq_scheme.mon_id 
_pdbx_poly_seq_scheme.ndb_seq_num 
_pdbx_poly_seq_scheme.pdb_seq_num 
_pdbx_poly_seq_scheme.auth_seq_num 
_pdbx_poly_seq_scheme.pdb_mon_id 
_pdbx_poly_seq_scheme.auth_mon_id 
_pdbx_poly_seq_scheme.pdb_strand_id 
_pdbx_poly_seq_scheme.pdb_ins_code 
_pdbx_poly_seq_scheme.hetero 
A 1 1   MET 1   556 ?   ?   ?   A . n 
A 1 2   HIS 2   557 ?   ?   ?   A . n 
A 1 3   HIS 3   558 ?   ?   ?   A . n 
A 1 4   HIS 4   559 ?   ?   ?   A . n 
A 1 5   HIS 5   560 ?   ?   ?   A . n 
A 1 6   HIS 6   561 ?   ?   ?   A . n 
A 1 7   HIS 7   562 ?   ?   ?   A . n 
A 1 8   SER 8   563 ?   ?   ?   A . n 
A 1 9   SER 9   564 ?   ?   ?   A . n 
A 1 10  GLY 10  565 ?   ?   ?   A . n 
A 1 11  VAL 11  566 ?   ?   ?   A . n 
A 1 12  ASP 12  567 ?   ?   ?   A . n 
A 1 13  LEU 13  568 ?   ?   ?   A . n 
A 1 14  GLY 14  569 ?   ?   ?   A . n 
A 1 15  THR 15  570 ?   ?   ?   A . n 
A 1 16  GLU 16  571 ?   ?   ?   A . n 
A 1 17  ASN 17  572 ?   ?   ?   A . n 
A 1 18  LEU 18  573 ?   ?   ?   A . n 
A 1 19  TYR 19  574 ?   ?   ?   A . n 
A 1 20  PHE 20  575 ?   ?   ?   A . n 
A 1 21  GLN 21  576 ?   ?   ?   A . n 
A 1 22  SER 22  577 ?   ?   ?   A . n 
A 1 23  ASN 23  578 ?   ?   ?   A . n 
A 1 24  ALA 24  579 ?   ?   ?   A . n 
A 1 25  LEU 25  580 9   LEU LEU A . n 
A 1 26  GLY 26  581 10  GLY GLY A . n 
A 1 27  ALA 27  582 11  ALA ALA A . n 
A 1 28  ASN 28  583 12  ASN ASN A . n 
A 1 29  THR 29  584 13  THR THR A . n 
A 1 30  ALA 30  585 14  ALA ALA A . n 
A 1 31  ALA 31  586 15  ALA ALA A . n 
A 1 32  GLY 32  587 16  GLY GLY A . n 
A 1 33  ALA 33  588 17  ALA ALA A . n 
A 1 34  ARG 34  589 18  ARG ARG A . n 
A 1 35  ASN 35  590 19  ASN ASN A . n 
A 1 36  ASN 36  591 20  ASN ASN A . n 
A 1 37  ILE 37  592 21  ILE ILE A . n 
A 1 38  GLY 38  593 22  GLY GLY A . n 
A 1 39  ALA 39  594 23  ALA ALA A . n 
A 1 40  GLY 40  595 24  GLY GLY A . n 
A 1 41  VAL 41  596 25  VAL VAL A . n 
A 1 42  PRO 42  597 26  PRO PRO A . n 
A 1 43  ALA 43  598 27  ALA ALA A . n 
A 1 44  THR 44  599 28  THR THR A . n 
A 1 45  ALA 45  600 29  ALA ALA A . n 
A 1 46  SER 46  601 30  SER SER A . n 
A 1 47  ARG 47  602 31  ARG ARG A . n 
A 1 48  ALA 48  603 32  ALA ALA A . n 
A 1 49  LEU 49  604 33  LEU LEU A . n 
A 1 50  ASN 50  605 34  ASN ASN A . n 
A 1 51  GLY 51  606 35  GLY GLY A . n 
A 1 52  TRP 52  607 36  TRP TRP A . n 
A 1 53  TRP 53  608 37  TRP TRP A . n 
A 1 54  LYS 54  609 38  LYS LYS A . n 
A 1 55  ASP 55  610 39  ASP ASP A . n 
A 1 56  ASN 56  611 40  ASN ASN A . n 
A 1 57  ASP 57  612 41  ASP ASP A . n 
A 1 58  THR 58  613 42  THR THR A . n 
A 1 59  GLY 59  614 43  GLY GLY A . n 
A 1 60  LEU 60  615 44  LEU LEU A . n 
A 1 61  ILE 61  616 45  ILE ILE A . n 
A 1 62  VAL 62  617 46  VAL VAL A . n 
A 1 63  GLN 63  618 47  GLN GLN A . n 
A 1 64  TRP 64  619 48  TRP TRP A . n 
A 1 65  MET 65  620 49  MET MET A . n 
A 1 66  GLN 66  621 50  GLN GLN A . n 
A 1 67  VAL 67  622 51  VAL VAL A . n 
A 1 68  ASN 68  623 52  ASN ASN A . n 
A 1 69  VAL 69  624 53  VAL VAL A . n 
A 1 70  GLY 70  625 54  GLY GLY A . n 
A 1 71  ASP 71  626 55  ASP ASP A . n 
A 1 72  HIS 72  627 56  HIS HIS A . n 
A 1 73  PRO 73  628 57  PRO PRO A . n 
A 1 74  GLY 74  629 58  GLY GLY A . n 
A 1 75  GLY 75  630 59  GLY GLY A . n 
A 1 76  ILE 76  631 60  ILE ILE A . n 
A 1 77  ILE 77  632 61  ILE ILE A . n 
A 1 78  ASP 78  633 62  ASP ASP A . n 
A 1 79  ARG 79  634 63  ARG ARG A . n 
A 1 80  THR 80  635 64  THR THR A . n 
A 1 81  LEU 81  636 65  LEU LEU A . n 
A 1 82  THR 82  637 66  THR THR A . n 
A 1 83  PHE 83  638 67  PHE PHE A . n 
A 1 84  PRO 84  639 68  PRO PRO A . n 
A 1 85  ILE 85  640 69  ILE ILE A . n 
A 1 86  ALA 86  641 70  ALA ALA A . n 
A 1 87  PHE 87  642 71  PHE PHE A . n 
A 1 88  PRO 88  643 72  PRO PRO A . n 
A 1 89  SER 89  644 73  SER SER A . n 
A 1 90  ALA 90  645 74  ALA ALA A . n 
A 1 91  CYS 91  646 75  CYS CYS A . n 
A 1 92  LEU 92  647 76  LEU LEU A . n 
A 1 93  HIS 93  648 77  HIS HIS A . n 
A 1 94  VAL 94  649 78  VAL VAL A . n 
A 1 95  VAL 95  650 79  VAL VAL A . n 
A 1 96  PRO 96  651 80  PRO PRO A . n 
A 1 97  THR 97  652 81  THR THR A . n 
A 1 98  VAL 98  653 82  VAL VAL A . n 
A 1 99  LYS 99  654 83  LYS LYS A . n 
A 1 100 GLU 100 655 84  GLU GLU A . n 
A 1 101 VAL 101 656 85  VAL VAL A . n 
A 1 102 GLY 102 657 86  GLY GLY A . n 
A 1 103 ARG 103 658 87  ARG ARG A . n 
A 1 104 PRO 104 659 88  PRO PRO A . n 
A 1 105 ALA 105 660 89  ALA ALA A . n 
A 1 106 THR 106 661 90  THR THR A . n 
A 1 107 SER 107 662 91  SER SER A . n 
A 1 108 ALA 108 663 92  ALA ALA A . n 
A 1 109 SER 109 664 93  SER SER A . n 
A 1 110 THR 110 665 94  THR THR A . n 
A 1 111 VAL 111 666 95  VAL VAL A . n 
A 1 112 THR 112 667 96  THR THR A . n 
A 1 113 VAL 113 668 97  VAL VAL A . n 
A 1 114 ALA 114 669 98  ALA ALA A . n 
A 1 115 ASP 115 670 99  ASP ASP A . n 
A 1 116 VAL 116 671 100 VAL VAL A . n 
A 1 117 SER 117 672 101 SER SER A . n 
A 1 118 VAL 118 673 102 VAL VAL A . n 
A 1 119 SER 119 674 103 SER SER A . n 
A 1 120 ASN 120 675 104 ASN ASN A . n 
A 1 121 THR 121 676 105 THR THR A . n 
A 1 122 GLY 122 677 106 GLY GLY A . n 
A 1 123 CYS 123 678 107 CYS CYS A . n 
A 1 124 VAL 124 679 108 VAL VAL A . n 
A 1 125 ILE 125 680 109 ILE ILE A . n 
A 1 126 VAL 126 681 110 VAL VAL A . n 
A 1 127 SER 127 682 111 SER SER A . n 
A 1 128 SER 128 683 112 SER SER A . n 
A 1 129 GLU 129 684 113 GLU GLU A . n 
A 1 130 TYR 130 685 114 TYR TYR A . n 
A 1 131 TYR 131 686 115 TYR TYR A . n 
A 1 132 GLY 132 687 116 GLY GLY A . n 
A 1 133 LEU 133 688 117 LEU LEU A . n 
A 1 134 ALA 134 689 118 ALA ALA A . n 
A 1 135 GLN 135 690 119 GLN GLN A . n 
A 1 136 ASN 136 691 120 ASN ASN A . n 
A 1 137 TYR 137 692 121 TYR TYR A . n 
A 1 138 GLY 138 693 122 GLY GLY A . n 
A 1 139 ILE 139 694 123 ILE ILE A . n 
A 1 140 ARG 140 695 124 ARG ARG A . n 
A 1 141 VAL 141 696 125 VAL VAL A . n 
A 1 142 MET 142 697 126 MET MET A . n 
A 1 143 ALA 143 698 127 ALA ALA A . n 
A 1 144 ILE 144 699 128 ILE ILE A . n 
A 1 145 GLY 145 700 129 GLY GLY A . n 
A 1 146 TYR 146 701 130 TYR TYR A . n 
# 
loop_
_pdbx_nonpoly_scheme.asym_id 
_pdbx_nonpoly_scheme.entity_id 
_pdbx_nonpoly_scheme.mon_id 
_pdbx_nonpoly_scheme.ndb_seq_num 
_pdbx_nonpoly_scheme.pdb_seq_num 
_pdbx_nonpoly_scheme.auth_seq_num 
_pdbx_nonpoly_scheme.pdb_mon_id 
_pdbx_nonpoly_scheme.auth_mon_id 
_pdbx_nonpoly_scheme.pdb_strand_id 
_pdbx_nonpoly_scheme.pdb_ins_code 
B 2 MG  1   201 1   MG  MG  A . 
C 3 GOL 1   202 1   GOL GOL A . 
D 4 HOH 1   301 2   HOH HOH A . 
D 4 HOH 2   302 140 HOH HOH A . 
D 4 HOH 3   303 48  HOH HOH A . 
D 4 HOH 4   304 72  HOH HOH A . 
D 4 HOH 5   305 64  HOH HOH A . 
D 4 HOH 6   306 113 HOH HOH A . 
D 4 HOH 7   307 13  HOH HOH A . 
D 4 HOH 8   308 40  HOH HOH A . 
D 4 HOH 9   309 85  HOH HOH A . 
D 4 HOH 10  310 51  HOH HOH A . 
D 4 HOH 11  311 56  HOH HOH A . 
D 4 HOH 12  312 26  HOH HOH A . 
D 4 HOH 13  313 123 HOH HOH A . 
D 4 HOH 14  314 88  HOH HOH A . 
D 4 HOH 15  315 73  HOH HOH A . 
D 4 HOH 16  316 84  HOH HOH A . 
D 4 HOH 17  317 27  HOH HOH A . 
D 4 HOH 18  318 52  HOH HOH A . 
D 4 HOH 19  319 25  HOH HOH A . 
D 4 HOH 20  320 15  HOH HOH A . 
D 4 HOH 21  321 29  HOH HOH A . 
D 4 HOH 22  322 108 HOH HOH A . 
D 4 HOH 23  323 59  HOH HOH A . 
D 4 HOH 24  324 134 HOH HOH A . 
D 4 HOH 25  325 28  HOH HOH A . 
D 4 HOH 26  326 109 HOH HOH A . 
D 4 HOH 27  327 125 HOH HOH A . 
D 4 HOH 28  328 31  HOH HOH A . 
D 4 HOH 29  329 54  HOH HOH A . 
D 4 HOH 30  330 9   HOH HOH A . 
D 4 HOH 31  331 43  HOH HOH A . 
D 4 HOH 32  332 19  HOH HOH A . 
D 4 HOH 33  333 102 HOH HOH A . 
D 4 HOH 34  334 11  HOH HOH A . 
D 4 HOH 35  335 7   HOH HOH A . 
D 4 HOH 36  336 131 HOH HOH A . 
D 4 HOH 37  337 22  HOH HOH A . 
D 4 HOH 38  338 17  HOH HOH A . 
D 4 HOH 39  339 91  HOH HOH A . 
D 4 HOH 40  340 38  HOH HOH A . 
D 4 HOH 41  341 37  HOH HOH A . 
D 4 HOH 42  342 4   HOH HOH A . 
D 4 HOH 43  343 90  HOH HOH A . 
D 4 HOH 44  344 118 HOH HOH A . 
D 4 HOH 45  345 5   HOH HOH A . 
D 4 HOH 46  346 36  HOH HOH A . 
D 4 HOH 47  347 135 HOH HOH A . 
D 4 HOH 48  348 12  HOH HOH A . 
D 4 HOH 49  349 16  HOH HOH A . 
D 4 HOH 50  350 74  HOH HOH A . 
D 4 HOH 51  351 6   HOH HOH A . 
D 4 HOH 52  352 53  HOH HOH A . 
D 4 HOH 53  353 60  HOH HOH A . 
D 4 HOH 54  354 77  HOH HOH A . 
D 4 HOH 55  355 107 HOH HOH A . 
D 4 HOH 56  356 8   HOH HOH A . 
D 4 HOH 57  357 20  HOH HOH A . 
D 4 HOH 58  358 34  HOH HOH A . 
D 4 HOH 59  359 14  HOH HOH A . 
D 4 HOH 60  360 97  HOH HOH A . 
D 4 HOH 61  361 94  HOH HOH A . 
D 4 HOH 62  362 152 HOH HOH A . 
D 4 HOH 63  363 1   HOH HOH A . 
D 4 HOH 64  364 42  HOH HOH A . 
D 4 HOH 65  365 137 HOH HOH A . 
D 4 HOH 66  366 3   HOH HOH A . 
D 4 HOH 67  367 58  HOH HOH A . 
D 4 HOH 68  368 63  HOH HOH A . 
D 4 HOH 69  369 124 HOH HOH A . 
D 4 HOH 70  370 39  HOH HOH A . 
D 4 HOH 71  371 146 HOH HOH A . 
D 4 HOH 72  372 44  HOH HOH A . 
D 4 HOH 73  373 92  HOH HOH A . 
D 4 HOH 74  374 50  HOH HOH A . 
D 4 HOH 75  375 23  HOH HOH A . 
D 4 HOH 76  376 79  HOH HOH A . 
D 4 HOH 77  377 145 HOH HOH A . 
D 4 HOH 78  378 66  HOH HOH A . 
D 4 HOH 79  379 10  HOH HOH A . 
D 4 HOH 80  380 41  HOH HOH A . 
D 4 HOH 81  381 87  HOH HOH A . 
D 4 HOH 82  382 104 HOH HOH A . 
D 4 HOH 83  383 49  HOH HOH A . 
D 4 HOH 84  384 47  HOH HOH A . 
D 4 HOH 85  385 86  HOH HOH A . 
D 4 HOH 86  386 30  HOH HOH A . 
D 4 HOH 87  387 33  HOH HOH A . 
D 4 HOH 88  388 75  HOH HOH A . 
D 4 HOH 89  389 55  HOH HOH A . 
D 4 HOH 90  390 57  HOH HOH A . 
D 4 HOH 91  391 18  HOH HOH A . 
D 4 HOH 92  392 21  HOH HOH A . 
D 4 HOH 93  393 138 HOH HOH A . 
D 4 HOH 94  394 69  HOH HOH A . 
D 4 HOH 95  395 83  HOH HOH A . 
D 4 HOH 96  396 147 HOH HOH A . 
D 4 HOH 97  397 115 HOH HOH A . 
D 4 HOH 98  398 101 HOH HOH A . 
D 4 HOH 99  399 71  HOH HOH A . 
D 4 HOH 100 400 68  HOH HOH A . 
D 4 HOH 101 401 139 HOH HOH A . 
D 4 HOH 102 402 62  HOH HOH A . 
D 4 HOH 103 403 65  HOH HOH A . 
D 4 HOH 104 404 35  HOH HOH A . 
D 4 HOH 105 405 32  HOH HOH A . 
D 4 HOH 106 406 127 HOH HOH A . 
D 4 HOH 107 407 99  HOH HOH A . 
D 4 HOH 108 408 80  HOH HOH A . 
D 4 HOH 109 409 70  HOH HOH A . 
D 4 HOH 110 410 122 HOH HOH A . 
D 4 HOH 111 411 151 HOH HOH A . 
D 4 HOH 112 412 119 HOH HOH A . 
D 4 HOH 113 413 148 HOH HOH A . 
D 4 HOH 114 414 136 HOH HOH A . 
D 4 HOH 115 415 100 HOH HOH A . 
D 4 HOH 116 416 120 HOH HOH A . 
D 4 HOH 117 417 128 HOH HOH A . 
D 4 HOH 118 418 116 HOH HOH A . 
D 4 HOH 119 419 144 HOH HOH A . 
D 4 HOH 120 420 117 HOH HOH A . 
D 4 HOH 121 421 121 HOH HOH A . 
D 4 HOH 122 422 96  HOH HOH A . 
D 4 HOH 123 423 106 HOH HOH A . 
D 4 HOH 124 424 126 HOH HOH A . 
D 4 HOH 125 425 153 HOH HOH A . 
D 4 HOH 126 426 95  HOH HOH A . 
D 4 HOH 127 427 78  HOH HOH A . 
D 4 HOH 128 428 150 HOH HOH A . 
D 4 HOH 129 429 93  HOH HOH A . 
D 4 HOH 130 430 112 HOH HOH A . 
D 4 HOH 131 431 61  HOH HOH A . 
D 4 HOH 132 432 76  HOH HOH A . 
D 4 HOH 133 433 98  HOH HOH A . 
D 4 HOH 134 434 143 HOH HOH A . 
D 4 HOH 135 435 46  HOH HOH A . 
D 4 HOH 136 436 132 HOH HOH A . 
D 4 HOH 137 437 45  HOH HOH A . 
D 4 HOH 138 438 133 HOH HOH A . 
D 4 HOH 139 439 141 HOH HOH A . 
D 4 HOH 140 440 24  HOH HOH A . 
D 4 HOH 141 441 130 HOH HOH A . 
D 4 HOH 142 442 149 HOH HOH A . 
D 4 HOH 143 443 111 HOH HOH A . 
D 4 HOH 144 444 82  HOH HOH A . 
D 4 HOH 145 445 142 HOH HOH A . 
D 4 HOH 146 446 81  HOH HOH A . 
D 4 HOH 147 447 67  HOH HOH A . 
D 4 HOH 148 448 110 HOH HOH A . 
D 4 HOH 149 449 105 HOH HOH A . 
D 4 HOH 150 450 89  HOH HOH A . 
D 4 HOH 151 451 129 HOH HOH A . 
D 4 HOH 152 452 114 HOH HOH A . 
D 4 HOH 153 453 103 HOH HOH A . 
# 
_pdbx_struct_assembly.id                   1 
_pdbx_struct_assembly.details              author_and_software_defined_assembly 
_pdbx_struct_assembly.method_details       PISA 
_pdbx_struct_assembly.oligomeric_details   trimeric 
_pdbx_struct_assembly.oligomeric_count     3 
# 
_pdbx_struct_assembly_gen.assembly_id       1 
_pdbx_struct_assembly_gen.oper_expression   1,2,3 
_pdbx_struct_assembly_gen.asym_id_list      A,B,C,D 
# 
loop_
_pdbx_struct_assembly_prop.biol_id 
_pdbx_struct_assembly_prop.type 
_pdbx_struct_assembly_prop.value 
_pdbx_struct_assembly_prop.details 
1 'ABSA (A^2)' 8800  ? 
1 MORE         -78   ? 
1 'SSA (A^2)'  12800 ? 
# 
loop_
_pdbx_struct_oper_list.id 
_pdbx_struct_oper_list.type 
_pdbx_struct_oper_list.name 
_pdbx_struct_oper_list.symmetry_operation 
_pdbx_struct_oper_list.matrix[1][1] 
_pdbx_struct_oper_list.matrix[1][2] 
_pdbx_struct_oper_list.matrix[1][3] 
_pdbx_struct_oper_list.vector[1] 
_pdbx_struct_oper_list.matrix[2][1] 
_pdbx_struct_oper_list.matrix[2][2] 
_pdbx_struct_oper_list.matrix[2][3] 
_pdbx_struct_oper_list.vector[2] 
_pdbx_struct_oper_list.matrix[3][1] 
_pdbx_struct_oper_list.matrix[3][2] 
_pdbx_struct_oper_list.matrix[3][3] 
_pdbx_struct_oper_list.vector[3] 
1 'identity operation'         1_555 x,y,z 1.0000000000 0.0000000000  0.0000000000 0.0000000000  0.0000000000  1.0000000000  0.0000000000  0.0000000000   0.0000000000 0.0000000000  1.0000000000  0.0000000000  
2 'crystal symmetry operation' 5_555 z,x,y 0.3923546917 -0.1294533223 0.9106589006 -9.2498760028 0.8372759300  -0.3596374153 -0.4118615624 1.5739671194   0.3808238609 0.9240685942  -0.0327172764 11.9198269200 
3 'crystal symmetry operation' 9_555 y,z,x 0.3923546917 0.8372759300  0.3808238609 -2.2279670447 -0.1294533223 -0.3596374153 0.9240685942  -11.6461074185 0.9106589006 -0.4118615624 -0.0327172764 9.4617227400 
# 
loop_
_pdbx_struct_special_symmetry.id 
_pdbx_struct_special_symmetry.PDB_model_num 
_pdbx_struct_special_symmetry.auth_asym_id 
_pdbx_struct_special_symmetry.auth_comp_id 
_pdbx_struct_special_symmetry.auth_seq_id 
_pdbx_struct_special_symmetry.PDB_ins_code 
_pdbx_struct_special_symmetry.label_asym_id 
_pdbx_struct_special_symmetry.label_comp_id 
_pdbx_struct_special_symmetry.label_seq_id 
1 1 A HOH 418 ? D HOH . 
2 1 A HOH 428 ? D HOH . 
3 1 A HOH 439 ? D HOH . 
4 1 A HOH 450 ? D HOH . 
# 
loop_
_pdbx_struct_conn_angle.id 
_pdbx_struct_conn_angle.ptnr1_label_atom_id 
_pdbx_struct_conn_angle.ptnr1_label_alt_id 
_pdbx_struct_conn_angle.ptnr1_label_asym_id 
_pdbx_struct_conn_angle.ptnr1_label_comp_id 
_pdbx_struct_conn_angle.ptnr1_label_seq_id 
_pdbx_struct_conn_angle.ptnr1_auth_atom_id 
_pdbx_struct_conn_angle.ptnr1_auth_asym_id 
_pdbx_struct_conn_angle.ptnr1_auth_comp_id 
_pdbx_struct_conn_angle.ptnr1_auth_seq_id 
_pdbx_struct_conn_angle.ptnr1_PDB_ins_code 
_pdbx_struct_conn_angle.ptnr1_symmetry 
_pdbx_struct_conn_angle.ptnr2_label_atom_id 
_pdbx_struct_conn_angle.ptnr2_label_alt_id 
_pdbx_struct_conn_angle.ptnr2_label_asym_id 
_pdbx_struct_conn_angle.ptnr2_label_comp_id 
_pdbx_struct_conn_angle.ptnr2_label_seq_id 
_pdbx_struct_conn_angle.ptnr2_auth_atom_id 
_pdbx_struct_conn_angle.ptnr2_auth_asym_id 
_pdbx_struct_conn_angle.ptnr2_auth_comp_id 
_pdbx_struct_conn_angle.ptnr2_auth_seq_id 
_pdbx_struct_conn_angle.ptnr2_PDB_ins_code 
_pdbx_struct_conn_angle.ptnr2_symmetry 
_pdbx_struct_conn_angle.ptnr3_label_atom_id 
_pdbx_struct_conn_angle.ptnr3_label_alt_id 
_pdbx_struct_conn_angle.ptnr3_label_asym_id 
_pdbx_struct_conn_angle.ptnr3_label_comp_id 
_pdbx_struct_conn_angle.ptnr3_label_seq_id 
_pdbx_struct_conn_angle.ptnr3_auth_atom_id 
_pdbx_struct_conn_angle.ptnr3_auth_asym_id 
_pdbx_struct_conn_angle.ptnr3_auth_comp_id 
_pdbx_struct_conn_angle.ptnr3_auth_seq_id 
_pdbx_struct_conn_angle.ptnr3_PDB_ins_code 
_pdbx_struct_conn_angle.ptnr3_symmetry 
_pdbx_struct_conn_angle.value 
_pdbx_struct_conn_angle.value_esd 
1  O   ? D HOH .   ? A HOH 304 ? 1_555 MG ? B MG . ? A MG 201 ? 1_555 O   ? D HOH .   ? A HOH 321 ? 1_555 58.6  ? 
2  O   ? D HOH .   ? A HOH 304 ? 1_555 MG ? B MG . ? A MG 201 ? 1_555 OD2 ? A ASP 71  ? A ASP 626 ? 1_555 130.1 ? 
3  O   ? D HOH .   ? A HOH 321 ? 1_555 MG ? B MG . ? A MG 201 ? 1_555 OD2 ? A ASP 71  ? A ASP 626 ? 1_555 77.7  ? 
4  O   ? D HOH .   ? A HOH 304 ? 1_555 MG ? B MG . ? A MG 201 ? 1_555 O   ? A HIS 72  ? A HIS 627 ? 1_555 73.7  ? 
5  O   ? D HOH .   ? A HOH 321 ? 1_555 MG ? B MG . ? A MG 201 ? 1_555 O   ? A HIS 72  ? A HIS 627 ? 1_555 87.3  ? 
6  OD2 ? A ASP 71  ? A ASP 626 ? 1_555 MG ? B MG . ? A MG 201 ? 1_555 O   ? A HIS 72  ? A HIS 627 ? 1_555 81.8  ? 
7  O   ? D HOH .   ? A HOH 304 ? 1_555 MG ? B MG . ? A MG 201 ? 1_555 OE1 ? A GLU 129 ? A GLU 684 ? 1_555 73.8  ? 
8  O   ? D HOH .   ? A HOH 321 ? 1_555 MG ? B MG . ? A MG 201 ? 1_555 OE1 ? A GLU 129 ? A GLU 684 ? 1_555 132.4 ? 
9  OD2 ? A ASP 71  ? A ASP 626 ? 1_555 MG ? B MG . ? A MG 201 ? 1_555 OE1 ? A GLU 129 ? A GLU 684 ? 1_555 143.1 ? 
10 O   ? A HIS 72  ? A HIS 627 ? 1_555 MG ? B MG . ? A MG 201 ? 1_555 OE1 ? A GLU 129 ? A GLU 684 ? 1_555 79.7  ? 
11 O   ? D HOH .   ? A HOH 304 ? 1_555 MG ? B MG . ? A MG 201 ? 1_555 O   ? A LEU 133 ? A LEU 688 ? 1_555 103.1 ? 
12 O   ? D HOH .   ? A HOH 321 ? 1_555 MG ? B MG . ? A MG 201 ? 1_555 O   ? A LEU 133 ? A LEU 688 ? 1_555 90.0  ? 
13 OD2 ? A ASP 71  ? A ASP 626 ? 1_555 MG ? B MG . ? A MG 201 ? 1_555 O   ? A LEU 133 ? A LEU 688 ? 1_555 99.6  ? 
14 O   ? A HIS 72  ? A HIS 627 ? 1_555 MG ? B MG . ? A MG 201 ? 1_555 O   ? A LEU 133 ? A LEU 688 ? 1_555 176.6 ? 
15 OE1 ? A GLU 129 ? A GLU 684 ? 1_555 MG ? B MG . ? A MG 201 ? 1_555 O   ? A LEU 133 ? A LEU 688 ? 1_555 100.8 ? 
16 O   ? D HOH .   ? A HOH 304 ? 1_555 MG ? B MG . ? A MG 201 ? 1_555 OE1 ? A GLN 135 ? A GLN 690 ? 1_555 151.4 ? 
17 O   ? D HOH .   ? A HOH 321 ? 1_555 MG ? B MG . ? A MG 201 ? 1_555 OE1 ? A GLN 135 ? A GLN 690 ? 1_555 149.7 ? 
18 OD2 ? A ASP 71  ? A ASP 626 ? 1_555 MG ? B MG . ? A MG 201 ? 1_555 OE1 ? A GLN 135 ? A GLN 690 ? 1_555 73.8  ? 
19 O   ? A HIS 72  ? A HIS 627 ? 1_555 MG ? B MG . ? A MG 201 ? 1_555 OE1 ? A GLN 135 ? A GLN 690 ? 1_555 98.3  ? 
20 OE1 ? A GLU 129 ? A GLU 684 ? 1_555 MG ? B MG . ? A MG 201 ? 1_555 OE1 ? A GLN 135 ? A GLN 690 ? 1_555 77.8  ? 
21 O   ? A LEU 133 ? A LEU 688 ? 1_555 MG ? B MG . ? A MG 201 ? 1_555 OE1 ? A GLN 135 ? A GLN 690 ? 1_555 85.1  ? 
# 
loop_
_pdbx_audit_revision_history.ordinal 
_pdbx_audit_revision_history.data_content_type 
_pdbx_audit_revision_history.major_revision 
_pdbx_audit_revision_history.minor_revision 
_pdbx_audit_revision_history.revision_date 
1 'Structure model' 1 0 2019-02-20 
2 'Structure model' 1 1 2023-10-04 
# 
_pdbx_audit_revision_details.ordinal             1 
_pdbx_audit_revision_details.revision_ordinal    1 
_pdbx_audit_revision_details.data_content_type   'Structure model' 
_pdbx_audit_revision_details.provider            repository 
_pdbx_audit_revision_details.type                'Initial release' 
_pdbx_audit_revision_details.description         ? 
_pdbx_audit_revision_details.details             ? 
# 
loop_
_pdbx_audit_revision_group.ordinal 
_pdbx_audit_revision_group.revision_ordinal 
_pdbx_audit_revision_group.data_content_type 
_pdbx_audit_revision_group.group 
1 2 'Structure model' 'Data collection'        
2 2 'Structure model' 'Database references'    
3 2 'Structure model' 'Derived calculations'   
4 2 'Structure model' 'Refinement description' 
# 
loop_
_pdbx_audit_revision_category.ordinal 
_pdbx_audit_revision_category.revision_ordinal 
_pdbx_audit_revision_category.data_content_type 
_pdbx_audit_revision_category.category 
1 2 'Structure model' chem_comp_atom                
2 2 'Structure model' chem_comp_bond                
3 2 'Structure model' database_2                    
4 2 'Structure model' pdbx_initial_refinement_model 
5 2 'Structure model' pdbx_struct_conn_angle        
6 2 'Structure model' struct_conn                   
# 
loop_
_pdbx_audit_revision_item.ordinal 
_pdbx_audit_revision_item.revision_ordinal 
_pdbx_audit_revision_item.data_content_type 
_pdbx_audit_revision_item.item 
1  2 'Structure model' '_database_2.pdbx_DOI'                        
2  2 'Structure model' '_database_2.pdbx_database_accession'         
3  2 'Structure model' '_pdbx_struct_conn_angle.ptnr1_auth_comp_id'  
4  2 'Structure model' '_pdbx_struct_conn_angle.ptnr1_auth_seq_id'   
5  2 'Structure model' '_pdbx_struct_conn_angle.ptnr1_label_asym_id' 
6  2 'Structure model' '_pdbx_struct_conn_angle.ptnr1_label_atom_id' 
7  2 'Structure model' '_pdbx_struct_conn_angle.ptnr1_label_comp_id' 
8  2 'Structure model' '_pdbx_struct_conn_angle.ptnr1_label_seq_id'  
9  2 'Structure model' '_pdbx_struct_conn_angle.ptnr3_auth_comp_id'  
10 2 'Structure model' '_pdbx_struct_conn_angle.ptnr3_auth_seq_id'   
11 2 'Structure model' '_pdbx_struct_conn_angle.ptnr3_label_asym_id' 
12 2 'Structure model' '_pdbx_struct_conn_angle.ptnr3_label_atom_id' 
13 2 'Structure model' '_pdbx_struct_conn_angle.ptnr3_label_comp_id' 
14 2 'Structure model' '_pdbx_struct_conn_angle.ptnr3_label_seq_id'  
15 2 'Structure model' '_pdbx_struct_conn_angle.value'               
16 2 'Structure model' '_struct_conn.pdbx_dist_value'                
17 2 'Structure model' '_struct_conn.ptnr1_auth_comp_id'             
18 2 'Structure model' '_struct_conn.ptnr1_auth_seq_id'              
19 2 'Structure model' '_struct_conn.ptnr1_label_asym_id'            
20 2 'Structure model' '_struct_conn.ptnr1_label_atom_id'            
21 2 'Structure model' '_struct_conn.ptnr1_label_comp_id'            
22 2 'Structure model' '_struct_conn.ptnr1_label_seq_id'             
23 2 'Structure model' '_struct_conn.ptnr2_auth_comp_id'             
24 2 'Structure model' '_struct_conn.ptnr2_auth_seq_id'              
25 2 'Structure model' '_struct_conn.ptnr2_label_asym_id'            
26 2 'Structure model' '_struct_conn.ptnr2_label_atom_id'            
27 2 'Structure model' '_struct_conn.ptnr2_label_comp_id'            
28 2 'Structure model' '_struct_conn.ptnr2_label_seq_id'             
# 
_pdbx_phasing_MR.entry_id                     6CXB 
_pdbx_phasing_MR.method_rotation              ? 
_pdbx_phasing_MR.method_translation           ? 
_pdbx_phasing_MR.model_details                ? 
_pdbx_phasing_MR.R_factor                     ? 
_pdbx_phasing_MR.R_rigid_body                 ? 
_pdbx_phasing_MR.correlation_coeff_Fo_to_Fc   ? 
_pdbx_phasing_MR.correlation_coeff_Io_to_Ic   ? 
_pdbx_phasing_MR.d_res_high_rotation          2.500 
_pdbx_phasing_MR.d_res_low_rotation           41.710 
_pdbx_phasing_MR.d_res_high_translation       2.500 
_pdbx_phasing_MR.d_res_low_translation        41.710 
_pdbx_phasing_MR.packing                      ? 
_pdbx_phasing_MR.reflns_percent_rotation      ? 
_pdbx_phasing_MR.reflns_percent_translation   ? 
_pdbx_phasing_MR.sigma_F_rotation             ? 
_pdbx_phasing_MR.sigma_F_translation          ? 
_pdbx_phasing_MR.sigma_I_rotation             ? 
_pdbx_phasing_MR.sigma_I_translation          ? 
# 
_phasing.method   MR 
# 
loop_
_software.citation_id 
_software.classification 
_software.compiler_name 
_software.compiler_version 
_software.contact_author 
_software.contact_author_email 
_software.date 
_software.description 
_software.dependencies 
_software.hardware 
_software.language 
_software.location 
_software.mods 
_software.name 
_software.os 
_software.os_version 
_software.type 
_software.version 
_software.pdbx_ordinal 
? refinement        ? ? ?                    ?                           ?                                     ? ? ? ?   ? ? 
PHENIX      ? ? ?       1.10.1_2155 1 
? 'data reduction'  ? ? 'Zbyszek Otwinowski' hkl@hkl-xray.com            ?                                     ? ? ? ?   
http://www.hkl-xray.com/                    ? HKL-2000    ? ? package .           2 
? 'data scaling'    ? ? 'Zbyszek Otwinowski' hkl@hkl-xray.com            ?                                     ? ? ? ?   
http://www.hkl-xray.com/                    ? HKL-2000    ? ? package .           3 
? phasing           ? ? 'Randy J. Read'      cimr-phaser@lists.cam.ac.uk 'Wed Sep  2 22:48:39 2015 (svn 7086)' ? ? ? ?   
http://www-structmed.cimr.cam.ac.uk/phaser/ ? PHASER      ? ? program 2.6.0       4 
? 'data extraction' ? ? PDB                  deposit@deposit.rcsb.org    'Sep. 1, 2017'                        ? ? ? C++ 
http://sw-tools.pdb.org/apps/PDB_EXTRACT/   ? PDB_EXTRACT ? ? package 3.24        5 
# 
loop_
_pdbx_validate_torsion.id 
_pdbx_validate_torsion.PDB_model_num 
_pdbx_validate_torsion.auth_comp_id 
_pdbx_validate_torsion.auth_asym_id 
_pdbx_validate_torsion.auth_seq_id 
_pdbx_validate_torsion.PDB_ins_code 
_pdbx_validate_torsion.label_alt_id 
_pdbx_validate_torsion.phi 
_pdbx_validate_torsion.psi 
1 1 SER A 644 ? ? -123.33 -50.82 
2 1 ALA A 660 ? ? -137.11 -40.48 
# 
_pdbx_distant_solvent_atoms.id                                1 
_pdbx_distant_solvent_atoms.PDB_model_num                     1 
_pdbx_distant_solvent_atoms.auth_atom_id                      O 
_pdbx_distant_solvent_atoms.label_alt_id                      ? 
_pdbx_distant_solvent_atoms.auth_asym_id                      A 
_pdbx_distant_solvent_atoms.auth_comp_id                      HOH 
_pdbx_distant_solvent_atoms.auth_seq_id                       453 
_pdbx_distant_solvent_atoms.PDB_ins_code                      ? 
_pdbx_distant_solvent_atoms.neighbor_macromolecule_distance   5.94 
_pdbx_distant_solvent_atoms.neighbor_ligand_distance          . 
# 
loop_
_pdbx_unobs_or_zero_occ_residues.id 
_pdbx_unobs_or_zero_occ_residues.PDB_model_num 
_pdbx_unobs_or_zero_occ_residues.polymer_flag 
_pdbx_unobs_or_zero_occ_residues.occupancy_flag 
_pdbx_unobs_or_zero_occ_residues.auth_asym_id 
_pdbx_unobs_or_zero_occ_residues.auth_comp_id 
_pdbx_unobs_or_zero_occ_residues.auth_seq_id 
_pdbx_unobs_or_zero_occ_residues.PDB_ins_code 
_pdbx_unobs_or_zero_occ_residues.label_asym_id 
_pdbx_unobs_or_zero_occ_residues.label_comp_id 
_pdbx_unobs_or_zero_occ_residues.label_seq_id 
1  1 Y 1 A MET 556 ? A MET 1  
2  1 Y 1 A HIS 557 ? A HIS 2  
3  1 Y 1 A HIS 558 ? A HIS 3  
4  1 Y 1 A HIS 559 ? A HIS 4  
5  1 Y 1 A HIS 560 ? A HIS 5  
6  1 Y 1 A HIS 561 ? A HIS 6  
7  1 Y 1 A HIS 562 ? A HIS 7  
8  1 Y 1 A SER 563 ? A SER 8  
9  1 Y 1 A SER 564 ? A SER 9  
10 1 Y 1 A GLY 565 ? A GLY 10 
11 1 Y 1 A VAL 566 ? A VAL 11 
12 1 Y 1 A ASP 567 ? A ASP 12 
13 1 Y 1 A LEU 568 ? A LEU 13 
14 1 Y 1 A GLY 569 ? A GLY 14 
15 1 Y 1 A THR 570 ? A THR 15 
16 1 Y 1 A GLU 571 ? A GLU 16 
17 1 Y 1 A ASN 572 ? A ASN 17 
18 1 Y 1 A LEU 573 ? A LEU 18 
19 1 Y 1 A TYR 574 ? A TYR 19 
20 1 Y 1 A PHE 575 ? A PHE 20 
21 1 Y 1 A GLN 576 ? A GLN 21 
22 1 Y 1 A SER 577 ? A SER 22 
23 1 Y 1 A ASN 578 ? A ASN 23 
24 1 Y 1 A ALA 579 ? A ALA 24 
# 
loop_
_chem_comp_atom.comp_id 
_chem_comp_atom.atom_id 
_chem_comp_atom.type_symbol 
_chem_comp_atom.pdbx_aromatic_flag 
_chem_comp_atom.pdbx_stereo_config 
_chem_comp_atom.pdbx_ordinal 
ALA N    N  N N 1   
ALA CA   C  N S 2   
ALA C    C  N N 3   
ALA O    O  N N 4   
ALA CB   C  N N 5   
ALA OXT  O  N N 6   
ALA H    H  N N 7   
ALA H2   H  N N 8   
ALA HA   H  N N 9   
ALA HB1  H  N N 10  
ALA HB2  H  N N 11  
ALA HB3  H  N N 12  
ALA HXT  H  N N 13  
ARG N    N  N N 14  
ARG CA   C  N S 15  
ARG C    C  N N 16  
ARG O    O  N N 17  
ARG CB   C  N N 18  
ARG CG   C  N N 19  
ARG CD   C  N N 20  
ARG NE   N  N N 21  
ARG CZ   C  N N 22  
ARG NH1  N  N N 23  
ARG NH2  N  N N 24  
ARG OXT  O  N N 25  
ARG H    H  N N 26  
ARG H2   H  N N 27  
ARG HA   H  N N 28  
ARG HB2  H  N N 29  
ARG HB3  H  N N 30  
ARG HG2  H  N N 31  
ARG HG3  H  N N 32  
ARG HD2  H  N N 33  
ARG HD3  H  N N 34  
ARG HE   H  N N 35  
ARG HH11 H  N N 36  
ARG HH12 H  N N 37  
ARG HH21 H  N N 38  
ARG HH22 H  N N 39  
ARG HXT  H  N N 40  
ASN N    N  N N 41  
ASN CA   C  N S 42  
ASN C    C  N N 43  
ASN O    O  N N 44  
ASN CB   C  N N 45  
ASN CG   C  N N 46  
ASN OD1  O  N N 47  
ASN ND2  N  N N 48  
ASN OXT  O  N N 49  
ASN H    H  N N 50  
ASN H2   H  N N 51  
ASN HA   H  N N 52  
ASN HB2  H  N N 53  
ASN HB3  H  N N 54  
ASN HD21 H  N N 55  
ASN HD22 H  N N 56  
ASN HXT  H  N N 57  
ASP N    N  N N 58  
ASP CA   C  N S 59  
ASP C    C  N N 60  
ASP O    O  N N 61  
ASP CB   C  N N 62  
ASP CG   C  N N 63  
ASP OD1  O  N N 64  
ASP OD2  O  N N 65  
ASP OXT  O  N N 66  
ASP H    H  N N 67  
ASP H2   H  N N 68  
ASP HA   H  N N 69  
ASP HB2  H  N N 70  
ASP HB3  H  N N 71  
ASP HD2  H  N N 72  
ASP HXT  H  N N 73  
CYS N    N  N N 74  
CYS CA   C  N R 75  
CYS C    C  N N 76  
CYS O    O  N N 77  
CYS CB   C  N N 78  
CYS SG   S  N N 79  
CYS OXT  O  N N 80  
CYS H    H  N N 81  
CYS H2   H  N N 82  
CYS HA   H  N N 83  
CYS HB2  H  N N 84  
CYS HB3  H  N N 85  
CYS HG   H  N N 86  
CYS HXT  H  N N 87  
GLN N    N  N N 88  
GLN CA   C  N S 89  
GLN C    C  N N 90  
GLN O    O  N N 91  
GLN CB   C  N N 92  
GLN CG   C  N N 93  
GLN CD   C  N N 94  
GLN OE1  O  N N 95  
GLN NE2  N  N N 96  
GLN OXT  O  N N 97  
GLN H    H  N N 98  
GLN H2   H  N N 99  
GLN HA   H  N N 100 
GLN HB2  H  N N 101 
GLN HB3  H  N N 102 
GLN HG2  H  N N 103 
GLN HG3  H  N N 104 
GLN HE21 H  N N 105 
GLN HE22 H  N N 106 
GLN HXT  H  N N 107 
GLU N    N  N N 108 
GLU CA   C  N S 109 
GLU C    C  N N 110 
GLU O    O  N N 111 
GLU CB   C  N N 112 
GLU CG   C  N N 113 
GLU CD   C  N N 114 
GLU OE1  O  N N 115 
GLU OE2  O  N N 116 
GLU OXT  O  N N 117 
GLU H    H  N N 118 
GLU H2   H  N N 119 
GLU HA   H  N N 120 
GLU HB2  H  N N 121 
GLU HB3  H  N N 122 
GLU HG2  H  N N 123 
GLU HG3  H  N N 124 
GLU HE2  H  N N 125 
GLU HXT  H  N N 126 
GLY N    N  N N 127 
GLY CA   C  N N 128 
GLY C    C  N N 129 
GLY O    O  N N 130 
GLY OXT  O  N N 131 
GLY H    H  N N 132 
GLY H2   H  N N 133 
GLY HA2  H  N N 134 
GLY HA3  H  N N 135 
GLY HXT  H  N N 136 
GOL C1   C  N N 137 
GOL O1   O  N N 138 
GOL C2   C  N N 139 
GOL O2   O  N N 140 
GOL C3   C  N N 141 
GOL O3   O  N N 142 
GOL H11  H  N N 143 
GOL H12  H  N N 144 
GOL HO1  H  N N 145 
GOL H2   H  N N 146 
GOL HO2  H  N N 147 
GOL H31  H  N N 148 
GOL H32  H  N N 149 
GOL HO3  H  N N 150 
HIS N    N  N N 151 
HIS CA   C  N S 152 
HIS C    C  N N 153 
HIS O    O  N N 154 
HIS CB   C  N N 155 
HIS CG   C  Y N 156 
HIS ND1  N  Y N 157 
HIS CD2  C  Y N 158 
HIS CE1  C  Y N 159 
HIS NE2  N  Y N 160 
HIS OXT  O  N N 161 
HIS H    H  N N 162 
HIS H2   H  N N 163 
HIS HA   H  N N 164 
HIS HB2  H  N N 165 
HIS HB3  H  N N 166 
HIS HD1  H  N N 167 
HIS HD2  H  N N 168 
HIS HE1  H  N N 169 
HIS HE2  H  N N 170 
HIS HXT  H  N N 171 
HOH O    O  N N 172 
HOH H1   H  N N 173 
HOH H2   H  N N 174 
ILE N    N  N N 175 
ILE CA   C  N S 176 
ILE C    C  N N 177 
ILE O    O  N N 178 
ILE CB   C  N S 179 
ILE CG1  C  N N 180 
ILE CG2  C  N N 181 
ILE CD1  C  N N 182 
ILE OXT  O  N N 183 
ILE H    H  N N 184 
ILE H2   H  N N 185 
ILE HA   H  N N 186 
ILE HB   H  N N 187 
ILE HG12 H  N N 188 
ILE HG13 H  N N 189 
ILE HG21 H  N N 190 
ILE HG22 H  N N 191 
ILE HG23 H  N N 192 
ILE HD11 H  N N 193 
ILE HD12 H  N N 194 
ILE HD13 H  N N 195 
ILE HXT  H  N N 196 
LEU N    N  N N 197 
LEU CA   C  N S 198 
LEU C    C  N N 199 
LEU O    O  N N 200 
LEU CB   C  N N 201 
LEU CG   C  N N 202 
LEU CD1  C  N N 203 
LEU CD2  C  N N 204 
LEU OXT  O  N N 205 
LEU H    H  N N 206 
LEU H2   H  N N 207 
LEU HA   H  N N 208 
LEU HB2  H  N N 209 
LEU HB3  H  N N 210 
LEU HG   H  N N 211 
LEU HD11 H  N N 212 
LEU HD12 H  N N 213 
LEU HD13 H  N N 214 
LEU HD21 H  N N 215 
LEU HD22 H  N N 216 
LEU HD23 H  N N 217 
LEU HXT  H  N N 218 
LYS N    N  N N 219 
LYS CA   C  N S 220 
LYS C    C  N N 221 
LYS O    O  N N 222 
LYS CB   C  N N 223 
LYS CG   C  N N 224 
LYS CD   C  N N 225 
LYS CE   C  N N 226 
LYS NZ   N  N N 227 
LYS OXT  O  N N 228 
LYS H    H  N N 229 
LYS H2   H  N N 230 
LYS HA   H  N N 231 
LYS HB2  H  N N 232 
LYS HB3  H  N N 233 
LYS HG2  H  N N 234 
LYS HG3  H  N N 235 
LYS HD2  H  N N 236 
LYS HD3  H  N N 237 
LYS HE2  H  N N 238 
LYS HE3  H  N N 239 
LYS HZ1  H  N N 240 
LYS HZ2  H  N N 241 
LYS HZ3  H  N N 242 
LYS HXT  H  N N 243 
MET N    N  N N 244 
MET CA   C  N S 245 
MET C    C  N N 246 
MET O    O  N N 247 
MET CB   C  N N 248 
MET CG   C  N N 249 
MET SD   S  N N 250 
MET CE   C  N N 251 
MET OXT  O  N N 252 
MET H    H  N N 253 
MET H2   H  N N 254 
MET HA   H  N N 255 
MET HB2  H  N N 256 
MET HB3  H  N N 257 
MET HG2  H  N N 258 
MET HG3  H  N N 259 
MET HE1  H  N N 260 
MET HE2  H  N N 261 
MET HE3  H  N N 262 
MET HXT  H  N N 263 
MG  MG   MG N N 264 
PHE N    N  N N 265 
PHE CA   C  N S 266 
PHE C    C  N N 267 
PHE O    O  N N 268 
PHE CB   C  N N 269 
PHE CG   C  Y N 270 
PHE CD1  C  Y N 271 
PHE CD2  C  Y N 272 
PHE CE1  C  Y N 273 
PHE CE2  C  Y N 274 
PHE CZ   C  Y N 275 
PHE OXT  O  N N 276 
PHE H    H  N N 277 
PHE H2   H  N N 278 
PHE HA   H  N N 279 
PHE HB2  H  N N 280 
PHE HB3  H  N N 281 
PHE HD1  H  N N 282 
PHE HD2  H  N N 283 
PHE HE1  H  N N 284 
PHE HE2  H  N N 285 
PHE HZ   H  N N 286 
PHE HXT  H  N N 287 
PRO N    N  N N 288 
PRO CA   C  N S 289 
PRO C    C  N N 290 
PRO O    O  N N 291 
PRO CB   C  N N 292 
PRO CG   C  N N 293 
PRO CD   C  N N 294 
PRO OXT  O  N N 295 
PRO H    H  N N 296 
PRO HA   H  N N 297 
PRO HB2  H  N N 298 
PRO HB3  H  N N 299 
PRO HG2  H  N N 300 
PRO HG3  H  N N 301 
PRO HD2  H  N N 302 
PRO HD3  H  N N 303 
PRO HXT  H  N N 304 
SER N    N  N N 305 
SER CA   C  N S 306 
SER C    C  N N 307 
SER O    O  N N 308 
SER CB   C  N N 309 
SER OG   O  N N 310 
SER OXT  O  N N 311 
SER H    H  N N 312 
SER H2   H  N N 313 
SER HA   H  N N 314 
SER HB2  H  N N 315 
SER HB3  H  N N 316 
SER HG   H  N N 317 
SER HXT  H  N N 318 
THR N    N  N N 319 
THR CA   C  N S 320 
THR C    C  N N 321 
THR O    O  N N 322 
THR CB   C  N R 323 
THR OG1  O  N N 324 
THR CG2  C  N N 325 
THR OXT  O  N N 326 
THR H    H  N N 327 
THR H2   H  N N 328 
THR HA   H  N N 329 
THR HB   H  N N 330 
THR HG1  H  N N 331 
THR HG21 H  N N 332 
THR HG22 H  N N 333 
THR HG23 H  N N 334 
THR HXT  H  N N 335 
TRP N    N  N N 336 
TRP CA   C  N S 337 
TRP C    C  N N 338 
TRP O    O  N N 339 
TRP CB   C  N N 340 
TRP CG   C  Y N 341 
TRP CD1  C  Y N 342 
TRP CD2  C  Y N 343 
TRP NE1  N  Y N 344 
TRP CE2  C  Y N 345 
TRP CE3  C  Y N 346 
TRP CZ2  C  Y N 347 
TRP CZ3  C  Y N 348 
TRP CH2  C  Y N 349 
TRP OXT  O  N N 350 
TRP H    H  N N 351 
TRP H2   H  N N 352 
TRP HA   H  N N 353 
TRP HB2  H  N N 354 
TRP HB3  H  N N 355 
TRP HD1  H  N N 356 
TRP HE1  H  N N 357 
TRP HE3  H  N N 358 
TRP HZ2  H  N N 359 
TRP HZ3  H  N N 360 
TRP HH2  H  N N 361 
TRP HXT  H  N N 362 
TYR N    N  N N 363 
TYR CA   C  N S 364 
TYR C    C  N N 365 
TYR O    O  N N 366 
TYR CB   C  N N 367 
TYR CG   C  Y N 368 
TYR CD1  C  Y N 369 
TYR CD2  C  Y N 370 
TYR CE1  C  Y N 371 
TYR CE2  C  Y N 372 
TYR CZ   C  Y N 373 
TYR OH   O  N N 374 
TYR OXT  O  N N 375 
TYR H    H  N N 376 
TYR H2   H  N N 377 
TYR HA   H  N N 378 
TYR HB2  H  N N 379 
TYR HB3  H  N N 380 
TYR HD1  H  N N 381 
TYR HD2  H  N N 382 
TYR HE1  H  N N 383 
TYR HE2  H  N N 384 
TYR HH   H  N N 385 
TYR HXT  H  N N 386 
VAL N    N  N N 387 
VAL CA   C  N S 388 
VAL C    C  N N 389 
VAL O    O  N N 390 
VAL CB   C  N N 391 
VAL CG1  C  N N 392 
VAL CG2  C  N N 393 
VAL OXT  O  N N 394 
VAL H    H  N N 395 
VAL H2   H  N N 396 
VAL HA   H  N N 397 
VAL HB   H  N N 398 
VAL HG11 H  N N 399 
VAL HG12 H  N N 400 
VAL HG13 H  N N 401 
VAL HG21 H  N N 402 
VAL HG22 H  N N 403 
VAL HG23 H  N N 404 
VAL HXT  H  N N 405 
# 
loop_
_chem_comp_bond.comp_id 
_chem_comp_bond.atom_id_1 
_chem_comp_bond.atom_id_2 
_chem_comp_bond.value_order 
_chem_comp_bond.pdbx_aromatic_flag 
_chem_comp_bond.pdbx_stereo_config 
_chem_comp_bond.pdbx_ordinal 
ALA N   CA   sing N N 1   
ALA N   H    sing N N 2   
ALA N   H2   sing N N 3   
ALA CA  C    sing N N 4   
ALA CA  CB   sing N N 5   
ALA CA  HA   sing N N 6   
ALA C   O    doub N N 7   
ALA C   OXT  sing N N 8   
ALA CB  HB1  sing N N 9   
ALA CB  HB2  sing N N 10  
ALA CB  HB3  sing N N 11  
ALA OXT HXT  sing N N 12  
ARG N   CA   sing N N 13  
ARG N   H    sing N N 14  
ARG N   H2   sing N N 15  
ARG CA  C    sing N N 16  
ARG CA  CB   sing N N 17  
ARG CA  HA   sing N N 18  
ARG C   O    doub N N 19  
ARG C   OXT  sing N N 20  
ARG CB  CG   sing N N 21  
ARG CB  HB2  sing N N 22  
ARG CB  HB3  sing N N 23  
ARG CG  CD   sing N N 24  
ARG CG  HG2  sing N N 25  
ARG CG  HG3  sing N N 26  
ARG CD  NE   sing N N 27  
ARG CD  HD2  sing N N 28  
ARG CD  HD3  sing N N 29  
ARG NE  CZ   sing N N 30  
ARG NE  HE   sing N N 31  
ARG CZ  NH1  sing N N 32  
ARG CZ  NH2  doub N N 33  
ARG NH1 HH11 sing N N 34  
ARG NH1 HH12 sing N N 35  
ARG NH2 HH21 sing N N 36  
ARG NH2 HH22 sing N N 37  
ARG OXT HXT  sing N N 38  
ASN N   CA   sing N N 39  
ASN N   H    sing N N 40  
ASN N   H2   sing N N 41  
ASN CA  C    sing N N 42  
ASN CA  CB   sing N N 43  
ASN CA  HA   sing N N 44  
ASN C   O    doub N N 45  
ASN C   OXT  sing N N 46  
ASN CB  CG   sing N N 47  
ASN CB  HB2  sing N N 48  
ASN CB  HB3  sing N N 49  
ASN CG  OD1  doub N N 50  
ASN CG  ND2  sing N N 51  
ASN ND2 HD21 sing N N 52  
ASN ND2 HD22 sing N N 53  
ASN OXT HXT  sing N N 54  
ASP N   CA   sing N N 55  
ASP N   H    sing N N 56  
ASP N   H2   sing N N 57  
ASP CA  C    sing N N 58  
ASP CA  CB   sing N N 59  
ASP CA  HA   sing N N 60  
ASP C   O    doub N N 61  
ASP C   OXT  sing N N 62  
ASP CB  CG   sing N N 63  
ASP CB  HB2  sing N N 64  
ASP CB  HB3  sing N N 65  
ASP CG  OD1  doub N N 66  
ASP CG  OD2  sing N N 67  
ASP OD2 HD2  sing N N 68  
ASP OXT HXT  sing N N 69  
CYS N   CA   sing N N 70  
CYS N   H    sing N N 71  
CYS N   H2   sing N N 72  
CYS CA  C    sing N N 73  
CYS CA  CB   sing N N 74  
CYS CA  HA   sing N N 75  
CYS C   O    doub N N 76  
CYS C   OXT  sing N N 77  
CYS CB  SG   sing N N 78  
CYS CB  HB2  sing N N 79  
CYS CB  HB3  sing N N 80  
CYS SG  HG   sing N N 81  
CYS OXT HXT  sing N N 82  
GLN N   CA   sing N N 83  
GLN N   H    sing N N 84  
GLN N   H2   sing N N 85  
GLN CA  C    sing N N 86  
GLN CA  CB   sing N N 87  
GLN CA  HA   sing N N 88  
GLN C   O    doub N N 89  
GLN C   OXT  sing N N 90  
GLN CB  CG   sing N N 91  
GLN CB  HB2  sing N N 92  
GLN CB  HB3  sing N N 93  
GLN CG  CD   sing N N 94  
GLN CG  HG2  sing N N 95  
GLN CG  HG3  sing N N 96  
GLN CD  OE1  doub N N 97  
GLN CD  NE2  sing N N 98  
GLN NE2 HE21 sing N N 99  
GLN NE2 HE22 sing N N 100 
GLN OXT HXT  sing N N 101 
GLU N   CA   sing N N 102 
GLU N   H    sing N N 103 
GLU N   H2   sing N N 104 
GLU CA  C    sing N N 105 
GLU CA  CB   sing N N 106 
GLU CA  HA   sing N N 107 
GLU C   O    doub N N 108 
GLU C   OXT  sing N N 109 
GLU CB  CG   sing N N 110 
GLU CB  HB2  sing N N 111 
GLU CB  HB3  sing N N 112 
GLU CG  CD   sing N N 113 
GLU CG  HG2  sing N N 114 
GLU CG  HG3  sing N N 115 
GLU CD  OE1  doub N N 116 
GLU CD  OE2  sing N N 117 
GLU OE2 HE2  sing N N 118 
GLU OXT HXT  sing N N 119 
GLY N   CA   sing N N 120 
GLY N   H    sing N N 121 
GLY N   H2   sing N N 122 
GLY CA  C    sing N N 123 
GLY CA  HA2  sing N N 124 
GLY CA  HA3  sing N N 125 
GLY C   O    doub N N 126 
GLY C   OXT  sing N N 127 
GLY OXT HXT  sing N N 128 
GOL C1  O1   sing N N 129 
GOL C1  C2   sing N N 130 
GOL C1  H11  sing N N 131 
GOL C1  H12  sing N N 132 
GOL O1  HO1  sing N N 133 
GOL C2  O2   sing N N 134 
GOL C2  C3   sing N N 135 
GOL C2  H2   sing N N 136 
GOL O2  HO2  sing N N 137 
GOL C3  O3   sing N N 138 
GOL C3  H31  sing N N 139 
GOL C3  H32  sing N N 140 
GOL O3  HO3  sing N N 141 
HIS N   CA   sing N N 142 
HIS N   H    sing N N 143 
HIS N   H2   sing N N 144 
HIS CA  C    sing N N 145 
HIS CA  CB   sing N N 146 
HIS CA  HA   sing N N 147 
HIS C   O    doub N N 148 
HIS C   OXT  sing N N 149 
HIS CB  CG   sing N N 150 
HIS CB  HB2  sing N N 151 
HIS CB  HB3  sing N N 152 
HIS CG  ND1  sing Y N 153 
HIS CG  CD2  doub Y N 154 
HIS ND1 CE1  doub Y N 155 
HIS ND1 HD1  sing N N 156 
HIS CD2 NE2  sing Y N 157 
HIS CD2 HD2  sing N N 158 
HIS CE1 NE2  sing Y N 159 
HIS CE1 HE1  sing N N 160 
HIS NE2 HE2  sing N N 161 
HIS OXT HXT  sing N N 162 
HOH O   H1   sing N N 163 
HOH O   H2   sing N N 164 
ILE N   CA   sing N N 165 
ILE N   H    sing N N 166 
ILE N   H2   sing N N 167 
ILE CA  C    sing N N 168 
ILE CA  CB   sing N N 169 
ILE CA  HA   sing N N 170 
ILE C   O    doub N N 171 
ILE C   OXT  sing N N 172 
ILE CB  CG1  sing N N 173 
ILE CB  CG2  sing N N 174 
ILE CB  HB   sing N N 175 
ILE CG1 CD1  sing N N 176 
ILE CG1 HG12 sing N N 177 
ILE CG1 HG13 sing N N 178 
ILE CG2 HG21 sing N N 179 
ILE CG2 HG22 sing N N 180 
ILE CG2 HG23 sing N N 181 
ILE CD1 HD11 sing N N 182 
ILE CD1 HD12 sing N N 183 
ILE CD1 HD13 sing N N 184 
ILE OXT HXT  sing N N 185 
LEU N   CA   sing N N 186 
LEU N   H    sing N N 187 
LEU N   H2   sing N N 188 
LEU CA  C    sing N N 189 
LEU CA  CB   sing N N 190 
LEU CA  HA   sing N N 191 
LEU C   O    doub N N 192 
LEU C   OXT  sing N N 193 
LEU CB  CG   sing N N 194 
LEU CB  HB2  sing N N 195 
LEU CB  HB3  sing N N 196 
LEU CG  CD1  sing N N 197 
LEU CG  CD2  sing N N 198 
LEU CG  HG   sing N N 199 
LEU CD1 HD11 sing N N 200 
LEU CD1 HD12 sing N N 201 
LEU CD1 HD13 sing N N 202 
LEU CD2 HD21 sing N N 203 
LEU CD2 HD22 sing N N 204 
LEU CD2 HD23 sing N N 205 
LEU OXT HXT  sing N N 206 
LYS N   CA   sing N N 207 
LYS N   H    sing N N 208 
LYS N   H2   sing N N 209 
LYS CA  C    sing N N 210 
LYS CA  CB   sing N N 211 
LYS CA  HA   sing N N 212 
LYS C   O    doub N N 213 
LYS C   OXT  sing N N 214 
LYS CB  CG   sing N N 215 
LYS CB  HB2  sing N N 216 
LYS CB  HB3  sing N N 217 
LYS CG  CD   sing N N 218 
LYS CG  HG2  sing N N 219 
LYS CG  HG3  sing N N 220 
LYS CD  CE   sing N N 221 
LYS CD  HD2  sing N N 222 
LYS CD  HD3  sing N N 223 
LYS CE  NZ   sing N N 224 
LYS CE  HE2  sing N N 225 
LYS CE  HE3  sing N N 226 
LYS NZ  HZ1  sing N N 227 
LYS NZ  HZ2  sing N N 228 
LYS NZ  HZ3  sing N N 229 
LYS OXT HXT  sing N N 230 
MET N   CA   sing N N 231 
MET N   H    sing N N 232 
MET N   H2   sing N N 233 
MET CA  C    sing N N 234 
MET CA  CB   sing N N 235 
MET CA  HA   sing N N 236 
MET C   O    doub N N 237 
MET C   OXT  sing N N 238 
MET CB  CG   sing N N 239 
MET CB  HB2  sing N N 240 
MET CB  HB3  sing N N 241 
MET CG  SD   sing N N 242 
MET CG  HG2  sing N N 243 
MET CG  HG3  sing N N 244 
MET SD  CE   sing N N 245 
MET CE  HE1  sing N N 246 
MET CE  HE2  sing N N 247 
MET CE  HE3  sing N N 248 
MET OXT HXT  sing N N 249 
PHE N   CA   sing N N 250 
PHE N   H    sing N N 251 
PHE N   H2   sing N N 252 
PHE CA  C    sing N N 253 
PHE CA  CB   sing N N 254 
PHE CA  HA   sing N N 255 
PHE C   O    doub N N 256 
PHE C   OXT  sing N N 257 
PHE CB  CG   sing N N 258 
PHE CB  HB2  sing N N 259 
PHE CB  HB3  sing N N 260 
PHE CG  CD1  doub Y N 261 
PHE CG  CD2  sing Y N 262 
PHE CD1 CE1  sing Y N 263 
PHE CD1 HD1  sing N N 264 
PHE CD2 CE2  doub Y N 265 
PHE CD2 HD2  sing N N 266 
PHE CE1 CZ   doub Y N 267 
PHE CE1 HE1  sing N N 268 
PHE CE2 CZ   sing Y N 269 
PHE CE2 HE2  sing N N 270 
PHE CZ  HZ   sing N N 271 
PHE OXT HXT  sing N N 272 
PRO N   CA   sing N N 273 
PRO N   CD   sing N N 274 
PRO N   H    sing N N 275 
PRO CA  C    sing N N 276 
PRO CA  CB   sing N N 277 
PRO CA  HA   sing N N 278 
PRO C   O    doub N N 279 
PRO C   OXT  sing N N 280 
PRO CB  CG   sing N N 281 
PRO CB  HB2  sing N N 282 
PRO CB  HB3  sing N N 283 
PRO CG  CD   sing N N 284 
PRO CG  HG2  sing N N 285 
PRO CG  HG3  sing N N 286 
PRO CD  HD2  sing N N 287 
PRO CD  HD3  sing N N 288 
PRO OXT HXT  sing N N 289 
SER N   CA   sing N N 290 
SER N   H    sing N N 291 
SER N   H2   sing N N 292 
SER CA  C    sing N N 293 
SER CA  CB   sing N N 294 
SER CA  HA   sing N N 295 
SER C   O    doub N N 296 
SER C   OXT  sing N N 297 
SER CB  OG   sing N N 298 
SER CB  HB2  sing N N 299 
SER CB  HB3  sing N N 300 
SER OG  HG   sing N N 301 
SER OXT HXT  sing N N 302 
THR N   CA   sing N N 303 
THR N   H    sing N N 304 
THR N   H2   sing N N 305 
THR CA  C    sing N N 306 
THR CA  CB   sing N N 307 
THR CA  HA   sing N N 308 
THR C   O    doub N N 309 
THR C   OXT  sing N N 310 
THR CB  OG1  sing N N 311 
THR CB  CG2  sing N N 312 
THR CB  HB   sing N N 313 
THR OG1 HG1  sing N N 314 
THR CG2 HG21 sing N N 315 
THR CG2 HG22 sing N N 316 
THR CG2 HG23 sing N N 317 
THR OXT HXT  sing N N 318 
TRP N   CA   sing N N 319 
TRP N   H    sing N N 320 
TRP N   H2   sing N N 321 
TRP CA  C    sing N N 322 
TRP CA  CB   sing N N 323 
TRP CA  HA   sing N N 324 
TRP C   O    doub N N 325 
TRP C   OXT  sing N N 326 
TRP CB  CG   sing N N 327 
TRP CB  HB2  sing N N 328 
TRP CB  HB3  sing N N 329 
TRP CG  CD1  doub Y N 330 
TRP CG  CD2  sing Y N 331 
TRP CD1 NE1  sing Y N 332 
TRP CD1 HD1  sing N N 333 
TRP CD2 CE2  doub Y N 334 
TRP CD2 CE3  sing Y N 335 
TRP NE1 CE2  sing Y N 336 
TRP NE1 HE1  sing N N 337 
TRP CE2 CZ2  sing Y N 338 
TRP CE3 CZ3  doub Y N 339 
TRP CE3 HE3  sing N N 340 
TRP CZ2 CH2  doub Y N 341 
TRP CZ2 HZ2  sing N N 342 
TRP CZ3 CH2  sing Y N 343 
TRP CZ3 HZ3  sing N N 344 
TRP CH2 HH2  sing N N 345 
TRP OXT HXT  sing N N 346 
TYR N   CA   sing N N 347 
TYR N   H    sing N N 348 
TYR N   H2   sing N N 349 
TYR CA  C    sing N N 350 
TYR CA  CB   sing N N 351 
TYR CA  HA   sing N N 352 
TYR C   O    doub N N 353 
TYR C   OXT  sing N N 354 
TYR CB  CG   sing N N 355 
TYR CB  HB2  sing N N 356 
TYR CB  HB3  sing N N 357 
TYR CG  CD1  doub Y N 358 
TYR CG  CD2  sing Y N 359 
TYR CD1 CE1  sing Y N 360 
TYR CD1 HD1  sing N N 361 
TYR CD2 CE2  doub Y N 362 
TYR CD2 HD2  sing N N 363 
TYR CE1 CZ   doub Y N 364 
TYR CE1 HE1  sing N N 365 
TYR CE2 CZ   sing Y N 366 
TYR CE2 HE2  sing N N 367 
TYR CZ  OH   sing N N 368 
TYR OH  HH   sing N N 369 
TYR OXT HXT  sing N N 370 
VAL N   CA   sing N N 371 
VAL N   H    sing N N 372 
VAL N   H2   sing N N 373 
VAL CA  C    sing N N 374 
VAL CA  CB   sing N N 375 
VAL CA  HA   sing N N 376 
VAL C   O    doub N N 377 
VAL C   OXT  sing N N 378 
VAL CB  CG1  sing N N 379 
VAL CB  CG2  sing N N 380 
VAL CB  HB   sing N N 381 
VAL CG1 HG11 sing N N 382 
VAL CG1 HG12 sing N N 383 
VAL CG1 HG13 sing N N 384 
VAL CG2 HG21 sing N N 385 
VAL CG2 HG22 sing N N 386 
VAL CG2 HG23 sing N N 387 
VAL OXT HXT  sing N N 388 
# 
_pdbx_audit_support.funding_organization   'Welch Foundation' 
_pdbx_audit_support.country                'United States' 
_pdbx_audit_support.grant_number           A-0015 
_pdbx_audit_support.ordinal                1 
# 
loop_
_pdbx_entity_instance_feature.ordinal 
_pdbx_entity_instance_feature.comp_id 
_pdbx_entity_instance_feature.asym_id 
_pdbx_entity_instance_feature.seq_num 
_pdbx_entity_instance_feature.auth_comp_id 
_pdbx_entity_instance_feature.auth_asym_id 
_pdbx_entity_instance_feature.auth_seq_num 
_pdbx_entity_instance_feature.feature_type 
_pdbx_entity_instance_feature.details 
1 GOL ? ? GOL ? ? 'SUBJECT OF INVESTIGATION' ? 
2 MG  ? ? MG  ? ? 'SUBJECT OF INVESTIGATION' ? 
# 
loop_
_pdbx_entity_nonpoly.entity_id 
_pdbx_entity_nonpoly.name 
_pdbx_entity_nonpoly.comp_id 
2 'MAGNESIUM ION' MG  
3 GLYCEROL        GOL 
4 water           HOH 
# 
_pdbx_initial_refinement_model.id               1 
_pdbx_initial_refinement_model.entity_id_list   ? 
_pdbx_initial_refinement_model.type             'experimental model' 
_pdbx_initial_refinement_model.source_name      PDB 
_pdbx_initial_refinement_model.accession_code   6CT8 
_pdbx_initial_refinement_model.details          ? 
# 
_pdbx_struct_assembly_auth_evidence.id                     1 
_pdbx_struct_assembly_auth_evidence.assembly_id            1 
_pdbx_struct_assembly_auth_evidence.experimental_support   'gel filtration' 
_pdbx_struct_assembly_auth_evidence.details                'Also predicted by PISA.' 
# 
